data_2RNG
#
_entry.id   2RNG
#
_entity_poly.entity_id   1
_entity_poly.type   'polypeptide(L)'
_entity_poly.pdbx_seq_one_letter_code
;NPLIPAIYIGATVGPSVWAYLVALVGAAAVTAANIRRASSDNHSCAGNRGWCRSKCFRHEYVDTYYSAVCGRYFCCRSR
;
_entity_poly.pdbx_strand_id   A
#
# COMPACT_ATOMS: atom_id res chain seq x y z
N ASN A 1 -1.70 8.57 17.09
CA ASN A 1 -3.03 9.22 17.31
C ASN A 1 -4.06 8.68 16.31
N PRO A 2 -3.75 8.83 15.05
CA PRO A 2 -4.66 8.35 13.98
C PRO A 2 -4.60 6.82 13.87
N LEU A 3 -5.73 6.17 13.94
CA LEU A 3 -5.73 4.68 13.84
C LEU A 3 -5.23 4.24 12.46
N ILE A 4 -5.43 3.00 12.12
CA ILE A 4 -4.97 2.50 10.79
C ILE A 4 -5.51 3.41 9.67
N PRO A 5 -4.72 3.56 8.66
CA PRO A 5 -5.13 4.38 7.50
C PRO A 5 -6.14 3.63 6.65
N ALA A 6 -6.83 4.33 5.79
CA ALA A 6 -7.85 3.67 4.92
C ALA A 6 -7.17 3.03 3.71
N ILE A 7 -6.03 3.53 3.31
CA ILE A 7 -5.33 2.96 2.13
C ILE A 7 -5.14 1.44 2.29
N TYR A 8 -4.54 1.01 3.36
CA TYR A 8 -4.34 -0.45 3.55
C TYR A 8 -5.64 -1.21 3.29
N ILE A 9 -6.76 -0.57 3.48
CA ILE A 9 -8.05 -1.26 3.22
C ILE A 9 -8.24 -1.43 1.71
N GLY A 10 -8.74 -2.56 1.29
CA GLY A 10 -8.93 -2.77 -0.17
C GLY A 10 -7.63 -2.40 -0.89
N ALA A 11 -6.51 -2.67 -0.27
CA ALA A 11 -5.20 -2.31 -0.90
C ALA A 11 -4.32 -3.55 -1.03
N THR A 12 -3.03 -3.36 -1.21
CA THR A 12 -2.13 -4.54 -1.35
C THR A 12 -0.70 -4.17 -0.92
N VAL A 13 -0.36 -4.40 0.33
CA VAL A 13 1.01 -4.06 0.78
C VAL A 13 1.97 -5.22 0.54
N GLY A 14 3.18 -5.14 1.03
CA GLY A 14 4.15 -6.25 0.84
C GLY A 14 4.22 -7.09 2.11
N PRO A 15 5.25 -7.89 2.20
CA PRO A 15 5.44 -8.77 3.37
C PRO A 15 5.85 -7.94 4.60
N SER A 16 6.82 -7.08 4.45
CA SER A 16 7.27 -6.24 5.61
C SER A 16 6.12 -5.33 6.06
N VAL A 17 5.54 -4.60 5.16
CA VAL A 17 4.43 -3.69 5.55
C VAL A 17 3.30 -4.49 6.18
N TRP A 18 2.93 -5.59 5.59
CA TRP A 18 1.83 -6.42 6.17
C TRP A 18 2.11 -6.68 7.65
N ALA A 19 3.17 -7.37 7.96
CA ALA A 19 3.49 -7.66 9.39
C ALA A 19 3.35 -6.39 10.22
N TYR A 20 3.71 -5.26 9.67
CA TYR A 20 3.59 -3.98 10.43
C TYR A 20 2.13 -3.71 10.80
N LEU A 21 1.28 -3.58 9.81
CA LEU A 21 -0.16 -3.31 10.09
C LEU A 21 -0.69 -4.32 11.13
N VAL A 22 -0.21 -5.52 11.09
CA VAL A 22 -0.68 -6.54 12.08
C VAL A 22 -0.37 -6.08 13.50
N ALA A 23 0.85 -5.71 13.76
CA ALA A 23 1.22 -5.25 15.12
C ALA A 23 0.33 -4.08 15.54
N LEU A 24 0.05 -3.17 14.65
CA LEU A 24 -0.81 -2.01 15.00
C LEU A 24 -2.19 -2.49 15.45
N VAL A 25 -2.72 -3.48 14.79
CA VAL A 25 -4.07 -4.00 15.18
C VAL A 25 -4.00 -5.51 15.41
N GLY A 26 -4.21 -6.30 14.39
CA GLY A 26 -4.16 -7.78 14.56
C GLY A 26 -4.52 -8.45 13.24
N ALA A 27 -4.26 -9.73 13.13
CA ALA A 27 -4.59 -10.44 11.86
C ALA A 27 -6.09 -10.39 11.58
N ALA A 28 -6.88 -10.11 12.58
CA ALA A 28 -8.35 -10.04 12.35
C ALA A 28 -8.70 -8.77 11.59
N ALA A 29 -8.44 -7.62 12.15
CA ALA A 29 -8.74 -6.36 11.43
C ALA A 29 -7.88 -6.26 10.18
N VAL A 30 -6.79 -6.99 10.15
CA VAL A 30 -5.90 -6.95 8.96
C VAL A 30 -6.52 -7.76 7.82
N THR A 31 -7.23 -8.81 8.16
CA THR A 31 -7.88 -9.64 7.09
C THR A 31 -9.30 -9.16 6.83
N ALA A 32 -9.84 -8.37 7.72
CA ALA A 32 -11.23 -7.86 7.52
C ALA A 32 -11.20 -6.54 6.75
N ALA A 33 -10.11 -5.83 6.82
CA ALA A 33 -10.01 -4.54 6.08
C ALA A 33 -9.65 -4.79 4.61
N ASN A 34 -9.67 -6.03 4.19
CA ASN A 34 -9.33 -6.36 2.78
C ASN A 34 -7.90 -5.88 2.44
N ILE A 35 -6.92 -6.56 2.95
CA ILE A 35 -5.50 -6.18 2.68
C ILE A 35 -4.79 -7.33 1.98
N ARG A 36 -4.29 -7.11 0.79
CA ARG A 36 -3.59 -8.21 0.07
C ARG A 36 -2.07 -8.05 0.17
N ARG A 37 -1.34 -9.13 0.17
CA ARG A 37 0.14 -9.03 0.27
C ARG A 37 0.76 -9.19 -1.13
N ALA A 38 1.91 -8.62 -1.34
CA ALA A 38 2.55 -8.73 -2.68
C ALA A 38 3.96 -9.30 -2.54
N SER A 39 4.60 -9.61 -3.64
CA SER A 39 5.98 -10.17 -3.58
C SER A 39 6.87 -9.29 -2.70
N SER A 40 6.57 -8.02 -2.59
CA SER A 40 7.40 -7.13 -1.75
C SER A 40 6.74 -5.75 -1.62
N ASP A 41 7.42 -4.81 -1.01
CA ASP A 41 6.84 -3.44 -0.87
C ASP A 41 6.44 -2.89 -2.24
N ASN A 42 7.02 -3.38 -3.29
CA ASN A 42 6.67 -2.89 -4.65
C ASN A 42 5.48 -3.67 -5.21
N HIS A 43 4.33 -3.05 -5.28
CA HIS A 43 3.13 -3.77 -5.81
C HIS A 43 2.21 -2.79 -6.54
N SER A 44 1.08 -3.27 -6.98
CA SER A 44 0.12 -2.38 -7.70
C SER A 44 -0.92 -1.85 -6.72
N CYS A 45 -1.42 -0.67 -6.94
CA CYS A 45 -2.44 -0.12 -6.01
C CYS A 45 -3.53 0.63 -6.79
N ALA A 46 -4.45 1.23 -6.10
CA ALA A 46 -5.54 1.96 -6.80
C ALA A 46 -6.08 1.09 -7.93
N GLY A 47 -6.27 -0.18 -7.67
CA GLY A 47 -6.78 -1.09 -8.72
C GLY A 47 -5.66 -1.30 -9.75
N ASN A 48 -6.01 -1.68 -10.95
CA ASN A 48 -4.96 -1.89 -11.98
C ASN A 48 -4.63 -0.56 -12.65
N ARG A 49 -4.47 0.48 -11.87
CA ARG A 49 -4.17 1.81 -12.47
C ARG A 49 -2.80 2.33 -12.01
N GLY A 50 -2.41 2.04 -10.80
CA GLY A 50 -1.09 2.54 -10.32
C GLY A 50 -0.16 1.38 -9.98
N TRP A 51 1.11 1.66 -9.84
CA TRP A 51 2.10 0.59 -9.52
C TRP A 51 3.12 1.14 -8.51
N CYS A 52 3.96 0.32 -7.96
CA CYS A 52 4.95 0.85 -6.97
C CYS A 52 6.38 0.74 -7.50
N ARG A 53 7.08 1.85 -7.55
CA ARG A 53 8.49 1.84 -8.02
C ARG A 53 9.34 2.70 -7.07
N SER A 54 10.61 2.48 -7.01
CA SER A 54 11.45 3.32 -6.11
C SER A 54 11.08 4.78 -6.30
N LYS A 55 10.89 5.17 -7.53
CA LYS A 55 10.52 6.58 -7.82
C LYS A 55 9.50 6.58 -8.99
N CYS A 56 9.03 7.73 -9.38
CA CYS A 56 8.05 7.77 -10.51
C CYS A 56 8.59 8.65 -11.64
N PHE A 57 8.00 8.57 -12.80
CA PHE A 57 8.48 9.40 -13.95
C PHE A 57 7.93 10.82 -13.83
N ARG A 58 8.34 11.70 -14.70
CA ARG A 58 7.85 13.10 -14.64
C ARG A 58 6.40 13.19 -15.11
N HIS A 59 6.04 12.46 -16.13
CA HIS A 59 4.64 12.50 -16.62
C HIS A 59 3.71 11.83 -15.60
N GLU A 60 4.25 11.29 -14.55
CA GLU A 60 3.39 10.61 -13.54
C GLU A 60 3.62 11.23 -12.15
N TYR A 61 3.02 10.67 -11.14
CA TYR A 61 3.22 11.22 -9.76
C TYR A 61 3.18 10.08 -8.74
N VAL A 62 2.93 10.41 -7.51
CA VAL A 62 2.86 9.38 -6.44
C VAL A 62 1.53 9.48 -5.71
N ASP A 63 0.61 8.58 -5.97
CA ASP A 63 -0.70 8.65 -5.27
C ASP A 63 -0.48 8.75 -3.76
N THR A 64 -0.36 9.95 -3.25
CA THR A 64 -0.13 10.11 -1.79
C THR A 64 -1.04 9.19 -0.98
N TYR A 65 -2.15 8.81 -1.54
CA TYR A 65 -3.09 7.92 -0.79
C TYR A 65 -2.54 6.50 -0.69
N TYR A 66 -2.09 5.94 -1.78
CA TYR A 66 -1.55 4.54 -1.73
C TYR A 66 -0.05 4.53 -1.42
N SER A 67 0.57 5.67 -1.32
CA SER A 67 2.02 5.68 -0.99
C SER A 67 2.25 4.83 0.25
N ALA A 68 1.22 4.66 1.04
CA ALA A 68 1.34 3.84 2.27
C ALA A 68 1.46 2.35 1.92
N VAL A 69 0.43 1.76 1.37
CA VAL A 69 0.50 0.31 1.02
C VAL A 69 1.84 0.01 0.36
N CYS A 70 2.41 0.96 -0.33
CA CYS A 70 3.73 0.74 -0.99
C CYS A 70 4.81 0.54 0.07
N GLY A 71 5.06 1.54 0.87
CA GLY A 71 6.11 1.41 1.92
C GLY A 71 7.38 2.13 1.47
N ARG A 72 8.51 1.51 1.59
CA ARG A 72 9.78 2.17 1.17
C ARG A 72 9.65 2.70 -0.26
N TYR A 73 8.92 2.01 -1.09
CA TYR A 73 8.75 2.47 -2.50
C TYR A 73 7.59 3.48 -2.58
N PHE A 74 7.25 3.88 -3.77
CA PHE A 74 6.13 4.86 -3.95
C PHE A 74 5.16 4.34 -5.00
N CYS A 75 3.90 4.30 -4.70
CA CYS A 75 2.93 3.82 -5.73
C CYS A 75 2.65 4.97 -6.70
N CYS A 76 3.29 4.96 -7.84
CA CYS A 76 3.07 6.07 -8.80
C CYS A 76 1.77 5.83 -9.57
N ARG A 77 1.24 6.86 -10.17
CA ARG A 77 -0.03 6.71 -10.93
C ARG A 77 -0.10 7.72 -12.07
N SER A 78 -1.06 7.59 -12.93
CA SER A 78 -1.17 8.55 -14.07
C SER A 78 -2.29 9.56 -13.80
N ARG A 79 -1.93 10.82 -13.70
CA ARG A 79 -2.98 11.86 -13.44
C ARG A 79 -3.71 12.21 -14.74
N ASN A 1 -4.60 6.26 20.71
CA ASN A 1 -5.61 5.42 19.99
C ASN A 1 -5.19 5.24 18.53
N PRO A 2 -4.28 4.33 18.31
CA PRO A 2 -3.79 4.05 16.94
C PRO A 2 -4.86 3.32 16.13
N LEU A 3 -5.41 3.95 15.13
CA LEU A 3 -6.46 3.28 14.31
C LEU A 3 -5.95 3.09 12.88
N ILE A 4 -6.15 1.92 12.33
CA ILE A 4 -5.68 1.65 10.94
C ILE A 4 -6.11 2.78 10.01
N PRO A 5 -5.27 3.04 9.04
CA PRO A 5 -5.57 4.10 8.03
C PRO A 5 -6.70 3.65 7.11
N ALA A 6 -6.78 4.22 5.95
CA ALA A 6 -7.85 3.83 4.98
C ALA A 6 -7.21 3.22 3.73
N ILE A 7 -6.16 3.83 3.24
CA ILE A 7 -5.49 3.28 2.02
C ILE A 7 -5.13 1.81 2.22
N TYR A 8 -4.68 1.46 3.39
CA TYR A 8 -4.29 0.04 3.66
C TYR A 8 -5.51 -0.87 3.44
N ILE A 9 -6.68 -0.40 3.71
CA ILE A 9 -7.89 -1.25 3.51
C ILE A 9 -8.16 -1.40 2.01
N GLY A 10 -8.59 -2.55 1.58
CA GLY A 10 -8.86 -2.75 0.14
C GLY A 10 -7.60 -2.42 -0.65
N ALA A 11 -6.46 -2.73 -0.10
CA ALA A 11 -5.18 -2.44 -0.80
C ALA A 11 -4.30 -3.68 -0.88
N THR A 12 -3.02 -3.52 -1.16
CA THR A 12 -2.12 -4.71 -1.25
C THR A 12 -0.70 -4.32 -0.84
N VAL A 13 -0.37 -4.45 0.40
CA VAL A 13 1.01 -4.08 0.85
C VAL A 13 1.97 -5.25 0.60
N GLY A 14 3.12 -5.21 1.22
CA GLY A 14 4.10 -6.32 1.03
C GLY A 14 4.17 -7.16 2.30
N PRO A 15 5.19 -7.97 2.37
CA PRO A 15 5.39 -8.85 3.55
C PRO A 15 5.85 -8.03 4.75
N SER A 16 6.78 -7.14 4.54
CA SER A 16 7.27 -6.31 5.68
C SER A 16 6.15 -5.40 6.20
N VAL A 17 5.49 -4.70 5.33
CA VAL A 17 4.38 -3.81 5.77
C VAL A 17 3.29 -4.63 6.45
N TRP A 18 2.85 -5.69 5.82
CA TRP A 18 1.79 -6.53 6.45
C TRP A 18 2.14 -6.79 7.91
N ALA A 19 3.22 -7.47 8.16
CA ALA A 19 3.62 -7.76 9.57
C ALA A 19 3.46 -6.51 10.44
N TYR A 20 3.86 -5.38 9.94
CA TYR A 20 3.74 -4.12 10.74
C TYR A 20 2.27 -3.86 11.08
N LEU A 21 1.46 -3.58 10.09
CA LEU A 21 0.02 -3.32 10.35
C LEU A 21 -0.52 -4.30 11.40
N VAL A 22 -0.26 -5.57 11.24
CA VAL A 22 -0.76 -6.56 12.23
C VAL A 22 -0.40 -6.10 13.65
N ALA A 23 0.84 -5.75 13.87
CA ALA A 23 1.25 -5.28 15.22
C ALA A 23 0.33 -4.15 15.68
N LEU A 24 0.02 -3.23 14.80
CA LEU A 24 -0.87 -2.10 15.18
C LEU A 24 -2.24 -2.64 15.62
N VAL A 25 -2.76 -3.60 14.91
CA VAL A 25 -4.08 -4.18 15.28
C VAL A 25 -3.96 -5.71 15.44
N GLY A 26 -4.12 -6.45 14.38
CA GLY A 26 -4.02 -7.93 14.48
C GLY A 26 -4.40 -8.56 13.14
N ALA A 27 -4.07 -9.81 12.94
CA ALA A 27 -4.41 -10.48 11.66
C ALA A 27 -5.93 -10.50 11.45
N ALA A 28 -6.68 -10.36 12.51
CA ALA A 28 -8.16 -10.37 12.36
C ALA A 28 -8.62 -9.10 11.66
N ALA A 29 -8.40 -7.96 12.26
CA ALA A 29 -8.83 -6.69 11.62
C ALA A 29 -8.09 -6.53 10.29
N VAL A 30 -6.94 -7.15 10.16
CA VAL A 30 -6.18 -7.05 8.89
C VAL A 30 -6.92 -7.80 7.79
N THR A 31 -7.59 -8.87 8.13
CA THR A 31 -8.34 -9.64 7.09
C THR A 31 -9.64 -8.92 6.74
N ALA A 32 -10.35 -8.44 7.73
CA ALA A 32 -11.64 -7.74 7.46
C ALA A 32 -11.36 -6.41 6.75
N ALA A 33 -10.15 -5.93 6.83
CA ALA A 33 -9.81 -4.63 6.16
C ALA A 33 -9.36 -4.90 4.72
N ASN A 34 -9.76 -6.01 4.16
CA ASN A 34 -9.36 -6.34 2.76
C ASN A 34 -7.90 -5.93 2.50
N ILE A 35 -6.97 -6.65 3.09
CA ILE A 35 -5.54 -6.32 2.89
C ILE A 35 -4.84 -7.47 2.16
N ARG A 36 -4.12 -7.18 1.11
CA ARG A 36 -3.44 -8.27 0.36
C ARG A 36 -1.91 -8.12 0.46
N ARG A 37 -1.20 -9.20 0.44
CA ARG A 37 0.28 -9.13 0.53
C ARG A 37 0.91 -9.25 -0.85
N ALA A 38 2.03 -8.62 -1.06
CA ALA A 38 2.69 -8.70 -2.40
C ALA A 38 4.12 -9.25 -2.26
N SER A 39 4.68 -9.75 -3.32
CA SER A 39 6.06 -10.30 -3.24
C SER A 39 6.97 -9.34 -2.45
N SER A 40 6.64 -8.09 -2.44
CA SER A 40 7.48 -7.10 -1.70
C SER A 40 6.74 -5.77 -1.56
N ASP A 41 7.40 -4.76 -1.07
CA ASP A 41 6.73 -3.44 -0.91
C ASP A 41 6.32 -2.87 -2.27
N ASN A 42 6.86 -3.43 -3.33
CA ASN A 42 6.51 -2.93 -4.69
C ASN A 42 5.35 -3.75 -5.26
N HIS A 43 4.19 -3.16 -5.38
CA HIS A 43 3.03 -3.92 -5.94
C HIS A 43 2.12 -2.98 -6.73
N SER A 44 1.01 -3.47 -7.19
CA SER A 44 0.07 -2.62 -7.97
C SER A 44 -0.91 -1.94 -7.02
N CYS A 45 -1.03 -0.64 -7.09
CA CYS A 45 -1.97 0.06 -6.18
C CYS A 45 -3.08 0.76 -6.99
N ALA A 46 -3.99 1.38 -6.31
CA ALA A 46 -5.11 2.08 -7.02
C ALA A 46 -5.70 1.13 -8.07
N GLY A 47 -5.70 -0.14 -7.80
CA GLY A 47 -6.25 -1.12 -8.78
C GLY A 47 -5.22 -1.32 -9.89
N ASN A 48 -5.66 -1.61 -11.08
CA ASN A 48 -4.70 -1.80 -12.20
C ASN A 48 -4.39 -0.46 -12.87
N ARG A 49 -4.46 0.61 -12.12
CA ARG A 49 -4.17 1.95 -12.70
C ARG A 49 -2.83 2.49 -12.20
N GLY A 50 -2.46 2.17 -10.99
CA GLY A 50 -1.16 2.69 -10.47
C GLY A 50 -0.26 1.52 -10.05
N TRP A 51 1.01 1.79 -9.86
CA TRP A 51 1.96 0.71 -9.45
C TRP A 51 2.91 1.25 -8.39
N CYS A 52 3.80 0.43 -7.89
CA CYS A 52 4.75 0.92 -6.85
C CYS A 52 6.19 0.89 -7.37
N ARG A 53 6.80 2.04 -7.55
CA ARG A 53 8.20 2.07 -8.03
C ARG A 53 9.02 3.01 -7.15
N SER A 54 10.32 2.85 -7.11
CA SER A 54 11.15 3.76 -6.28
C SER A 54 10.88 5.20 -6.70
N LYS A 55 11.01 5.46 -7.97
CA LYS A 55 10.75 6.83 -8.48
C LYS A 55 9.98 6.72 -9.80
N CYS A 56 9.02 7.58 -10.03
CA CYS A 56 8.25 7.50 -11.30
C CYS A 56 8.68 8.61 -12.26
N PHE A 57 8.26 8.53 -13.50
CA PHE A 57 8.65 9.58 -14.48
C PHE A 57 7.77 10.81 -14.31
N ARG A 58 8.13 11.91 -14.92
CA ARG A 58 7.32 13.15 -14.77
C ARG A 58 5.89 12.93 -15.31
N HIS A 59 5.75 12.21 -16.38
CA HIS A 59 4.39 11.97 -16.92
C HIS A 59 3.47 11.43 -15.82
N GLU A 60 4.05 10.89 -14.77
CA GLU A 60 3.22 10.34 -13.67
C GLU A 60 3.62 11.01 -12.34
N TYR A 61 2.97 10.64 -11.28
CA TYR A 61 3.33 11.24 -9.96
C TYR A 61 3.40 10.15 -8.90
N VAL A 62 3.43 10.52 -7.66
CA VAL A 62 3.50 9.51 -6.57
C VAL A 62 2.20 9.51 -5.78
N ASP A 63 1.23 8.74 -6.20
CA ASP A 63 -0.08 8.69 -5.48
C ASP A 63 0.15 8.77 -3.97
N THR A 64 0.11 9.97 -3.43
CA THR A 64 0.32 10.13 -1.97
C THR A 64 -0.69 9.30 -1.18
N TYR A 65 -1.84 9.06 -1.75
CA TYR A 65 -2.88 8.26 -1.03
C TYR A 65 -2.44 6.79 -0.93
N TYR A 66 -1.95 6.24 -2.00
CA TYR A 66 -1.52 4.81 -1.97
C TYR A 66 -0.05 4.67 -1.60
N SER A 67 0.64 5.78 -1.44
CA SER A 67 2.07 5.69 -1.05
C SER A 67 2.20 4.81 0.20
N ALA A 68 1.13 4.66 0.92
CA ALA A 68 1.16 3.82 2.15
C ALA A 68 1.31 2.34 1.80
N VAL A 69 0.28 1.73 1.25
CA VAL A 69 0.40 0.28 0.89
C VAL A 69 1.74 0.04 0.21
N CYS A 70 2.26 1.03 -0.46
CA CYS A 70 3.57 0.85 -1.15
C CYS A 70 4.67 0.57 -0.11
N GLY A 71 4.89 1.47 0.80
CA GLY A 71 5.95 1.25 1.83
C GLY A 71 7.22 1.99 1.40
N ARG A 72 8.35 1.34 1.50
CA ARG A 72 9.62 2.01 1.09
C ARG A 72 9.46 2.63 -0.30
N TYR A 73 8.66 2.03 -1.14
CA TYR A 73 8.46 2.59 -2.50
C TYR A 73 7.26 3.55 -2.52
N PHE A 74 6.95 4.11 -3.65
CA PHE A 74 5.79 5.04 -3.72
C PHE A 74 4.80 4.54 -4.77
N CYS A 75 3.53 4.65 -4.51
CA CYS A 75 2.53 4.19 -5.51
C CYS A 75 2.37 5.26 -6.58
N CYS A 76 3.03 5.10 -7.70
CA CYS A 76 2.90 6.14 -8.77
C CYS A 76 1.61 5.95 -9.52
N ARG A 77 1.21 6.95 -10.24
CA ARG A 77 -0.06 6.86 -11.02
C ARG A 77 -0.07 7.88 -12.15
N SER A 78 -1.09 7.86 -12.96
CA SER A 78 -1.16 8.84 -14.09
C SER A 78 -1.97 10.07 -13.68
N ARG A 79 -1.32 11.19 -13.53
CA ARG A 79 -2.05 12.42 -13.12
C ARG A 79 -3.05 12.82 -14.21
N ASN A 1 -9.67 0.74 20.47
CA ASN A 1 -9.84 1.80 19.45
C ASN A 1 -8.94 1.53 18.23
N PRO A 2 -9.57 1.14 17.16
CA PRO A 2 -8.84 0.83 15.91
C PRO A 2 -8.34 2.13 15.26
N LEU A 3 -7.05 2.27 15.12
CA LEU A 3 -6.50 3.50 14.49
C LEU A 3 -5.92 3.18 13.11
N ILE A 4 -6.63 2.44 12.32
CA ILE A 4 -6.12 2.09 10.96
C ILE A 4 -6.39 3.24 9.98
N PRO A 5 -5.52 3.37 9.03
CA PRO A 5 -5.67 4.43 8.01
C PRO A 5 -6.81 4.07 7.07
N ALA A 6 -6.82 4.63 5.90
CA ALA A 6 -7.91 4.32 4.93
C ALA A 6 -7.31 3.62 3.70
N ILE A 7 -6.21 4.12 3.20
CA ILE A 7 -5.58 3.49 2.01
C ILE A 7 -5.36 2.01 2.26
N TYR A 8 -4.77 1.68 3.38
CA TYR A 8 -4.51 0.24 3.69
C TYR A 8 -5.77 -0.58 3.42
N ILE A 9 -6.91 -0.01 3.65
CA ILE A 9 -8.18 -0.75 3.38
C ILE A 9 -8.39 -0.88 1.88
N GLY A 10 -8.53 -2.08 1.39
CA GLY A 10 -8.71 -2.27 -0.07
C GLY A 10 -7.37 -2.02 -0.76
N ALA A 11 -6.29 -2.28 -0.06
CA ALA A 11 -4.95 -2.04 -0.67
C ALA A 11 -4.14 -3.34 -0.74
N THR A 12 -2.85 -3.24 -0.92
CA THR A 12 -2.00 -4.47 -0.99
C THR A 12 -0.58 -4.15 -0.56
N VAL A 13 -0.23 -4.45 0.66
CA VAL A 13 1.16 -4.15 1.13
C VAL A 13 2.06 -5.38 0.96
N GLY A 14 3.34 -5.21 1.11
CA GLY A 14 4.27 -6.38 0.95
C GLY A 14 4.18 -7.26 2.21
N PRO A 15 5.17 -8.09 2.37
CA PRO A 15 5.23 -9.00 3.54
C PRO A 15 5.62 -8.22 4.80
N SER A 16 6.67 -7.45 4.72
CA SER A 16 7.12 -6.67 5.91
C SER A 16 6.01 -5.71 6.36
N VAL A 17 5.52 -4.89 5.47
CA VAL A 17 4.44 -3.93 5.86
C VAL A 17 3.23 -4.70 6.39
N TRP A 18 2.83 -5.73 5.71
CA TRP A 18 1.65 -6.51 6.19
C TRP A 18 1.84 -6.88 7.65
N ALA A 19 2.80 -7.72 7.95
CA ALA A 19 3.05 -8.13 9.36
C ALA A 19 2.97 -6.92 10.28
N TYR A 20 3.40 -5.77 9.81
CA TYR A 20 3.35 -4.56 10.67
C TYR A 20 1.89 -4.20 11.00
N LEU A 21 1.11 -3.90 10.00
CA LEU A 21 -0.31 -3.55 10.26
C LEU A 21 -0.97 -4.65 11.09
N VAL A 22 -0.46 -5.85 11.01
CA VAL A 22 -1.06 -6.97 11.81
C VAL A 22 -0.75 -6.75 13.29
N ALA A 23 0.49 -6.52 13.62
CA ALA A 23 0.83 -6.29 15.04
C ALA A 23 0.00 -5.13 15.60
N LEU A 24 -0.42 -4.24 14.73
CA LEU A 24 -1.24 -3.08 15.18
C LEU A 24 -2.67 -3.53 15.51
N VAL A 25 -3.31 -4.25 14.62
CA VAL A 25 -4.70 -4.71 14.89
C VAL A 25 -4.74 -6.24 15.04
N GLY A 26 -4.07 -6.94 14.16
CA GLY A 26 -4.07 -8.42 14.22
C GLY A 26 -4.41 -8.94 12.83
N ALA A 27 -4.26 -10.22 12.60
CA ALA A 27 -4.56 -10.75 11.24
C ALA A 27 -6.07 -10.67 10.97
N ALA A 28 -6.88 -10.68 12.00
CA ALA A 28 -8.34 -10.60 11.78
C ALA A 28 -8.73 -9.21 11.25
N ALA A 29 -8.34 -8.18 11.94
CA ALA A 29 -8.66 -6.80 11.47
C ALA A 29 -7.96 -6.53 10.14
N VAL A 30 -6.73 -6.95 10.01
CA VAL A 30 -5.99 -6.72 8.74
C VAL A 30 -6.61 -7.55 7.61
N THR A 31 -7.25 -8.65 7.95
CA THR A 31 -7.88 -9.49 6.88
C THR A 31 -9.28 -8.98 6.55
N ALA A 32 -9.89 -8.27 7.46
CA ALA A 32 -11.27 -7.75 7.20
C ALA A 32 -11.18 -6.38 6.50
N ALA A 33 -10.06 -5.72 6.59
CA ALA A 33 -9.93 -4.39 5.95
C ALA A 33 -9.49 -4.56 4.49
N ASN A 34 -9.62 -5.73 3.95
CA ASN A 34 -9.22 -5.97 2.53
C ASN A 34 -7.75 -5.57 2.32
N ILE A 35 -6.85 -6.29 2.92
CA ILE A 35 -5.40 -5.98 2.75
C ILE A 35 -4.68 -7.18 2.15
N ARG A 36 -4.26 -7.07 0.92
CA ARG A 36 -3.56 -8.22 0.26
C ARG A 36 -2.05 -8.12 0.47
N ARG A 37 -1.37 -9.24 0.47
CA ARG A 37 0.11 -9.21 0.66
C ARG A 37 0.79 -9.22 -0.70
N ALA A 38 2.02 -8.76 -0.77
CA ALA A 38 2.72 -8.74 -2.08
C ALA A 38 4.13 -9.33 -1.93
N SER A 39 4.75 -9.69 -3.01
CA SER A 39 6.13 -10.26 -2.94
C SER A 39 7.06 -9.35 -2.13
N SER A 40 6.83 -8.07 -2.20
CA SER A 40 7.70 -7.12 -1.45
C SER A 40 7.04 -5.74 -1.37
N ASP A 41 7.69 -4.79 -0.75
CA ASP A 41 7.09 -3.44 -0.64
C ASP A 41 6.63 -2.95 -2.01
N ASN A 42 7.20 -3.48 -3.06
CA ASN A 42 6.80 -3.05 -4.42
C ASN A 42 5.61 -3.88 -4.92
N HIS A 43 4.46 -3.28 -5.03
CA HIS A 43 3.26 -4.04 -5.50
C HIS A 43 2.29 -3.10 -6.24
N SER A 44 1.22 -3.65 -6.75
CA SER A 44 0.24 -2.80 -7.48
C SER A 44 -0.68 -2.10 -6.48
N CYS A 45 -0.84 -0.81 -6.60
CA CYS A 45 -1.73 -0.09 -5.65
C CYS A 45 -2.85 0.63 -6.41
N ALA A 46 -3.77 1.21 -5.70
CA ALA A 46 -4.90 1.89 -6.36
C ALA A 46 -5.49 0.98 -7.43
N GLY A 47 -5.60 -0.29 -7.13
CA GLY A 47 -6.14 -1.25 -8.14
C GLY A 47 -5.13 -1.39 -9.28
N ASN A 48 -5.60 -1.65 -10.47
CA ASN A 48 -4.67 -1.78 -11.62
C ASN A 48 -4.40 -0.40 -12.24
N ARG A 49 -4.59 0.64 -11.47
CA ARG A 49 -4.36 2.01 -12.01
C ARG A 49 -3.00 2.56 -11.57
N GLY A 50 -2.57 2.24 -10.39
CA GLY A 50 -1.25 2.76 -9.92
C GLY A 50 -0.32 1.60 -9.57
N TRP A 51 0.94 1.88 -9.41
CA TRP A 51 1.92 0.80 -9.06
C TRP A 51 2.94 1.32 -8.05
N CYS A 52 3.76 0.46 -7.50
CA CYS A 52 4.76 0.93 -6.51
C CYS A 52 6.17 0.92 -7.12
N ARG A 53 6.71 2.09 -7.38
CA ARG A 53 8.08 2.16 -7.96
C ARG A 53 8.95 3.12 -7.16
N SER A 54 10.25 2.98 -7.24
CA SER A 54 11.14 3.91 -6.50
C SER A 54 10.95 5.32 -7.04
N LYS A 55 11.09 5.47 -8.33
CA LYS A 55 10.91 6.80 -8.97
C LYS A 55 9.92 6.66 -10.13
N CYS A 56 9.54 7.73 -10.76
CA CYS A 56 8.57 7.61 -11.89
C CYS A 56 8.80 8.73 -12.91
N PHE A 57 8.16 8.64 -14.05
CA PHE A 57 8.35 9.68 -15.10
C PHE A 57 7.46 10.89 -14.82
N ARG A 58 7.45 11.86 -15.70
CA ARG A 58 6.62 13.07 -15.46
C ARG A 58 5.16 12.79 -15.84
N HIS A 59 4.94 12.21 -16.98
CA HIS A 59 3.53 11.91 -17.39
C HIS A 59 2.79 11.29 -16.20
N GLU A 60 3.53 10.69 -15.30
CA GLU A 60 2.88 10.06 -14.12
C GLU A 60 3.39 10.75 -12.84
N TYR A 61 2.87 10.38 -11.71
CA TYR A 61 3.34 11.01 -10.44
C TYR A 61 3.45 9.97 -9.33
N VAL A 62 3.60 10.42 -8.13
CA VAL A 62 3.72 9.47 -6.98
C VAL A 62 2.48 9.57 -6.11
N ASP A 63 1.47 8.78 -6.40
CA ASP A 63 0.22 8.83 -5.58
C ASP A 63 0.55 8.97 -4.09
N THR A 64 0.66 10.17 -3.60
CA THR A 64 0.99 10.36 -2.16
C THR A 64 -0.03 9.60 -1.30
N TYR A 65 -1.20 9.38 -1.83
CA TYR A 65 -2.25 8.66 -1.06
C TYR A 65 -1.86 7.20 -0.87
N TYR A 66 -1.53 6.51 -1.93
CA TYR A 66 -1.17 5.07 -1.81
C TYR A 66 0.29 4.89 -1.36
N SER A 67 1.03 5.97 -1.26
CA SER A 67 2.45 5.85 -0.82
C SER A 67 2.55 5.00 0.45
N ALA A 68 1.46 4.87 1.18
CA ALA A 68 1.49 4.05 2.43
C ALA A 68 1.72 2.58 2.10
N VAL A 69 0.76 1.93 1.50
CA VAL A 69 0.93 0.49 1.16
C VAL A 69 2.26 0.29 0.44
N CYS A 70 2.75 1.31 -0.21
CA CYS A 70 4.06 1.19 -0.92
C CYS A 70 5.19 1.04 0.09
N GLY A 71 5.19 1.83 1.13
CA GLY A 71 6.28 1.74 2.15
C GLY A 71 7.52 2.45 1.64
N ARG A 72 8.63 1.78 1.58
CA ARG A 72 9.89 2.43 1.09
C ARG A 72 9.66 3.02 -0.31
N TYR A 73 9.00 2.30 -1.16
CA TYR A 73 8.74 2.81 -2.53
C TYR A 73 7.54 3.77 -2.52
N PHE A 74 7.18 4.29 -3.65
CA PHE A 74 6.02 5.22 -3.71
C PHE A 74 5.01 4.72 -4.73
N CYS A 75 3.75 4.79 -4.44
CA CYS A 75 2.74 4.30 -5.40
C CYS A 75 2.45 5.37 -6.46
N CYS A 76 3.02 5.24 -7.63
CA CYS A 76 2.76 6.28 -8.68
C CYS A 76 1.41 6.02 -9.33
N ARG A 77 1.00 6.88 -10.20
CA ARG A 77 -0.31 6.70 -10.88
C ARG A 77 -0.36 7.54 -12.16
N SER A 78 -1.45 7.48 -12.86
CA SER A 78 -1.57 8.28 -14.13
C SER A 78 -2.61 9.38 -13.96
N ARG A 79 -2.22 10.51 -13.42
CA ARG A 79 -3.19 11.62 -13.23
C ARG A 79 -3.86 11.97 -14.56
N ASN A 1 -2.53 9.03 18.65
CA ASN A 1 -2.30 8.94 17.18
C ASN A 1 -3.60 8.56 16.46
N PRO A 2 -3.62 8.80 15.18
CA PRO A 2 -4.81 8.49 14.36
C PRO A 2 -4.94 6.97 14.15
N LEU A 3 -6.11 6.51 13.80
CA LEU A 3 -6.30 5.05 13.59
C LEU A 3 -5.64 4.62 12.26
N ILE A 4 -5.77 3.37 11.91
CA ILE A 4 -5.16 2.89 10.63
C ILE A 4 -5.65 3.76 9.47
N PRO A 5 -4.86 3.78 8.42
CA PRO A 5 -5.22 4.55 7.21
C PRO A 5 -6.28 3.81 6.40
N ALA A 6 -6.85 4.45 5.43
CA ALA A 6 -7.89 3.78 4.59
C ALA A 6 -7.24 3.06 3.42
N ILE A 7 -6.06 3.48 3.03
CA ILE A 7 -5.37 2.83 1.88
C ILE A 7 -5.27 1.31 2.09
N TYR A 8 -4.67 0.88 3.18
CA TYR A 8 -4.54 -0.58 3.43
C TYR A 8 -5.89 -1.27 3.22
N ILE A 9 -6.97 -0.56 3.36
CA ILE A 9 -8.30 -1.19 3.16
C ILE A 9 -8.53 -1.41 1.67
N GLY A 10 -8.88 -2.61 1.29
CA GLY A 10 -9.10 -2.90 -0.15
C GLY A 10 -7.80 -2.57 -0.90
N ALA A 11 -6.69 -2.78 -0.25
CA ALA A 11 -5.38 -2.47 -0.91
C ALA A 11 -4.54 -3.75 -1.05
N THR A 12 -3.26 -3.60 -1.21
CA THR A 12 -2.39 -4.81 -1.36
C THR A 12 -0.97 -4.50 -0.88
N VAL A 13 -0.69 -4.75 0.37
CA VAL A 13 0.68 -4.44 0.89
C VAL A 13 1.58 -5.68 0.75
N GLY A 14 2.87 -5.49 0.86
CA GLY A 14 3.80 -6.64 0.74
C GLY A 14 4.01 -7.27 2.12
N PRO A 15 5.11 -7.97 2.24
CA PRO A 15 5.44 -8.63 3.54
C PRO A 15 5.91 -7.59 4.56
N SER A 16 6.73 -6.66 4.14
CA SER A 16 7.21 -5.62 5.08
C SER A 16 6.05 -4.77 5.58
N VAL A 17 5.33 -4.14 4.67
CA VAL A 17 4.18 -3.30 5.09
C VAL A 17 3.18 -4.16 5.87
N TRP A 18 2.81 -5.29 5.35
CA TRP A 18 1.84 -6.17 6.06
C TRP A 18 2.26 -6.29 7.53
N ALA A 19 3.38 -6.92 7.78
CA ALA A 19 3.84 -7.08 9.18
C ALA A 19 3.64 -5.78 9.96
N TYR A 20 3.86 -4.66 9.34
CA TYR A 20 3.68 -3.36 10.05
C TYR A 20 2.21 -3.18 10.47
N LEU A 21 1.32 -3.08 9.52
CA LEU A 21 -0.12 -2.91 9.86
C LEU A 21 -0.54 -3.90 10.95
N VAL A 22 -0.24 -5.15 10.77
CA VAL A 22 -0.62 -6.17 11.80
C VAL A 22 -0.18 -5.69 13.19
N ALA A 23 1.06 -5.35 13.33
CA ALA A 23 1.55 -4.87 14.66
C ALA A 23 0.62 -3.79 15.21
N LEU A 24 0.19 -2.88 14.38
CA LEU A 24 -0.72 -1.81 14.86
C LEU A 24 -2.01 -2.42 15.43
N VAL A 25 -2.55 -3.42 14.76
CA VAL A 25 -3.80 -4.06 15.26
C VAL A 25 -3.59 -5.58 15.39
N GLY A 26 -3.80 -6.32 14.35
CA GLY A 26 -3.62 -7.80 14.43
C GLY A 26 -4.03 -8.43 13.11
N ALA A 27 -3.74 -9.70 12.94
CA ALA A 27 -4.11 -10.39 11.66
C ALA A 27 -5.63 -10.43 11.49
N ALA A 28 -6.37 -10.31 12.56
CA ALA A 28 -7.85 -10.35 12.46
C ALA A 28 -8.35 -9.08 11.78
N ALA A 29 -8.14 -7.95 12.39
CA ALA A 29 -8.60 -6.68 11.77
C ALA A 29 -7.86 -6.47 10.44
N VAL A 30 -6.73 -7.10 10.29
CA VAL A 30 -5.96 -6.95 9.02
C VAL A 30 -6.65 -7.73 7.90
N THR A 31 -7.23 -8.86 8.22
CA THR A 31 -7.92 -9.67 7.18
C THR A 31 -9.30 -9.06 6.88
N ALA A 32 -9.94 -8.52 7.88
CA ALA A 32 -11.29 -7.91 7.66
C ALA A 32 -11.14 -6.58 6.92
N ALA A 33 -10.00 -5.95 7.01
CA ALA A 33 -9.81 -4.65 6.32
C ALA A 33 -9.53 -4.88 4.83
N ASN A 34 -9.61 -6.10 4.39
CA ASN A 34 -9.35 -6.40 2.95
C ASN A 34 -7.94 -5.95 2.55
N ILE A 35 -6.93 -6.61 3.06
CA ILE A 35 -5.52 -6.25 2.73
C ILE A 35 -4.85 -7.41 2.00
N ARG A 36 -4.59 -7.27 0.74
CA ARG A 36 -3.94 -8.36 -0.03
C ARG A 36 -2.42 -8.32 0.16
N ARG A 37 -1.79 -9.47 0.22
CA ARG A 37 -0.32 -9.50 0.40
C ARG A 37 0.37 -9.45 -0.97
N ALA A 38 1.55 -8.90 -1.03
CA ALA A 38 2.26 -8.82 -2.34
C ALA A 38 3.65 -9.47 -2.23
N SER A 39 4.24 -9.80 -3.35
CA SER A 39 5.59 -10.44 -3.32
C SER A 39 6.56 -9.58 -2.51
N SER A 40 6.32 -8.30 -2.43
CA SER A 40 7.23 -7.41 -1.65
C SER A 40 6.62 -6.02 -1.51
N ASP A 41 7.38 -5.08 -1.02
CA ASP A 41 6.84 -3.69 -0.86
C ASP A 41 6.46 -3.12 -2.23
N ASN A 42 6.90 -3.75 -3.28
CA ASN A 42 6.56 -3.24 -4.64
C ASN A 42 5.40 -4.05 -5.23
N HIS A 43 4.21 -3.49 -5.22
CA HIS A 43 3.04 -4.23 -5.78
C HIS A 43 2.12 -3.27 -6.54
N SER A 44 1.10 -3.79 -7.15
CA SER A 44 0.17 -2.92 -7.91
C SER A 44 -0.81 -2.25 -6.94
N CYS A 45 -0.96 -0.96 -7.03
CA CYS A 45 -1.90 -0.25 -6.10
C CYS A 45 -2.95 0.50 -6.89
N ALA A 46 -3.88 1.11 -6.20
CA ALA A 46 -4.96 1.86 -6.91
C ALA A 46 -5.53 0.98 -8.03
N GLY A 47 -5.65 -0.29 -7.77
CA GLY A 47 -6.18 -1.21 -8.82
C GLY A 47 -5.14 -1.34 -9.93
N ASN A 48 -5.57 -1.54 -11.15
CA ASN A 48 -4.59 -1.66 -12.26
C ASN A 48 -4.27 -0.27 -12.82
N ARG A 49 -4.40 0.75 -12.02
CA ARG A 49 -4.12 2.12 -12.51
C ARG A 49 -2.78 2.63 -11.96
N GLY A 50 -2.38 2.17 -10.80
CA GLY A 50 -1.09 2.65 -10.23
C GLY A 50 -0.21 1.45 -9.86
N TRP A 51 1.06 1.68 -9.69
CA TRP A 51 1.98 0.55 -9.33
C TRP A 51 2.97 1.03 -8.26
N CYS A 52 3.74 0.15 -7.68
CA CYS A 52 4.70 0.58 -6.63
C CYS A 52 6.13 0.59 -7.16
N ARG A 53 6.75 1.74 -7.23
CA ARG A 53 8.15 1.83 -7.73
C ARG A 53 8.99 2.69 -6.79
N SER A 54 10.28 2.51 -6.76
CA SER A 54 11.12 3.35 -5.88
C SER A 54 10.87 4.82 -6.21
N LYS A 55 11.08 5.18 -7.44
CA LYS A 55 10.84 6.57 -7.88
C LYS A 55 9.95 6.56 -9.12
N CYS A 56 9.85 7.65 -9.83
CA CYS A 56 9.01 7.65 -11.05
C CYS A 56 9.33 8.85 -11.96
N PHE A 57 8.74 8.89 -13.13
CA PHE A 57 9.01 10.00 -14.07
C PHE A 57 8.22 11.25 -13.67
N ARG A 58 8.35 12.31 -14.42
CA ARG A 58 7.60 13.55 -14.08
C ARG A 58 6.17 13.48 -14.63
N HIS A 59 6.01 12.96 -15.81
CA HIS A 59 4.64 12.86 -16.39
C HIS A 59 3.74 12.08 -15.43
N GLU A 60 4.32 11.38 -14.50
CA GLU A 60 3.51 10.61 -13.53
C GLU A 60 3.75 11.15 -12.12
N TYR A 61 3.09 10.61 -11.13
CA TYR A 61 3.31 11.10 -9.74
C TYR A 61 3.21 9.95 -8.75
N VAL A 62 3.08 10.27 -7.50
CA VAL A 62 2.97 9.20 -6.46
C VAL A 62 1.71 9.42 -5.63
N ASP A 63 0.65 8.72 -5.94
CA ASP A 63 -0.61 8.92 -5.17
C ASP A 63 -0.32 8.86 -3.67
N THR A 64 -0.02 9.99 -3.09
CA THR A 64 0.28 10.03 -1.63
C THR A 64 -0.69 9.13 -0.86
N TYR A 65 -1.86 8.92 -1.39
CA TYR A 65 -2.85 8.07 -0.67
C TYR A 65 -2.39 6.60 -0.66
N TYR A 66 -2.08 6.06 -1.81
CA TYR A 66 -1.65 4.63 -1.86
C TYR A 66 -0.17 4.49 -1.47
N SER A 67 0.54 5.58 -1.38
CA SER A 67 1.98 5.49 -1.00
C SER A 67 2.11 4.61 0.24
N ALA A 68 1.07 4.47 1.00
CA ALA A 68 1.12 3.62 2.23
C ALA A 68 1.30 2.15 1.86
N VAL A 69 0.30 1.54 1.29
CA VAL A 69 0.44 0.09 0.92
C VAL A 69 1.78 -0.13 0.23
N CYS A 70 2.27 0.85 -0.47
CA CYS A 70 3.58 0.70 -1.16
C CYS A 70 4.68 0.42 -0.13
N GLY A 71 4.82 1.25 0.86
CA GLY A 71 5.87 1.02 1.89
C GLY A 71 7.11 1.85 1.55
N ARG A 72 8.28 1.29 1.72
CA ARG A 72 9.52 2.04 1.41
C ARG A 72 9.44 2.63 0.01
N TYR A 73 8.62 2.07 -0.84
CA TYR A 73 8.51 2.61 -2.23
C TYR A 73 7.34 3.61 -2.31
N PHE A 74 7.01 4.02 -3.50
CA PHE A 74 5.88 4.98 -3.68
C PHE A 74 4.91 4.45 -4.72
N CYS A 75 3.64 4.49 -4.45
CA CYS A 75 2.66 3.99 -5.45
C CYS A 75 2.43 5.08 -6.51
N CYS A 76 3.03 4.94 -7.66
CA CYS A 76 2.83 5.98 -8.70
C CYS A 76 1.49 5.80 -9.39
N ARG A 77 1.08 6.79 -10.12
CA ARG A 77 -0.22 6.71 -10.84
C ARG A 77 -0.24 7.73 -11.98
N SER A 78 -1.19 7.64 -12.85
CA SER A 78 -1.27 8.61 -13.98
C SER A 78 -2.35 9.66 -13.70
N ARG A 79 -1.96 10.83 -13.29
CA ARG A 79 -2.96 11.89 -13.00
C ARG A 79 -3.59 12.39 -14.31
N ASN A 1 -2.74 9.61 12.83
CA ASN A 1 -3.71 8.69 12.17
C ASN A 1 -4.14 7.60 13.17
N PRO A 2 -5.27 7.84 13.80
CA PRO A 2 -5.81 6.87 14.77
C PRO A 2 -6.39 5.64 14.06
N LEU A 3 -6.39 4.51 14.72
CA LEU A 3 -6.94 3.28 14.08
C LEU A 3 -6.23 3.01 12.75
N ILE A 4 -6.61 1.96 12.06
CA ILE A 4 -5.95 1.65 10.77
C ILE A 4 -6.27 2.72 9.72
N PRO A 5 -5.34 2.89 8.81
CA PRO A 5 -5.53 3.90 7.73
C PRO A 5 -6.55 3.38 6.72
N ALA A 6 -6.97 4.21 5.82
CA ALA A 6 -7.95 3.79 4.79
C ALA A 6 -7.24 3.17 3.59
N ILE A 7 -6.19 3.79 3.13
CA ILE A 7 -5.44 3.25 1.95
C ILE A 7 -5.10 1.77 2.17
N TYR A 8 -4.68 1.43 3.35
CA TYR A 8 -4.32 0.00 3.61
C TYR A 8 -5.54 -0.90 3.39
N ILE A 9 -6.71 -0.41 3.69
CA ILE A 9 -7.93 -1.25 3.47
C ILE A 9 -8.20 -1.36 1.98
N GLY A 10 -8.57 -2.53 1.51
CA GLY A 10 -8.84 -2.70 0.06
C GLY A 10 -7.56 -2.37 -0.71
N ALA A 11 -6.43 -2.68 -0.14
CA ALA A 11 -5.13 -2.38 -0.82
C ALA A 11 -4.26 -3.63 -0.89
N THR A 12 -2.98 -3.46 -1.13
CA THR A 12 -2.08 -4.64 -1.21
C THR A 12 -0.66 -4.25 -0.79
N VAL A 13 -0.29 -4.52 0.43
CA VAL A 13 1.08 -4.15 0.88
C VAL A 13 2.04 -5.33 0.69
N GLY A 14 3.25 -5.19 1.12
CA GLY A 14 4.23 -6.31 0.97
C GLY A 14 4.23 -7.17 2.24
N PRO A 15 5.24 -7.98 2.37
CA PRO A 15 5.36 -8.87 3.55
C PRO A 15 5.74 -8.05 4.79
N SER A 16 6.63 -7.11 4.65
CA SER A 16 7.03 -6.29 5.83
C SER A 16 5.87 -5.39 6.26
N VAL A 17 5.24 -4.72 5.33
CA VAL A 17 4.10 -3.84 5.71
C VAL A 17 2.96 -4.67 6.31
N TRP A 18 2.74 -5.85 5.81
CA TRP A 18 1.65 -6.70 6.37
C TRP A 18 1.89 -6.93 7.86
N ALA A 19 3.02 -7.51 8.20
CA ALA A 19 3.32 -7.76 9.64
C ALA A 19 3.11 -6.47 10.45
N TYR A 20 3.50 -5.36 9.91
CA TYR A 20 3.32 -4.08 10.64
C TYR A 20 1.85 -3.87 10.99
N LEU A 21 1.02 -3.71 10.00
CA LEU A 21 -0.43 -3.50 10.25
C LEU A 21 -0.91 -4.46 11.35
N VAL A 22 -0.50 -5.70 11.28
CA VAL A 22 -0.92 -6.69 12.32
C VAL A 22 -0.56 -6.18 13.71
N ALA A 23 0.66 -5.73 13.87
CA ALA A 23 1.08 -5.21 15.20
C ALA A 23 0.14 -4.09 15.66
N LEU A 24 -0.19 -3.19 14.78
CA LEU A 24 -1.10 -2.08 15.16
C LEU A 24 -2.44 -2.64 15.61
N VAL A 25 -2.94 -3.64 14.93
CA VAL A 25 -4.25 -4.24 15.33
C VAL A 25 -4.09 -5.76 15.53
N GLY A 26 -4.26 -6.54 14.49
CA GLY A 26 -4.13 -8.01 14.64
C GLY A 26 -4.44 -8.68 13.30
N ALA A 27 -4.06 -9.91 13.14
CA ALA A 27 -4.33 -10.62 11.85
C ALA A 27 -5.83 -10.65 11.56
N ALA A 28 -6.66 -10.48 12.56
CA ALA A 28 -8.12 -10.49 12.32
C ALA A 28 -8.55 -9.23 11.58
N ALA A 29 -8.37 -8.09 12.20
CA ALA A 29 -8.76 -6.82 11.52
C ALA A 29 -7.91 -6.64 10.25
N VAL A 30 -6.77 -7.29 10.21
CA VAL A 30 -5.90 -7.17 9.01
C VAL A 30 -6.54 -7.92 7.84
N THR A 31 -7.22 -9.00 8.12
CA THR A 31 -7.87 -9.79 7.02
C THR A 31 -9.24 -9.21 6.71
N ALA A 32 -9.87 -8.58 7.68
CA ALA A 32 -11.21 -7.98 7.45
C ALA A 32 -11.07 -6.65 6.73
N ALA A 33 -9.90 -6.06 6.77
CA ALA A 33 -9.70 -4.75 6.09
C ALA A 33 -9.25 -4.98 4.65
N ASN A 34 -9.58 -6.11 4.09
CA ASN A 34 -9.18 -6.41 2.68
C ASN A 34 -7.74 -5.96 2.43
N ILE A 35 -6.79 -6.66 2.97
CA ILE A 35 -5.36 -6.30 2.77
C ILE A 35 -4.61 -7.46 2.12
N ARG A 36 -4.18 -7.31 0.90
CA ARG A 36 -3.46 -8.43 0.22
C ARG A 36 -1.95 -8.24 0.35
N ARG A 37 -1.21 -9.32 0.40
CA ARG A 37 0.27 -9.21 0.52
C ARG A 37 0.90 -9.15 -0.87
N ALA A 38 2.10 -8.65 -0.96
CA ALA A 38 2.77 -8.56 -2.30
C ALA A 38 4.20 -9.11 -2.20
N SER A 39 4.75 -9.58 -3.28
CA SER A 39 6.13 -10.13 -3.24
C SER A 39 7.04 -9.21 -2.41
N SER A 40 6.71 -7.96 -2.34
CA SER A 40 7.54 -7.01 -1.54
C SER A 40 6.87 -5.64 -1.49
N ASP A 41 7.56 -4.66 -0.97
CA ASP A 41 6.96 -3.28 -0.90
C ASP A 41 6.56 -2.81 -2.30
N ASN A 42 7.08 -3.45 -3.31
CA ASN A 42 6.73 -3.04 -4.70
C ASN A 42 5.52 -3.84 -5.21
N HIS A 43 4.38 -3.20 -5.33
CA HIS A 43 3.17 -3.92 -5.83
C HIS A 43 2.23 -2.95 -6.54
N SER A 44 1.13 -3.45 -7.03
CA SER A 44 0.17 -2.55 -7.74
C SER A 44 -0.69 -1.81 -6.71
N CYS A 45 -1.10 -0.61 -7.02
CA CYS A 45 -1.94 0.15 -6.06
C CYS A 45 -3.01 0.93 -6.82
N ALA A 46 -3.81 1.68 -6.10
CA ALA A 46 -4.88 2.46 -6.77
C ALA A 46 -5.63 1.55 -7.75
N GLY A 47 -5.90 0.34 -7.33
CA GLY A 47 -6.61 -0.61 -8.24
C GLY A 47 -5.69 -0.91 -9.44
N ASN A 48 -6.25 -1.28 -10.55
CA ASN A 48 -5.40 -1.57 -11.73
C ASN A 48 -5.09 -0.26 -12.47
N ARG A 49 -4.78 0.78 -11.75
CA ARG A 49 -4.50 2.09 -12.40
C ARG A 49 -3.06 2.56 -12.11
N GLY A 50 -2.57 2.30 -10.93
CA GLY A 50 -1.19 2.75 -10.61
C GLY A 50 -0.34 1.59 -10.10
N TRP A 51 0.94 1.80 -9.95
CA TRP A 51 1.84 0.71 -9.46
C TRP A 51 2.84 1.30 -8.45
N CYS A 52 3.71 0.49 -7.90
CA CYS A 52 4.69 1.03 -6.92
C CYS A 52 6.11 0.97 -7.48
N ARG A 53 6.75 2.09 -7.64
CA ARG A 53 8.15 2.10 -8.17
C ARG A 53 9.03 2.95 -7.27
N SER A 54 10.33 2.74 -7.31
CA SER A 54 11.23 3.56 -6.45
C SER A 54 10.95 5.04 -6.71
N LYS A 55 10.90 5.41 -7.96
CA LYS A 55 10.62 6.83 -8.30
C LYS A 55 9.58 6.87 -9.44
N CYS A 56 8.67 7.79 -9.40
CA CYS A 56 7.65 7.87 -10.48
C CYS A 56 8.26 8.51 -11.74
N PHE A 57 7.66 8.28 -12.87
CA PHE A 57 8.20 8.86 -14.13
C PHE A 57 7.77 10.32 -14.27
N ARG A 58 8.03 10.92 -15.41
CA ARG A 58 7.64 12.35 -15.61
C ARG A 58 6.14 12.45 -15.86
N HIS A 59 5.60 11.59 -16.68
CA HIS A 59 4.14 11.63 -16.96
C HIS A 59 3.37 11.04 -15.78
N GLU A 60 4.06 10.68 -14.73
CA GLU A 60 3.37 10.08 -13.55
C GLU A 60 3.81 10.80 -12.27
N TYR A 61 3.07 10.66 -11.20
CA TYR A 61 3.47 11.34 -9.93
C TYR A 61 3.47 10.35 -8.78
N VAL A 62 3.78 10.82 -7.61
CA VAL A 62 3.80 9.93 -6.42
C VAL A 62 2.43 9.94 -5.75
N ASP A 63 1.58 9.02 -6.11
CA ASP A 63 0.21 8.98 -5.49
C ASP A 63 0.32 9.01 -3.97
N THR A 64 0.35 10.18 -3.40
CA THR A 64 0.46 10.28 -1.91
C THR A 64 -0.60 9.41 -1.23
N TYR A 65 -1.66 9.12 -1.91
CA TYR A 65 -2.74 8.29 -1.29
C TYR A 65 -2.27 6.84 -1.10
N TYR A 66 -1.86 6.18 -2.15
CA TYR A 66 -1.42 4.77 -2.01
C TYR A 66 0.06 4.68 -1.62
N SER A 67 0.73 5.79 -1.52
CA SER A 67 2.17 5.73 -1.11
C SER A 67 2.28 4.87 0.15
N ALA A 68 1.20 4.74 0.88
CA ALA A 68 1.21 3.93 2.12
C ALA A 68 1.41 2.45 1.79
N VAL A 69 0.42 1.80 1.24
CA VAL A 69 0.57 0.35 0.91
C VAL A 69 1.94 0.10 0.27
N CYS A 70 2.48 1.09 -0.39
CA CYS A 70 3.81 0.92 -1.03
C CYS A 70 4.89 0.66 0.02
N GLY A 71 5.12 1.61 0.89
CA GLY A 71 6.14 1.41 1.95
C GLY A 71 7.46 2.08 1.51
N ARG A 72 8.47 1.31 1.24
CA ARG A 72 9.77 1.91 0.81
C ARG A 72 9.59 2.66 -0.51
N TYR A 73 9.00 2.02 -1.48
CA TYR A 73 8.79 2.70 -2.80
C TYR A 73 7.57 3.64 -2.71
N PHE A 74 7.18 4.19 -3.82
CA PHE A 74 6.00 5.10 -3.82
C PHE A 74 4.99 4.64 -4.87
N CYS A 75 3.72 4.68 -4.56
CA CYS A 75 2.71 4.26 -5.56
C CYS A 75 2.48 5.40 -6.54
N CYS A 76 2.96 5.27 -7.75
CA CYS A 76 2.77 6.39 -8.73
C CYS A 76 1.57 6.11 -9.64
N ARG A 77 1.02 7.13 -10.22
CA ARG A 77 -0.14 6.97 -11.12
C ARG A 77 -0.04 7.95 -12.29
N SER A 78 -1.03 8.00 -13.13
CA SER A 78 -0.99 8.93 -14.28
C SER A 78 -2.03 10.05 -14.09
N ARG A 79 -1.62 11.16 -13.55
CA ARG A 79 -2.59 12.28 -13.33
C ARG A 79 -3.03 12.86 -14.67
N ASN A 1 -2.28 3.36 18.95
CA ASN A 1 -3.07 2.47 18.04
C ASN A 1 -3.81 3.31 16.99
N PRO A 2 -3.08 3.71 15.99
CA PRO A 2 -3.66 4.53 14.90
C PRO A 2 -4.57 3.67 14.01
N LEU A 3 -5.86 3.86 14.08
CA LEU A 3 -6.78 3.06 13.23
C LEU A 3 -6.22 2.93 11.81
N ILE A 4 -6.28 1.75 11.25
CA ILE A 4 -5.74 1.55 9.87
C ILE A 4 -6.16 2.73 8.98
N PRO A 5 -5.26 3.10 8.11
CA PRO A 5 -5.52 4.21 7.18
C PRO A 5 -6.43 3.73 6.04
N ALA A 6 -7.04 4.64 5.35
CA ALA A 6 -7.94 4.24 4.23
C ALA A 6 -7.15 3.48 3.15
N ILE A 7 -5.98 3.97 2.83
CA ILE A 7 -5.15 3.27 1.80
C ILE A 7 -5.04 1.78 2.11
N TYR A 8 -4.60 1.43 3.29
CA TYR A 8 -4.45 -0.01 3.64
C TYR A 8 -5.75 -0.76 3.35
N ILE A 9 -6.87 -0.10 3.46
CA ILE A 9 -8.16 -0.78 3.18
C ILE A 9 -8.30 -1.03 1.67
N GLY A 10 -8.61 -2.22 1.28
CA GLY A 10 -8.74 -2.53 -0.17
C GLY A 10 -7.40 -2.22 -0.84
N ALA A 11 -6.33 -2.41 -0.13
CA ALA A 11 -4.98 -2.14 -0.72
C ALA A 11 -4.16 -3.43 -0.86
N THR A 12 -2.88 -3.31 -1.02
CA THR A 12 -2.03 -4.53 -1.16
C THR A 12 -0.60 -4.22 -0.72
N VAL A 13 -0.24 -4.54 0.50
CA VAL A 13 1.14 -4.25 0.96
C VAL A 13 2.04 -5.47 0.74
N GLY A 14 3.32 -5.32 0.95
CA GLY A 14 4.25 -6.48 0.77
C GLY A 14 4.28 -7.31 2.04
N PRO A 15 5.33 -8.09 2.16
CA PRO A 15 5.50 -8.96 3.35
C PRO A 15 5.91 -8.12 4.57
N SER A 16 6.86 -7.25 4.41
CA SER A 16 7.30 -6.41 5.57
C SER A 16 6.19 -5.45 5.98
N VAL A 17 5.64 -4.72 5.04
CA VAL A 17 4.55 -3.76 5.38
C VAL A 17 3.40 -4.49 6.05
N TRP A 18 3.00 -5.62 5.52
CA TRP A 18 1.88 -6.37 6.14
C TRP A 18 2.18 -6.59 7.63
N ALA A 19 3.24 -7.28 7.93
CA ALA A 19 3.58 -7.52 9.36
C ALA A 19 3.41 -6.24 10.17
N TYR A 20 3.75 -5.12 9.59
CA TYR A 20 3.61 -3.83 10.32
C TYR A 20 2.13 -3.60 10.69
N LEU A 21 1.26 -3.67 9.72
CA LEU A 21 -0.18 -3.45 10.01
C LEU A 21 -0.66 -4.47 11.06
N VAL A 22 -0.48 -5.73 10.79
CA VAL A 22 -0.92 -6.77 11.77
C VAL A 22 -0.53 -6.35 13.19
N ALA A 23 0.73 -6.19 13.45
CA ALA A 23 1.18 -5.78 14.80
C ALA A 23 0.34 -4.61 15.29
N LEU A 24 0.06 -3.67 14.43
CA LEU A 24 -0.75 -2.49 14.84
C LEU A 24 -2.13 -2.95 15.33
N VAL A 25 -2.73 -3.89 14.66
CA VAL A 25 -4.08 -4.38 15.08
C VAL A 25 -4.06 -5.90 15.26
N GLY A 26 -4.32 -6.64 14.22
CA GLY A 26 -4.32 -8.13 14.34
C GLY A 26 -4.72 -8.75 13.00
N ALA A 27 -4.52 -10.02 12.85
CA ALA A 27 -4.88 -10.68 11.57
C ALA A 27 -6.39 -10.56 11.30
N ALA A 28 -7.16 -10.29 12.31
CA ALA A 28 -8.63 -10.15 12.10
C ALA A 28 -8.93 -8.85 11.38
N ALA A 29 -8.65 -7.74 12.00
CA ALA A 29 -8.91 -6.43 11.34
C ALA A 29 -8.05 -6.33 10.08
N VAL A 30 -6.99 -7.09 10.01
CA VAL A 30 -6.12 -7.04 8.81
C VAL A 30 -6.81 -7.76 7.65
N THR A 31 -7.55 -8.78 7.93
CA THR A 31 -8.26 -9.52 6.84
C THR A 31 -9.62 -8.87 6.57
N ALA A 32 -10.12 -8.12 7.52
CA ALA A 32 -11.44 -7.46 7.32
C ALA A 32 -11.25 -6.14 6.58
N ALA A 33 -10.07 -5.58 6.63
CA ALA A 33 -9.81 -4.29 5.92
C ALA A 33 -9.35 -4.57 4.49
N ASN A 34 -9.70 -5.71 3.96
CA ASN A 34 -9.28 -6.05 2.57
C ASN A 34 -7.82 -5.63 2.33
N ILE A 35 -6.89 -6.39 2.85
CA ILE A 35 -5.46 -6.06 2.66
C ILE A 35 -4.74 -7.26 2.02
N ARG A 36 -4.31 -7.11 0.78
CA ARG A 36 -3.62 -8.24 0.10
C ARG A 36 -2.10 -8.11 0.28
N ARG A 37 -1.43 -9.21 0.41
CA ARG A 37 0.06 -9.15 0.56
C ARG A 37 0.72 -9.03 -0.81
N ALA A 38 1.97 -8.69 -0.85
CA ALA A 38 2.67 -8.55 -2.16
C ALA A 38 4.07 -9.14 -2.09
N SER A 39 4.67 -9.43 -3.22
CA SER A 39 6.05 -10.01 -3.22
C SER A 39 6.97 -9.16 -2.35
N SER A 40 6.79 -7.87 -2.36
CA SER A 40 7.67 -6.99 -1.54
C SER A 40 7.05 -5.58 -1.42
N ASP A 41 7.72 -4.69 -0.74
CA ASP A 41 7.17 -3.32 -0.59
C ASP A 41 6.68 -2.79 -1.95
N ASN A 42 7.30 -3.22 -3.01
CA ASN A 42 6.88 -2.75 -4.36
C ASN A 42 5.73 -3.61 -4.88
N HIS A 43 4.54 -3.07 -4.96
CA HIS A 43 3.40 -3.89 -5.47
C HIS A 43 2.42 -3.01 -6.24
N SER A 44 1.41 -3.61 -6.80
CA SER A 44 0.40 -2.83 -7.57
C SER A 44 -0.56 -2.13 -6.60
N CYS A 45 -0.73 -0.86 -6.73
CA CYS A 45 -1.67 -0.14 -5.81
C CYS A 45 -2.80 0.52 -6.60
N ALA A 46 -3.80 0.98 -5.93
CA ALA A 46 -4.94 1.63 -6.62
C ALA A 46 -5.46 0.69 -7.72
N GLY A 47 -5.71 -0.54 -7.39
CA GLY A 47 -6.21 -1.50 -8.43
C GLY A 47 -5.22 -1.53 -9.58
N ASN A 48 -5.68 -1.80 -10.77
CA ASN A 48 -4.75 -1.83 -11.93
C ASN A 48 -4.57 -0.42 -12.50
N ARG A 49 -4.53 0.57 -11.66
CA ARG A 49 -4.37 1.97 -12.15
C ARG A 49 -3.03 2.55 -11.70
N GLY A 50 -2.55 2.17 -10.54
CA GLY A 50 -1.25 2.72 -10.07
C GLY A 50 -0.30 1.58 -9.68
N TRP A 51 0.95 1.89 -9.47
CA TRP A 51 1.93 0.85 -9.09
C TRP A 51 2.92 1.43 -8.07
N CYS A 52 3.75 0.62 -7.47
CA CYS A 52 4.72 1.18 -6.48
C CYS A 52 6.16 0.95 -6.95
N ARG A 53 6.86 2.01 -7.24
CA ARG A 53 8.27 1.88 -7.70
C ARG A 53 9.15 2.88 -6.94
N SER A 54 10.44 2.70 -6.96
CA SER A 54 11.31 3.66 -6.24
C SER A 54 10.93 5.07 -6.67
N LYS A 55 10.81 5.28 -7.95
CA LYS A 55 10.43 6.61 -8.48
C LYS A 55 9.25 6.49 -9.43
N CYS A 56 8.81 7.60 -9.96
CA CYS A 56 7.67 7.56 -10.91
C CYS A 56 8.08 8.16 -12.26
N PHE A 57 7.27 8.00 -13.27
CA PHE A 57 7.62 8.56 -14.60
C PHE A 57 7.31 10.06 -14.64
N ARG A 58 7.45 10.66 -15.78
CA ARG A 58 7.17 12.12 -15.89
C ARG A 58 5.67 12.37 -16.10
N HIS A 59 5.03 11.52 -16.85
CA HIS A 59 3.58 11.70 -17.09
C HIS A 59 2.78 11.20 -15.89
N GLU A 60 3.46 10.82 -14.84
CA GLU A 60 2.74 10.32 -13.63
C GLU A 60 3.22 11.05 -12.37
N TYR A 61 2.74 10.65 -11.23
CA TYR A 61 3.19 11.32 -9.97
C TYR A 61 3.35 10.28 -8.87
N VAL A 62 3.39 10.71 -7.64
CA VAL A 62 3.54 9.75 -6.51
C VAL A 62 2.25 9.70 -5.69
N ASP A 63 1.33 8.84 -6.04
CA ASP A 63 0.06 8.75 -5.28
C ASP A 63 0.33 8.83 -3.77
N THR A 64 0.30 10.00 -3.21
CA THR A 64 0.57 10.15 -1.75
C THR A 64 -0.42 9.30 -0.95
N TYR A 65 -1.58 9.05 -1.49
CA TYR A 65 -2.59 8.24 -0.76
C TYR A 65 -2.13 6.79 -0.65
N TYR A 66 -1.72 6.20 -1.74
CA TYR A 66 -1.28 4.78 -1.71
C TYR A 66 0.18 4.66 -1.27
N SER A 67 0.87 5.77 -1.17
CA SER A 67 2.30 5.71 -0.74
C SER A 67 2.40 4.88 0.54
N ALA A 68 1.32 4.77 1.27
CA ALA A 68 1.34 3.97 2.53
C ALA A 68 1.55 2.49 2.22
N VAL A 69 0.58 1.83 1.64
CA VAL A 69 0.75 0.38 1.33
C VAL A 69 2.11 0.17 0.68
N CYS A 70 2.64 1.18 0.05
CA CYS A 70 3.97 1.05 -0.60
C CYS A 70 5.05 0.75 0.45
N GLY A 71 5.32 1.70 1.31
CA GLY A 71 6.35 1.46 2.37
C GLY A 71 7.72 1.98 1.90
N ARG A 72 8.53 1.11 1.36
CA ARG A 72 9.88 1.55 0.89
C ARG A 72 9.75 2.47 -0.33
N TYR A 73 9.11 1.99 -1.36
CA TYR A 73 8.95 2.84 -2.58
C TYR A 73 7.67 3.67 -2.47
N PHE A 74 7.27 4.29 -3.55
CA PHE A 74 6.02 5.11 -3.51
C PHE A 74 5.04 4.61 -4.58
N CYS A 75 3.77 4.74 -4.35
CA CYS A 75 2.78 4.28 -5.36
C CYS A 75 2.52 5.39 -6.38
N CYS A 76 3.12 5.31 -7.53
CA CYS A 76 2.91 6.38 -8.56
C CYS A 76 1.58 6.14 -9.26
N ARG A 77 1.07 7.15 -9.93
CA ARG A 77 -0.23 6.99 -10.64
C ARG A 77 -0.32 7.94 -11.83
N SER A 78 -1.39 7.87 -12.57
CA SER A 78 -1.54 8.77 -13.75
C SER A 78 -2.55 9.88 -13.43
N ARG A 79 -2.08 11.02 -12.98
CA ARG A 79 -3.01 12.13 -12.65
C ARG A 79 -3.55 12.76 -13.94
N ASN A 1 -6.57 9.93 18.41
CA ASN A 1 -6.41 8.45 18.34
C ASN A 1 -5.94 8.04 16.94
N PRO A 2 -4.66 7.84 16.81
CA PRO A 2 -4.06 7.43 15.52
C PRO A 2 -4.41 5.98 15.20
N LEU A 3 -5.00 5.73 14.07
CA LEU A 3 -5.36 4.33 13.70
C LEU A 3 -4.96 4.04 12.25
N ILE A 4 -4.86 2.78 11.90
CA ILE A 4 -4.46 2.44 10.50
C ILE A 4 -5.22 3.32 9.50
N PRO A 5 -4.57 3.59 8.41
CA PRO A 5 -5.20 4.41 7.34
C PRO A 5 -6.25 3.59 6.59
N ALA A 6 -7.06 4.23 5.81
CA ALA A 6 -8.11 3.50 5.05
C ALA A 6 -7.52 2.97 3.74
N ILE A 7 -6.40 3.47 3.33
CA ILE A 7 -5.79 3.00 2.05
C ILE A 7 -5.58 1.48 2.09
N TYR A 8 -5.02 0.97 3.14
CA TYR A 8 -4.79 -0.51 3.22
C TYR A 8 -6.08 -1.27 2.93
N ILE A 9 -7.21 -0.65 3.14
CA ILE A 9 -8.49 -1.36 2.86
C ILE A 9 -8.55 -1.74 1.38
N GLY A 10 -8.99 -2.93 1.08
CA GLY A 10 -9.06 -3.36 -0.35
C GLY A 10 -7.74 -2.97 -1.03
N ALA A 11 -6.66 -3.04 -0.31
CA ALA A 11 -5.34 -2.67 -0.91
C ALA A 11 -4.44 -3.90 -1.04
N THR A 12 -3.18 -3.70 -1.31
CA THR A 12 -2.26 -4.87 -1.45
C THR A 12 -0.84 -4.48 -1.03
N VAL A 13 -0.52 -4.61 0.22
CA VAL A 13 0.85 -4.24 0.68
C VAL A 13 1.83 -5.40 0.43
N GLY A 14 2.99 -5.34 1.01
CA GLY A 14 3.97 -6.44 0.81
C GLY A 14 4.13 -7.21 2.12
N PRO A 15 5.19 -7.97 2.19
CA PRO A 15 5.48 -8.77 3.41
C PRO A 15 5.95 -7.87 4.54
N SER A 16 6.85 -6.96 4.26
CA SER A 16 7.34 -6.05 5.32
C SER A 16 6.22 -5.10 5.78
N VAL A 17 5.55 -4.48 4.85
CA VAL A 17 4.44 -3.55 5.22
C VAL A 17 3.38 -4.31 6.02
N TRP A 18 2.97 -5.45 5.55
CA TRP A 18 1.95 -6.24 6.29
C TRP A 18 2.36 -6.40 7.75
N ALA A 19 3.50 -6.99 7.98
CA ALA A 19 3.97 -7.17 9.39
C ALA A 19 3.79 -5.87 10.17
N TYR A 20 4.06 -4.76 9.56
CA TYR A 20 3.89 -3.46 10.27
C TYR A 20 2.43 -3.24 10.64
N LEU A 21 1.58 -3.13 9.66
CA LEU A 21 0.13 -2.92 9.94
C LEU A 21 -0.32 -3.82 11.10
N VAL A 22 -0.10 -5.09 11.00
CA VAL A 22 -0.51 -6.01 12.10
C VAL A 22 -0.06 -5.45 13.45
N ALA A 23 1.19 -5.09 13.55
CA ALA A 23 1.70 -4.55 14.84
C ALA A 23 0.80 -3.41 15.33
N LEU A 24 0.40 -2.53 14.45
CA LEU A 24 -0.48 -1.41 14.85
C LEU A 24 -1.85 -1.94 15.30
N VAL A 25 -2.33 -2.97 14.67
CA VAL A 25 -3.65 -3.53 15.05
C VAL A 25 -3.54 -5.05 15.29
N GLY A 26 -3.70 -5.85 14.27
CA GLY A 26 -3.60 -7.32 14.46
C GLY A 26 -4.04 -8.03 13.17
N ALA A 27 -3.79 -9.30 13.06
CA ALA A 27 -4.19 -10.04 11.83
C ALA A 27 -5.71 -10.03 11.69
N ALA A 28 -6.42 -9.75 12.74
CA ALA A 28 -7.90 -9.73 12.64
C ALA A 28 -8.36 -8.51 11.84
N ALA A 29 -8.11 -7.34 12.34
CA ALA A 29 -8.51 -6.11 11.60
C ALA A 29 -7.79 -6.07 10.25
N VAL A 30 -6.68 -6.76 10.15
CA VAL A 30 -5.93 -6.77 8.87
C VAL A 30 -6.66 -7.63 7.84
N THR A 31 -7.34 -8.65 8.29
CA THR A 31 -8.08 -9.53 7.32
C THR A 31 -9.49 -8.98 7.07
N ALA A 32 -10.03 -8.25 8.00
CA ALA A 32 -11.39 -7.68 7.81
C ALA A 32 -11.32 -6.43 6.93
N ALA A 33 -10.20 -5.78 6.91
CA ALA A 33 -10.07 -4.55 6.08
C ALA A 33 -9.71 -4.93 4.64
N ASN A 34 -9.71 -6.19 4.32
CA ASN A 34 -9.38 -6.62 2.93
C ASN A 34 -7.99 -6.13 2.54
N ILE A 35 -6.97 -6.82 2.98
CA ILE A 35 -5.58 -6.43 2.63
C ILE A 35 -4.91 -7.57 1.86
N ARG A 36 -4.20 -7.25 0.81
CA ARG A 36 -3.53 -8.33 0.02
C ARG A 36 -2.00 -8.27 0.21
N ARG A 37 -1.36 -9.40 0.10
CA ARG A 37 0.12 -9.43 0.25
C ARG A 37 0.80 -9.48 -1.11
N ALA A 38 1.91 -8.80 -1.26
CA ALA A 38 2.61 -8.82 -2.58
C ALA A 38 4.02 -9.40 -2.42
N SER A 39 4.55 -9.98 -3.46
CA SER A 39 5.91 -10.57 -3.37
C SER A 39 6.85 -9.63 -2.61
N SER A 40 6.57 -8.35 -2.64
CA SER A 40 7.43 -7.38 -1.92
C SER A 40 6.71 -6.05 -1.75
N ASP A 41 7.37 -5.06 -1.21
CA ASP A 41 6.72 -3.73 -1.02
C ASP A 41 6.33 -3.14 -2.38
N ASN A 42 6.83 -3.71 -3.45
CA ASN A 42 6.49 -3.18 -4.80
C ASN A 42 5.30 -3.93 -5.39
N HIS A 43 4.13 -3.33 -5.38
CA HIS A 43 2.93 -4.02 -5.95
C HIS A 43 2.04 -3.02 -6.67
N SER A 44 0.94 -3.49 -7.19
CA SER A 44 0.00 -2.57 -7.90
C SER A 44 -1.06 -2.04 -6.94
N CYS A 45 -1.52 -0.84 -7.13
CA CYS A 45 -2.56 -0.28 -6.23
C CYS A 45 -3.62 0.46 -7.03
N ALA A 46 -4.62 0.98 -6.36
CA ALA A 46 -5.69 1.71 -7.09
C ALA A 46 -6.13 0.87 -8.29
N GLY A 47 -6.35 -0.40 -8.08
CA GLY A 47 -6.76 -1.28 -9.21
C GLY A 47 -5.62 -1.33 -10.22
N ASN A 48 -5.92 -1.56 -11.47
CA ASN A 48 -4.84 -1.60 -12.49
C ASN A 48 -4.54 -0.19 -12.97
N ARG A 49 -4.47 0.76 -12.08
CA ARG A 49 -4.20 2.16 -12.49
C ARG A 49 -2.81 2.60 -12.05
N GLY A 50 -2.36 2.22 -10.89
CA GLY A 50 -1.01 2.66 -10.45
C GLY A 50 -0.14 1.45 -10.07
N TRP A 51 1.14 1.66 -9.97
CA TRP A 51 2.08 0.56 -9.60
C TRP A 51 3.06 1.06 -8.55
N CYS A 52 3.80 0.19 -7.92
CA CYS A 52 4.76 0.66 -6.88
C CYS A 52 6.21 0.57 -7.38
N ARG A 53 6.87 1.69 -7.47
CA ARG A 53 8.29 1.71 -7.93
C ARG A 53 9.13 2.50 -6.93
N SER A 54 10.40 2.20 -6.82
CA SER A 54 11.25 2.97 -5.86
C SER A 54 11.08 4.46 -6.12
N LYS A 55 11.19 4.86 -7.35
CA LYS A 55 11.03 6.29 -7.70
C LYS A 55 10.21 6.40 -8.99
N CYS A 56 9.92 7.59 -9.45
CA CYS A 56 9.11 7.71 -10.70
C CYS A 56 9.48 8.99 -11.47
N PHE A 57 8.99 9.11 -12.68
CA PHE A 57 9.30 10.33 -13.48
C PHE A 57 8.41 11.51 -13.07
N ARG A 58 8.50 12.61 -13.76
CA ARG A 58 7.67 13.78 -13.41
C ARG A 58 6.28 13.67 -14.04
N HIS A 59 6.23 13.28 -15.29
CA HIS A 59 4.91 13.14 -15.96
C HIS A 59 3.97 12.32 -15.07
N GLU A 60 4.51 11.55 -14.16
CA GLU A 60 3.66 10.73 -13.27
C GLU A 60 3.80 11.23 -11.83
N TYR A 61 3.04 10.69 -10.91
CA TYR A 61 3.16 11.15 -9.50
C TYR A 61 3.07 9.96 -8.55
N VAL A 62 2.86 10.23 -7.30
CA VAL A 62 2.77 9.13 -6.31
C VAL A 62 1.45 9.25 -5.54
N ASP A 63 0.47 8.44 -5.87
CA ASP A 63 -0.84 8.52 -5.17
C ASP A 63 -0.63 8.60 -3.66
N THR A 64 -0.47 9.77 -3.14
CA THR A 64 -0.26 9.92 -1.66
C THR A 64 -1.21 9.00 -0.89
N TYR A 65 -2.33 8.66 -1.48
CA TYR A 65 -3.31 7.78 -0.78
C TYR A 65 -2.79 6.34 -0.70
N TYR A 66 -2.30 5.81 -1.79
CA TYR A 66 -1.81 4.40 -1.77
C TYR A 66 -0.31 4.34 -1.43
N SER A 67 0.33 5.48 -1.28
CA SER A 67 1.77 5.46 -0.92
C SER A 67 1.96 4.56 0.29
N ALA A 68 0.92 4.37 1.06
CA ALA A 68 1.01 3.51 2.27
C ALA A 68 1.13 2.04 1.87
N VAL A 69 0.11 1.48 1.24
CA VAL A 69 0.21 0.05 0.85
C VAL A 69 1.58 -0.24 0.23
N CYS A 70 2.16 0.74 -0.41
CA CYS A 70 3.51 0.52 -1.01
C CYS A 70 4.56 0.30 0.08
N GLY A 71 4.70 1.25 0.97
CA GLY A 71 5.70 1.09 2.06
C GLY A 71 6.97 1.86 1.70
N ARG A 72 8.09 1.19 1.64
CA ARG A 72 9.37 1.89 1.29
C ARG A 72 9.28 2.44 -0.13
N TYR A 73 8.57 1.79 -1.00
CA TYR A 73 8.45 2.29 -2.40
C TYR A 73 7.30 3.29 -2.52
N PHE A 74 7.01 3.74 -3.71
CA PHE A 74 5.90 4.72 -3.90
C PHE A 74 4.95 4.21 -4.99
N CYS A 75 3.69 4.13 -4.70
CA CYS A 75 2.73 3.67 -5.74
C CYS A 75 2.43 4.84 -6.68
N CYS A 76 3.10 4.90 -7.79
CA CYS A 76 2.86 6.02 -8.73
C CYS A 76 1.60 5.79 -9.55
N ARG A 77 1.16 6.80 -10.25
CA ARG A 77 -0.06 6.65 -11.08
C ARG A 77 -0.09 7.76 -12.15
N SER A 78 -1.00 7.67 -13.08
CA SER A 78 -1.08 8.71 -14.13
C SER A 78 -2.17 9.73 -13.79
N ARG A 79 -1.78 10.89 -13.34
CA ARG A 79 -2.78 11.93 -12.97
C ARG A 79 -3.14 12.77 -14.20
N ASN A 1 -7.67 10.81 17.92
CA ASN A 1 -6.55 9.83 17.73
C ASN A 1 -6.60 9.24 16.32
N PRO A 2 -5.49 9.37 15.62
CA PRO A 2 -5.40 8.84 14.25
C PRO A 2 -5.30 7.31 14.27
N LEU A 3 -5.99 6.64 13.39
CA LEU A 3 -5.93 5.15 13.36
C LEU A 3 -5.40 4.67 12.01
N ILE A 4 -5.59 3.42 11.69
CA ILE A 4 -5.09 2.89 10.39
C ILE A 4 -5.63 3.73 9.24
N PRO A 5 -4.83 3.84 8.21
CA PRO A 5 -5.24 4.60 7.01
C PRO A 5 -6.24 3.78 6.20
N ALA A 6 -6.92 4.40 5.30
CA ALA A 6 -7.91 3.68 4.46
C ALA A 6 -7.22 2.95 3.31
N ILE A 7 -6.06 3.42 2.92
CA ILE A 7 -5.31 2.77 1.80
C ILE A 7 -5.18 1.26 2.04
N TYR A 8 -4.57 0.86 3.12
CA TYR A 8 -4.42 -0.60 3.38
C TYR A 8 -5.75 -1.32 3.14
N ILE A 9 -6.84 -0.63 3.33
CA ILE A 9 -8.16 -1.27 3.09
C ILE A 9 -8.35 -1.53 1.59
N GLY A 10 -8.74 -2.71 1.23
CA GLY A 10 -8.94 -3.01 -0.21
C GLY A 10 -7.62 -2.71 -0.94
N ALA A 11 -6.52 -2.90 -0.27
CA ALA A 11 -5.20 -2.61 -0.91
C ALA A 11 -4.31 -3.86 -0.91
N THR A 12 -3.04 -3.70 -1.11
CA THR A 12 -2.13 -4.90 -1.13
C THR A 12 -0.71 -4.48 -0.73
N VAL A 13 -0.33 -4.68 0.50
CA VAL A 13 1.04 -4.30 0.92
C VAL A 13 2.01 -5.47 0.70
N GLY A 14 3.24 -5.32 1.12
CA GLY A 14 4.22 -6.42 0.94
C GLY A 14 4.29 -7.25 2.23
N PRO A 15 5.36 -7.98 2.36
CA PRO A 15 5.53 -8.83 3.56
C PRO A 15 5.87 -7.97 4.78
N SER A 16 6.81 -7.07 4.64
CA SER A 16 7.19 -6.19 5.78
C SER A 16 6.02 -5.29 6.16
N VAL A 17 5.41 -4.64 5.20
CA VAL A 17 4.27 -3.74 5.51
C VAL A 17 3.15 -4.53 6.20
N TRP A 18 2.81 -5.68 5.67
CA TRP A 18 1.73 -6.49 6.31
C TRP A 18 2.00 -6.66 7.80
N ALA A 19 3.10 -7.26 8.14
CA ALA A 19 3.43 -7.46 9.58
C ALA A 19 3.27 -6.15 10.35
N TYR A 20 3.59 -5.05 9.72
CA TYR A 20 3.46 -3.74 10.42
C TYR A 20 1.98 -3.46 10.73
N LEU A 21 1.17 -3.28 9.72
CA LEU A 21 -0.26 -3.01 9.97
C LEU A 21 -0.83 -4.05 10.92
N VAL A 22 -0.23 -5.22 10.98
CA VAL A 22 -0.72 -6.28 11.90
C VAL A 22 -0.36 -5.91 13.35
N ALA A 23 0.83 -5.43 13.56
CA ALA A 23 1.23 -5.04 14.94
C ALA A 23 0.32 -3.92 15.44
N LEU A 24 -0.19 -3.12 14.54
CA LEU A 24 -1.09 -2.01 14.94
C LEU A 24 -2.49 -2.53 15.24
N VAL A 25 -3.03 -3.36 14.38
CA VAL A 25 -4.40 -3.90 14.62
C VAL A 25 -4.34 -5.40 14.87
N GLY A 26 -3.56 -6.10 14.10
CA GLY A 26 -3.46 -7.58 14.26
C GLY A 26 -3.88 -8.24 12.95
N ALA A 27 -3.68 -9.52 12.81
CA ALA A 27 -4.08 -10.19 11.55
C ALA A 27 -5.60 -10.15 11.37
N ALA A 28 -6.33 -10.14 12.45
CA ALA A 28 -7.81 -10.11 12.34
C ALA A 28 -8.26 -8.79 11.71
N ALA A 29 -7.81 -7.69 12.22
CA ALA A 29 -8.21 -6.37 11.64
C ALA A 29 -7.66 -6.28 10.21
N VAL A 30 -6.44 -6.64 10.01
CA VAL A 30 -5.83 -6.57 8.65
C VAL A 30 -6.59 -7.50 7.69
N THR A 31 -7.20 -8.54 8.20
CA THR A 31 -7.94 -9.48 7.32
C THR A 31 -9.36 -8.94 7.04
N ALA A 32 -9.93 -8.25 7.98
CA ALA A 32 -11.30 -7.70 7.78
C ALA A 32 -11.23 -6.41 6.97
N ALA A 33 -10.07 -5.81 6.89
CA ALA A 33 -9.95 -4.55 6.11
C ALA A 33 -9.58 -4.85 4.65
N ASN A 34 -9.60 -6.10 4.28
CA ASN A 34 -9.25 -6.46 2.88
C ASN A 34 -7.83 -6.00 2.53
N ILE A 35 -6.84 -6.66 3.07
CA ILE A 35 -5.43 -6.28 2.78
C ILE A 35 -4.66 -7.50 2.27
N ARG A 36 -4.23 -7.47 1.04
CA ARG A 36 -3.49 -8.64 0.49
C ARG A 36 -1.97 -8.36 0.50
N ARG A 37 -1.18 -9.40 0.52
CA ARG A 37 0.30 -9.21 0.52
C ARG A 37 0.86 -9.40 -0.89
N ALA A 38 2.02 -8.86 -1.16
CA ALA A 38 2.61 -9.02 -2.52
C ALA A 38 4.04 -9.55 -2.42
N SER A 39 4.73 -9.65 -3.52
CA SER A 39 6.12 -10.15 -3.49
C SER A 39 7.01 -9.25 -2.62
N SER A 40 6.61 -8.02 -2.44
CA SER A 40 7.43 -7.10 -1.60
C SER A 40 6.75 -5.73 -1.49
N ASP A 41 7.44 -4.76 -0.97
CA ASP A 41 6.84 -3.40 -0.85
C ASP A 41 6.38 -2.89 -2.22
N ASN A 42 6.97 -3.41 -3.27
CA ASN A 42 6.57 -2.97 -4.64
C ASN A 42 5.43 -3.85 -5.16
N HIS A 43 4.25 -3.31 -5.28
CA HIS A 43 3.11 -4.13 -5.78
C HIS A 43 2.13 -3.27 -6.59
N SER A 44 1.06 -3.87 -7.02
CA SER A 44 0.05 -3.10 -7.82
C SER A 44 -0.90 -2.37 -6.87
N CYS A 45 -1.07 -1.09 -7.04
CA CYS A 45 -1.98 -0.33 -6.14
C CYS A 45 -2.96 0.51 -6.95
N ALA A 46 -3.94 1.08 -6.30
CA ALA A 46 -4.94 1.90 -7.03
C ALA A 46 -5.59 1.03 -8.12
N GLY A 47 -5.70 -0.25 -7.87
CA GLY A 47 -6.30 -1.15 -8.90
C GLY A 47 -5.37 -1.22 -10.10
N ASN A 48 -5.90 -1.30 -11.27
CA ASN A 48 -5.03 -1.34 -12.48
C ASN A 48 -4.73 0.08 -12.95
N ARG A 49 -4.60 1.01 -12.04
CA ARG A 49 -4.32 2.41 -12.45
C ARG A 49 -2.93 2.86 -11.99
N GLY A 50 -2.48 2.43 -10.85
CA GLY A 50 -1.14 2.85 -10.38
C GLY A 50 -0.31 1.64 -9.93
N TRP A 51 0.98 1.80 -9.89
CA TRP A 51 1.87 0.68 -9.45
C TRP A 51 2.84 1.22 -8.41
N CYS A 52 3.65 0.38 -7.82
CA CYS A 52 4.60 0.88 -6.79
C CYS A 52 6.06 0.63 -7.22
N ARG A 53 6.81 1.68 -7.42
CA ARG A 53 8.23 1.52 -7.82
C ARG A 53 9.11 2.42 -6.94
N SER A 54 10.40 2.28 -7.03
CA SER A 54 11.29 3.15 -6.20
C SER A 54 10.95 4.62 -6.47
N LYS A 55 10.86 4.97 -7.71
CA LYS A 55 10.53 6.38 -8.08
C LYS A 55 9.45 6.36 -9.18
N CYS A 56 8.98 7.51 -9.59
CA CYS A 56 7.94 7.55 -10.67
C CYS A 56 8.46 8.31 -11.88
N PHE A 57 7.69 8.36 -12.94
CA PHE A 57 8.14 9.08 -14.16
C PHE A 57 7.93 10.58 -14.00
N ARG A 58 8.21 11.35 -15.02
CA ARG A 58 8.03 12.83 -14.91
C ARG A 58 6.56 13.20 -15.17
N HIS A 59 5.93 12.56 -16.11
CA HIS A 59 4.50 12.89 -16.38
C HIS A 59 3.60 12.22 -15.35
N GLU A 60 4.16 11.61 -14.34
CA GLU A 60 3.31 10.95 -13.31
C GLU A 60 3.64 11.49 -11.92
N TYR A 61 3.11 10.87 -10.90
CA TYR A 61 3.39 11.34 -9.51
C TYR A 61 3.28 10.17 -8.53
N VAL A 62 3.13 10.47 -7.28
CA VAL A 62 3.02 9.38 -6.26
C VAL A 62 1.71 9.56 -5.50
N ASP A 63 0.68 8.81 -5.85
CA ASP A 63 -0.62 8.95 -5.13
C ASP A 63 -0.39 8.84 -3.63
N THR A 64 -0.12 9.95 -2.98
CA THR A 64 0.12 9.93 -1.51
C THR A 64 -0.87 9.00 -0.80
N TYR A 65 -2.03 8.79 -1.38
CA TYR A 65 -3.04 7.91 -0.73
C TYR A 65 -2.54 6.46 -0.68
N TYR A 66 -2.15 5.92 -1.80
CA TYR A 66 -1.67 4.50 -1.82
C TYR A 66 -0.20 4.41 -1.40
N SER A 67 0.48 5.53 -1.33
CA SER A 67 1.92 5.49 -0.90
C SER A 67 2.06 4.60 0.33
N ALA A 68 1.00 4.45 1.09
CA ALA A 68 1.06 3.61 2.31
C ALA A 68 1.25 2.14 1.94
N VAL A 69 0.24 1.50 1.39
CA VAL A 69 0.39 0.06 1.01
C VAL A 69 1.75 -0.16 0.36
N CYS A 70 2.29 0.85 -0.26
CA CYS A 70 3.63 0.71 -0.90
C CYS A 70 4.70 0.44 0.16
N GLY A 71 5.00 1.42 0.97
CA GLY A 71 6.03 1.21 2.03
C GLY A 71 7.32 1.91 1.61
N ARG A 72 8.40 1.18 1.48
CA ARG A 72 9.68 1.80 1.06
C ARG A 72 9.56 2.40 -0.34
N TYR A 73 8.67 1.88 -1.14
CA TYR A 73 8.49 2.44 -2.51
C TYR A 73 7.28 3.37 -2.55
N PHE A 74 7.03 3.97 -3.68
CA PHE A 74 5.85 4.88 -3.79
C PHE A 74 4.91 4.39 -4.88
N CYS A 75 3.64 4.42 -4.64
CA CYS A 75 2.68 3.98 -5.69
C CYS A 75 2.52 5.11 -6.71
N CYS A 76 3.17 5.03 -7.83
CA CYS A 76 3.03 6.13 -8.83
C CYS A 76 1.73 5.97 -9.61
N ARG A 77 1.28 7.02 -10.22
CA ARG A 77 0.01 6.95 -10.99
C ARG A 77 -0.07 8.09 -12.00
N SER A 78 -1.06 8.07 -12.85
CA SER A 78 -1.20 9.16 -13.86
C SER A 78 -2.29 10.14 -13.44
N ARG A 79 -1.91 11.36 -13.11
CA ARG A 79 -2.94 12.36 -12.68
C ARG A 79 -3.56 13.03 -13.92
N ASN A 1 -7.89 9.92 18.39
CA ASN A 1 -7.25 8.57 18.45
C ASN A 1 -6.81 8.13 17.04
N PRO A 2 -5.54 8.28 16.79
CA PRO A 2 -4.98 7.90 15.47
C PRO A 2 -4.90 6.37 15.34
N LEU A 3 -5.31 5.84 14.22
CA LEU A 3 -5.26 4.36 14.04
C LEU A 3 -4.97 4.02 12.57
N ILE A 4 -5.08 2.77 12.21
CA ILE A 4 -4.82 2.38 10.79
C ILE A 4 -5.51 3.37 9.84
N PRO A 5 -4.87 3.60 8.73
CA PRO A 5 -5.43 4.52 7.72
C PRO A 5 -6.59 3.84 6.99
N ALA A 6 -6.94 4.31 5.83
CA ALA A 6 -8.06 3.70 5.08
C ALA A 6 -7.55 3.14 3.74
N ILE A 7 -6.43 3.63 3.29
CA ILE A 7 -5.88 3.12 2.00
C ILE A 7 -5.70 1.60 2.06
N TYR A 8 -5.03 1.11 3.07
CA TYR A 8 -4.81 -0.36 3.18
C TYR A 8 -6.11 -1.10 2.91
N ILE A 9 -7.22 -0.47 3.14
CA ILE A 9 -8.52 -1.15 2.87
C ILE A 9 -8.61 -1.48 1.38
N GLY A 10 -8.87 -2.72 1.07
CA GLY A 10 -8.94 -3.10 -0.37
C GLY A 10 -7.60 -2.75 -1.02
N ALA A 11 -6.54 -2.86 -0.27
CA ALA A 11 -5.19 -2.53 -0.83
C ALA A 11 -4.32 -3.77 -0.93
N THR A 12 -3.02 -3.61 -1.06
CA THR A 12 -2.12 -4.79 -1.15
C THR A 12 -0.70 -4.42 -0.74
N VAL A 13 -0.33 -4.67 0.48
CA VAL A 13 1.04 -4.31 0.93
C VAL A 13 1.97 -5.53 0.80
N GLY A 14 3.24 -5.35 1.04
CA GLY A 14 4.20 -6.49 0.93
C GLY A 14 4.22 -7.27 2.25
N PRO A 15 5.24 -8.06 2.41
CA PRO A 15 5.39 -8.88 3.63
C PRO A 15 5.81 -8.00 4.81
N SER A 16 6.85 -7.23 4.64
CA SER A 16 7.31 -6.34 5.76
C SER A 16 6.20 -5.37 6.16
N VAL A 17 5.62 -4.69 5.21
CA VAL A 17 4.53 -3.72 5.53
C VAL A 17 3.38 -4.45 6.23
N TRP A 18 2.96 -5.56 5.70
CA TRP A 18 1.85 -6.32 6.34
C TRP A 18 2.16 -6.54 7.81
N ALA A 19 3.26 -7.18 8.10
CA ALA A 19 3.63 -7.44 9.52
C ALA A 19 3.46 -6.16 10.35
N TYR A 20 3.82 -5.04 9.80
CA TYR A 20 3.67 -3.75 10.56
C TYR A 20 2.20 -3.52 10.91
N LEU A 21 1.35 -3.47 9.91
CA LEU A 21 -0.10 -3.25 10.17
C LEU A 21 -0.60 -4.24 11.22
N VAL A 22 -0.06 -5.44 11.23
CA VAL A 22 -0.52 -6.43 12.24
C VAL A 22 -0.17 -5.95 13.64
N ALA A 23 1.04 -5.51 13.84
CA ALA A 23 1.44 -5.01 15.19
C ALA A 23 0.47 -3.93 15.65
N LEU A 24 0.07 -3.06 14.76
CA LEU A 24 -0.89 -1.98 15.14
C LEU A 24 -2.22 -2.59 15.59
N VAL A 25 -2.66 -3.62 14.91
CA VAL A 25 -3.95 -4.26 15.29
C VAL A 25 -3.78 -5.79 15.35
N GLY A 26 -3.96 -6.48 14.26
CA GLY A 26 -3.81 -7.95 14.25
C GLY A 26 -4.25 -8.51 12.91
N ALA A 27 -3.94 -9.75 12.63
CA ALA A 27 -4.34 -10.35 11.32
C ALA A 27 -5.87 -10.40 11.20
N ALA A 28 -6.57 -10.33 12.31
CA ALA A 28 -8.05 -10.37 12.25
C ALA A 28 -8.58 -9.08 11.64
N ALA A 29 -8.33 -7.96 12.26
CA ALA A 29 -8.82 -6.67 11.71
C ALA A 29 -8.15 -6.42 10.36
N VAL A 30 -6.98 -6.94 10.16
CA VAL A 30 -6.27 -6.74 8.87
C VAL A 30 -6.98 -7.55 7.77
N THR A 31 -7.56 -8.66 8.13
CA THR A 31 -8.27 -9.49 7.11
C THR A 31 -9.62 -8.85 6.76
N ALA A 32 -10.27 -8.27 7.73
CA ALA A 32 -11.60 -7.63 7.45
C ALA A 32 -11.40 -6.36 6.63
N ALA A 33 -10.27 -5.73 6.76
CA ALA A 33 -10.02 -4.48 5.98
C ALA A 33 -9.65 -4.82 4.53
N ASN A 34 -9.71 -6.07 4.17
CA ASN A 34 -9.36 -6.46 2.77
C ASN A 34 -7.94 -6.00 2.42
N ILE A 35 -6.95 -6.68 2.95
CA ILE A 35 -5.54 -6.32 2.66
C ILE A 35 -4.81 -7.52 2.03
N ARG A 36 -4.29 -7.36 0.86
CA ARG A 36 -3.58 -8.50 0.20
C ARG A 36 -2.06 -8.33 0.35
N ARG A 37 -1.35 -9.43 0.40
CA ARG A 37 0.14 -9.34 0.54
C ARG A 37 0.80 -9.31 -0.84
N ALA A 38 2.00 -8.83 -0.92
CA ALA A 38 2.70 -8.77 -2.24
C ALA A 38 4.13 -9.31 -2.11
N SER A 39 4.66 -9.87 -3.16
CA SER A 39 6.05 -10.41 -3.10
C SER A 39 6.96 -9.44 -2.34
N SER A 40 6.64 -8.18 -2.36
CA SER A 40 7.47 -7.18 -1.63
C SER A 40 6.79 -5.81 -1.65
N ASP A 41 7.46 -4.80 -1.16
CA ASP A 41 6.84 -3.44 -1.15
C ASP A 41 6.45 -3.02 -2.56
N ASN A 42 6.99 -3.67 -3.56
CA ASN A 42 6.65 -3.31 -4.96
C ASN A 42 5.42 -4.09 -5.44
N HIS A 43 4.26 -3.50 -5.39
CA HIS A 43 3.04 -4.22 -5.85
C HIS A 43 2.09 -3.26 -6.57
N SER A 44 1.01 -3.77 -7.09
CA SER A 44 0.04 -2.91 -7.81
C SER A 44 -0.87 -2.20 -6.80
N CYS A 45 -1.03 -0.92 -6.91
CA CYS A 45 -1.91 -0.19 -5.95
C CYS A 45 -3.02 0.54 -6.70
N ALA A 46 -3.94 1.13 -5.97
CA ALA A 46 -5.06 1.86 -6.62
C ALA A 46 -5.67 0.96 -7.69
N GLY A 47 -5.91 -0.29 -7.37
CA GLY A 47 -6.49 -1.22 -8.38
C GLY A 47 -5.51 -1.33 -9.55
N ASN A 48 -6.01 -1.61 -10.72
CA ASN A 48 -5.10 -1.71 -11.89
C ASN A 48 -4.86 -0.32 -12.49
N ARG A 49 -4.69 0.67 -11.65
CA ARG A 49 -4.48 2.05 -12.17
C ARG A 49 -3.06 2.54 -11.85
N GLY A 50 -2.54 2.22 -10.69
CA GLY A 50 -1.17 2.68 -10.34
C GLY A 50 -0.30 1.49 -9.93
N TRP A 51 0.98 1.71 -9.82
CA TRP A 51 1.90 0.60 -9.42
C TRP A 51 2.90 1.10 -8.37
N CYS A 52 3.67 0.21 -7.80
CA CYS A 52 4.65 0.65 -6.77
C CYS A 52 6.07 0.68 -7.34
N ARG A 53 6.65 1.84 -7.49
CA ARG A 53 8.03 1.93 -8.03
C ARG A 53 8.90 2.78 -7.08
N SER A 54 10.14 2.42 -6.92
CA SER A 54 11.03 3.21 -6.01
C SER A 54 10.95 4.69 -6.41
N LYS A 55 11.05 4.94 -7.68
CA LYS A 55 10.98 6.33 -8.18
C LYS A 55 10.11 6.35 -9.45
N CYS A 56 9.84 7.51 -10.00
CA CYS A 56 9.00 7.56 -11.23
C CYS A 56 9.33 8.81 -12.06
N PHE A 57 8.79 8.88 -13.26
CA PHE A 57 9.08 10.06 -14.13
C PHE A 57 8.21 11.25 -13.73
N ARG A 58 8.39 12.37 -14.38
CA ARG A 58 7.58 13.57 -14.05
C ARG A 58 6.20 13.48 -14.67
N HIS A 59 6.12 13.06 -15.90
CA HIS A 59 4.78 12.94 -16.55
C HIS A 59 3.83 12.21 -15.62
N GLU A 60 4.36 11.44 -14.70
CA GLU A 60 3.49 10.70 -13.75
C GLU A 60 3.70 11.26 -12.34
N TYR A 61 3.08 10.67 -11.36
CA TYR A 61 3.27 11.17 -9.96
C TYR A 61 3.20 10.03 -8.97
N VAL A 62 3.02 10.36 -7.72
CA VAL A 62 2.94 9.31 -6.67
C VAL A 62 1.69 9.54 -5.84
N ASP A 63 0.62 8.83 -6.11
CA ASP A 63 -0.63 9.02 -5.34
C ASP A 63 -0.32 8.97 -3.84
N THR A 64 -0.01 10.10 -3.27
CA THR A 64 0.31 10.13 -1.81
C THR A 64 -0.66 9.24 -1.03
N TYR A 65 -1.84 9.05 -1.55
CA TYR A 65 -2.85 8.21 -0.84
C TYR A 65 -2.39 6.75 -0.78
N TYR A 66 -1.99 6.19 -1.89
CA TYR A 66 -1.55 4.76 -1.89
C TYR A 66 -0.07 4.62 -1.52
N SER A 67 0.62 5.71 -1.33
CA SER A 67 2.06 5.63 -0.96
C SER A 67 2.21 4.78 0.32
N ALA A 68 1.13 4.58 1.04
CA ALA A 68 1.20 3.78 2.29
C ALA A 68 1.41 2.30 1.98
N VAL A 69 0.55 1.70 1.19
CA VAL A 69 0.72 0.26 0.87
C VAL A 69 2.05 0.05 0.15
N CYS A 70 2.51 1.05 -0.55
CA CYS A 70 3.80 0.92 -1.27
C CYS A 70 4.95 0.73 -0.26
N GLY A 71 5.02 1.56 0.74
CA GLY A 71 6.10 1.43 1.75
C GLY A 71 7.34 2.20 1.28
N ARG A 72 8.50 1.63 1.43
CA ARG A 72 9.74 2.32 1.00
C ARG A 72 9.56 2.87 -0.42
N TYR A 73 8.79 2.19 -1.23
CA TYR A 73 8.56 2.66 -2.62
C TYR A 73 7.39 3.63 -2.66
N PHE A 74 7.03 4.09 -3.83
CA PHE A 74 5.88 5.04 -3.93
C PHE A 74 4.88 4.50 -4.95
N CYS A 75 3.62 4.57 -4.64
CA CYS A 75 2.60 4.08 -5.61
C CYS A 75 2.39 5.16 -6.68
N CYS A 76 3.02 5.02 -7.81
CA CYS A 76 2.85 6.05 -8.86
C CYS A 76 1.54 5.85 -9.60
N ARG A 77 1.14 6.82 -10.35
CA ARG A 77 -0.13 6.71 -11.13
C ARG A 77 -0.14 7.75 -12.25
N SER A 78 -1.15 7.72 -13.07
CA SER A 78 -1.23 8.70 -14.18
C SER A 78 -2.32 9.74 -13.90
N ARG A 79 -1.93 10.93 -13.52
CA ARG A 79 -2.95 11.98 -13.21
C ARG A 79 -3.83 12.22 -14.44
N ASN A 1 -0.75 9.72 17.43
CA ASN A 1 -0.80 8.60 16.46
C ASN A 1 -2.25 8.22 16.15
N PRO A 2 -2.68 8.56 14.97
CA PRO A 2 -4.07 8.25 14.54
C PRO A 2 -4.24 6.76 14.28
N LEU A 3 -5.45 6.28 14.27
CA LEU A 3 -5.68 4.82 14.02
C LEU A 3 -5.07 4.42 12.68
N ILE A 4 -5.45 3.27 12.18
CA ILE A 4 -4.89 2.82 10.86
C ILE A 4 -5.36 3.74 9.74
N PRO A 5 -4.55 3.83 8.72
CA PRO A 5 -4.89 4.67 7.56
C PRO A 5 -5.96 4.01 6.71
N ALA A 6 -6.57 4.74 5.83
CA ALA A 6 -7.63 4.16 4.97
C ALA A 6 -7.01 3.50 3.73
N ILE A 7 -5.83 3.91 3.36
CA ILE A 7 -5.17 3.32 2.16
C ILE A 7 -4.98 1.81 2.34
N TYR A 8 -4.65 1.38 3.53
CA TYR A 8 -4.43 -0.08 3.76
C TYR A 8 -5.74 -0.84 3.54
N ILE A 9 -6.85 -0.16 3.57
CA ILE A 9 -8.15 -0.85 3.34
C ILE A 9 -8.36 -1.00 1.84
N GLY A 10 -8.57 -2.21 1.39
CA GLY A 10 -8.75 -2.43 -0.07
C GLY A 10 -7.42 -2.15 -0.76
N ALA A 11 -6.33 -2.42 -0.08
CA ALA A 11 -4.98 -2.16 -0.70
C ALA A 11 -4.18 -3.45 -0.80
N THR A 12 -2.89 -3.36 -0.99
CA THR A 12 -2.05 -4.59 -1.11
C THR A 12 -0.61 -4.29 -0.71
N VAL A 13 -0.24 -4.53 0.51
CA VAL A 13 1.16 -4.26 0.94
C VAL A 13 2.03 -5.49 0.72
N GLY A 14 3.32 -5.34 0.89
CA GLY A 14 4.22 -6.52 0.70
C GLY A 14 4.26 -7.35 1.98
N PRO A 15 5.29 -8.16 2.10
CA PRO A 15 5.44 -9.02 3.28
C PRO A 15 5.90 -8.18 4.49
N SER A 16 6.85 -7.31 4.30
CA SER A 16 7.34 -6.48 5.43
C SER A 16 6.25 -5.50 5.88
N VAL A 17 5.73 -4.72 4.97
CA VAL A 17 4.66 -3.75 5.35
C VAL A 17 3.50 -4.51 5.99
N TRP A 18 3.09 -5.60 5.40
CA TRP A 18 1.96 -6.38 5.99
C TRP A 18 2.24 -6.65 7.46
N ALA A 19 3.28 -7.38 7.74
CA ALA A 19 3.63 -7.68 9.16
C ALA A 19 3.45 -6.43 10.02
N TYR A 20 3.81 -5.29 9.52
CA TYR A 20 3.65 -4.04 10.31
C TYR A 20 2.16 -3.77 10.59
N LEU A 21 1.38 -3.62 9.56
CA LEU A 21 -0.07 -3.37 9.77
C LEU A 21 -0.65 -4.37 10.78
N VAL A 22 -0.49 -5.64 10.53
CA VAL A 22 -1.01 -6.65 11.48
C VAL A 22 -0.70 -6.25 12.93
N ALA A 23 0.56 -6.06 13.23
CA ALA A 23 0.94 -5.66 14.61
C ALA A 23 0.07 -4.48 15.08
N LEU A 24 -0.14 -3.51 14.22
CA LEU A 24 -0.97 -2.35 14.61
C LEU A 24 -2.32 -2.81 15.15
N VAL A 25 -2.92 -3.78 14.50
CA VAL A 25 -4.23 -4.29 14.98
C VAL A 25 -4.18 -5.82 15.13
N GLY A 26 -4.45 -6.54 14.07
CA GLY A 26 -4.41 -8.03 14.16
C GLY A 26 -4.85 -8.62 12.82
N ALA A 27 -4.62 -9.89 12.62
CA ALA A 27 -5.01 -10.52 11.34
C ALA A 27 -6.53 -10.44 11.14
N ALA A 28 -7.26 -10.23 12.19
CA ALA A 28 -8.74 -10.13 12.06
C ALA A 28 -9.11 -8.81 11.38
N ALA A 29 -8.82 -7.71 12.00
CA ALA A 29 -9.14 -6.39 11.37
C ALA A 29 -8.32 -6.23 10.09
N VAL A 30 -7.25 -6.98 9.97
CA VAL A 30 -6.41 -6.88 8.75
C VAL A 30 -7.07 -7.65 7.60
N THR A 31 -7.75 -8.72 7.90
CA THR A 31 -8.42 -9.50 6.83
C THR A 31 -9.75 -8.85 6.45
N ALA A 32 -10.41 -8.25 7.41
CA ALA A 32 -11.71 -7.58 7.11
C ALA A 32 -11.46 -6.23 6.44
N ALA A 33 -10.31 -5.66 6.65
CA ALA A 33 -10.00 -4.34 6.03
C ALA A 33 -9.62 -4.53 4.56
N ASN A 34 -9.72 -5.73 4.07
CA ASN A 34 -9.37 -5.99 2.64
C ASN A 34 -7.90 -5.64 2.37
N ILE A 35 -6.99 -6.34 2.99
CA ILE A 35 -5.55 -6.06 2.77
C ILE A 35 -4.90 -7.27 2.08
N ARG A 36 -4.20 -7.04 1.00
CA ARG A 36 -3.56 -8.18 0.28
C ARG A 36 -2.04 -8.12 0.44
N ARG A 37 -1.41 -9.26 0.53
CA ARG A 37 0.08 -9.27 0.67
C ARG A 37 0.74 -9.32 -0.71
N ALA A 38 1.94 -8.84 -0.83
CA ALA A 38 2.62 -8.85 -2.15
C ALA A 38 4.01 -9.47 -2.02
N SER A 39 4.67 -9.72 -3.13
CA SER A 39 6.03 -10.31 -3.07
C SER A 39 6.97 -9.42 -2.27
N SER A 40 6.78 -8.13 -2.34
CA SER A 40 7.66 -7.21 -1.58
C SER A 40 6.98 -5.84 -1.40
N ASP A 41 7.62 -4.93 -0.73
CA ASP A 41 7.01 -3.58 -0.53
C ASP A 41 6.57 -3.00 -1.87
N ASN A 42 7.29 -3.29 -2.92
CA ASN A 42 6.90 -2.75 -4.25
C ASN A 42 5.81 -3.62 -4.88
N HIS A 43 4.56 -3.21 -4.79
CA HIS A 43 3.47 -4.03 -5.37
C HIS A 43 2.49 -3.13 -6.13
N SER A 44 1.50 -3.71 -6.75
CA SER A 44 0.51 -2.89 -7.50
C SER A 44 -0.45 -2.20 -6.52
N CYS A 45 -0.80 -0.98 -6.80
CA CYS A 45 -1.74 -0.26 -5.89
C CYS A 45 -2.88 0.38 -6.67
N ALA A 46 -3.77 1.02 -5.99
CA ALA A 46 -4.93 1.66 -6.68
C ALA A 46 -5.48 0.69 -7.73
N GLY A 47 -5.64 -0.55 -7.37
CA GLY A 47 -6.15 -1.55 -8.35
C GLY A 47 -5.12 -1.74 -9.45
N ASN A 48 -5.52 -2.19 -10.59
CA ASN A 48 -4.54 -2.38 -11.70
C ASN A 48 -4.32 -1.06 -12.44
N ARG A 49 -4.23 0.03 -11.72
CA ARG A 49 -4.03 1.34 -12.38
C ARG A 49 -2.72 1.99 -11.92
N GLY A 50 -2.34 1.79 -10.69
CA GLY A 50 -1.08 2.42 -10.19
C GLY A 50 -0.11 1.33 -9.72
N TRP A 51 1.10 1.70 -9.37
CA TRP A 51 2.08 0.69 -8.91
C TRP A 51 3.07 1.33 -7.93
N CYS A 52 3.76 0.54 -7.15
CA CYS A 52 4.74 1.12 -6.17
C CYS A 52 6.15 1.09 -6.77
N ARG A 53 6.64 2.23 -7.20
CA ARG A 53 8.01 2.27 -7.79
C ARG A 53 8.90 3.22 -6.98
N SER A 54 10.18 2.99 -6.95
CA SER A 54 11.08 3.89 -6.19
C SER A 54 10.92 5.32 -6.72
N LYS A 55 11.06 5.49 -8.00
CA LYS A 55 10.90 6.83 -8.61
C LYS A 55 9.90 6.73 -9.77
N CYS A 56 9.51 7.83 -10.34
CA CYS A 56 8.54 7.76 -11.47
C CYS A 56 8.76 8.91 -12.46
N PHE A 57 8.14 8.83 -13.62
CA PHE A 57 8.31 9.90 -14.64
C PHE A 57 7.43 11.11 -14.32
N ARG A 58 7.55 12.16 -15.09
CA ARG A 58 6.72 13.37 -14.82
C ARG A 58 5.28 13.13 -15.27
N HIS A 59 5.08 12.56 -16.42
CA HIS A 59 3.70 12.30 -16.90
C HIS A 59 2.89 11.64 -15.77
N GLU A 60 3.56 11.03 -14.84
CA GLU A 60 2.84 10.37 -13.71
C GLU A 60 3.22 11.03 -12.38
N TYR A 61 2.59 10.64 -11.31
CA TYR A 61 2.96 11.23 -9.99
C TYR A 61 3.09 10.14 -8.94
N VAL A 62 3.15 10.53 -7.70
CA VAL A 62 3.29 9.51 -6.61
C VAL A 62 2.02 9.52 -5.74
N ASP A 63 1.05 8.71 -6.09
CA ASP A 63 -0.20 8.66 -5.28
C ASP A 63 0.11 8.74 -3.79
N THR A 64 0.14 9.92 -3.24
CA THR A 64 0.45 10.08 -1.80
C THR A 64 -0.46 9.19 -0.95
N TYR A 65 -1.60 8.84 -1.47
CA TYR A 65 -2.56 8.00 -0.69
C TYR A 65 -2.08 6.54 -0.63
N TYR A 66 -1.62 6.00 -1.72
CA TYR A 66 -1.17 4.58 -1.72
C TYR A 66 0.32 4.46 -1.36
N SER A 67 1.03 5.55 -1.32
CA SER A 67 2.48 5.46 -0.95
C SER A 67 2.62 4.67 0.35
N ALA A 68 1.56 4.63 1.12
CA ALA A 68 1.60 3.88 2.41
C ALA A 68 1.71 2.37 2.16
N VAL A 69 0.83 1.82 1.36
CA VAL A 69 0.90 0.34 1.11
C VAL A 69 2.25 -0.02 0.48
N CYS A 70 2.80 0.83 -0.34
CA CYS A 70 4.13 0.50 -0.94
C CYS A 70 5.17 0.32 0.15
N GLY A 71 5.28 1.27 1.04
CA GLY A 71 6.28 1.14 2.14
C GLY A 71 7.57 1.87 1.74
N ARG A 72 8.57 1.13 1.34
CA ARG A 72 9.84 1.79 0.93
C ARG A 72 9.69 2.39 -0.47
N TYR A 73 8.57 2.16 -1.11
CA TYR A 73 8.35 2.72 -2.47
C TYR A 73 7.14 3.65 -2.47
N PHE A 74 6.84 4.25 -3.60
CA PHE A 74 5.67 5.16 -3.66
C PHE A 74 4.67 4.65 -4.71
N CYS A 75 3.40 4.69 -4.42
CA CYS A 75 2.41 4.21 -5.43
C CYS A 75 2.18 5.29 -6.46
N CYS A 76 2.88 5.27 -7.56
CA CYS A 76 2.65 6.32 -8.57
C CYS A 76 1.38 6.00 -9.34
N ARG A 77 0.93 6.91 -10.15
CA ARG A 77 -0.31 6.68 -10.92
C ARG A 77 -0.39 7.62 -12.12
N SER A 78 -1.45 7.55 -12.85
CA SER A 78 -1.58 8.46 -14.03
C SER A 78 -2.67 9.51 -13.78
N ARG A 79 -2.29 10.64 -13.24
CA ARG A 79 -3.30 11.70 -12.96
C ARG A 79 -3.72 12.38 -14.26
N ASN A 1 -3.74 8.51 11.93
CA ASN A 1 -2.59 7.87 12.65
C ASN A 1 -3.09 6.68 13.47
N PRO A 2 -3.98 6.96 14.38
CA PRO A 2 -4.54 5.90 15.26
C PRO A 2 -5.49 5.00 14.46
N LEU A 3 -5.75 3.81 14.95
CA LEU A 3 -6.66 2.89 14.23
C LEU A 3 -6.16 2.66 12.80
N ILE A 4 -6.62 1.61 12.17
CA ILE A 4 -6.16 1.33 10.77
C ILE A 4 -6.48 2.53 9.87
N PRO A 5 -5.59 2.77 8.94
CA PRO A 5 -5.76 3.88 7.98
C PRO A 5 -6.86 3.53 6.97
N ALA A 6 -6.85 4.17 5.84
CA ALA A 6 -7.88 3.87 4.81
C ALA A 6 -7.20 3.28 3.57
N ILE A 7 -6.07 3.80 3.20
CA ILE A 7 -5.34 3.27 2.00
C ILE A 7 -5.05 1.78 2.19
N TYR A 8 -4.71 1.37 3.37
CA TYR A 8 -4.40 -0.07 3.61
C TYR A 8 -5.63 -0.93 3.33
N ILE A 9 -6.80 -0.37 3.45
CA ILE A 9 -8.03 -1.16 3.18
C ILE A 9 -8.16 -1.37 1.67
N GLY A 10 -8.64 -2.51 1.25
CA GLY A 10 -8.77 -2.77 -0.21
C GLY A 10 -7.44 -2.43 -0.87
N ALA A 11 -6.35 -2.71 -0.21
CA ALA A 11 -5.01 -2.38 -0.80
C ALA A 11 -4.15 -3.65 -0.89
N THR A 12 -2.87 -3.49 -1.09
CA THR A 12 -1.99 -4.68 -1.19
C THR A 12 -0.57 -4.33 -0.73
N VAL A 13 -0.27 -4.53 0.53
CA VAL A 13 1.10 -4.19 1.02
C VAL A 13 2.02 -5.41 0.85
N GLY A 14 3.31 -5.20 0.90
CA GLY A 14 4.25 -6.35 0.76
C GLY A 14 4.22 -7.18 2.04
N PRO A 15 5.19 -8.05 2.16
CA PRO A 15 5.28 -8.93 3.35
C PRO A 15 5.74 -8.13 4.57
N SER A 16 6.67 -7.22 4.38
CA SER A 16 7.17 -6.41 5.53
C SER A 16 6.07 -5.46 6.01
N VAL A 17 5.49 -4.71 5.12
CA VAL A 17 4.41 -3.76 5.55
C VAL A 17 3.28 -4.52 6.24
N TRP A 18 2.85 -5.61 5.67
CA TRP A 18 1.76 -6.40 6.31
C TRP A 18 2.10 -6.65 7.77
N ALA A 19 3.19 -7.33 8.02
CA ALA A 19 3.58 -7.60 9.44
C ALA A 19 3.42 -6.34 10.29
N TYR A 20 3.85 -5.22 9.79
CA TYR A 20 3.71 -3.95 10.58
C TYR A 20 2.25 -3.69 10.92
N LEU A 21 1.45 -3.43 9.92
CA LEU A 21 0.00 -3.17 10.17
C LEU A 21 -0.53 -4.14 11.24
N VAL A 22 -0.39 -5.42 11.01
CA VAL A 22 -0.88 -6.42 12.00
C VAL A 22 -0.54 -5.96 13.42
N ALA A 23 0.72 -5.71 13.67
CA ALA A 23 1.12 -5.25 15.03
C ALA A 23 0.20 -4.12 15.50
N LEU A 24 -0.07 -3.17 14.64
CA LEU A 24 -0.96 -2.03 15.03
C LEU A 24 -2.32 -2.57 15.49
N VAL A 25 -2.93 -3.43 14.71
CA VAL A 25 -4.25 -3.99 15.11
C VAL A 25 -4.15 -5.51 15.31
N GLY A 26 -4.33 -6.27 14.27
CA GLY A 26 -4.24 -7.75 14.41
C GLY A 26 -4.60 -8.41 13.07
N ALA A 27 -4.31 -9.68 12.94
CA ALA A 27 -4.64 -10.38 11.65
C ALA A 27 -6.14 -10.37 11.41
N ALA A 28 -6.93 -10.17 12.44
CA ALA A 28 -8.40 -10.16 12.24
C ALA A 28 -8.82 -8.88 11.52
N ALA A 29 -8.60 -7.74 12.12
CA ALA A 29 -8.98 -6.47 11.45
C ALA A 29 -8.19 -6.33 10.15
N VAL A 30 -7.10 -7.06 10.04
CA VAL A 30 -6.28 -6.97 8.80
C VAL A 30 -6.98 -7.72 7.66
N THR A 31 -7.57 -8.86 7.96
CA THR A 31 -8.27 -9.63 6.90
C THR A 31 -9.63 -8.99 6.60
N ALA A 32 -10.22 -8.35 7.57
CA ALA A 32 -11.55 -7.70 7.33
C ALA A 32 -11.36 -6.38 6.61
N ALA A 33 -10.21 -5.78 6.73
CA ALA A 33 -9.96 -4.48 6.05
C ALA A 33 -9.62 -4.71 4.58
N ASN A 34 -9.71 -5.94 4.13
CA ASN A 34 -9.40 -6.24 2.70
C ASN A 34 -7.96 -5.83 2.36
N ILE A 35 -7.00 -6.52 2.90
CA ILE A 35 -5.58 -6.18 2.61
C ILE A 35 -4.89 -7.39 1.95
N ARG A 36 -4.13 -7.16 0.92
CA ARG A 36 -3.44 -8.29 0.24
C ARG A 36 -1.93 -8.17 0.38
N ARG A 37 -1.24 -9.28 0.41
CA ARG A 37 0.25 -9.23 0.54
C ARG A 37 0.90 -9.39 -0.83
N ALA A 38 1.98 -8.70 -1.07
CA ALA A 38 2.65 -8.82 -2.40
C ALA A 38 4.04 -9.45 -2.24
N SER A 39 4.62 -9.91 -3.32
CA SER A 39 5.96 -10.54 -3.23
C SER A 39 6.91 -9.65 -2.42
N SER A 40 6.69 -8.37 -2.41
CA SER A 40 7.58 -7.45 -1.64
C SER A 40 6.92 -6.08 -1.47
N ASP A 41 7.68 -5.11 -1.02
CA ASP A 41 7.10 -3.75 -0.83
C ASP A 41 6.67 -3.16 -2.18
N ASN A 42 7.23 -3.65 -3.25
CA ASN A 42 6.85 -3.13 -4.60
C ASN A 42 5.66 -3.91 -5.15
N HIS A 43 4.51 -3.28 -5.23
CA HIS A 43 3.31 -3.99 -5.76
C HIS A 43 2.39 -3.01 -6.49
N SER A 44 1.35 -3.52 -7.08
CA SER A 44 0.40 -2.62 -7.80
C SER A 44 -0.54 -1.95 -6.78
N CYS A 45 -0.82 -0.69 -6.97
CA CYS A 45 -1.72 0.01 -6.02
C CYS A 45 -2.81 0.76 -6.77
N ALA A 46 -3.71 1.36 -6.05
CA ALA A 46 -4.81 2.11 -6.72
C ALA A 46 -5.43 1.23 -7.81
N GLY A 47 -5.58 -0.04 -7.54
CA GLY A 47 -6.16 -0.96 -8.55
C GLY A 47 -5.13 -1.19 -9.65
N ASN A 48 -5.56 -1.46 -10.85
CA ASN A 48 -4.59 -1.68 -11.96
C ASN A 48 -4.26 -0.34 -12.62
N ARG A 49 -4.40 0.74 -11.91
CA ARG A 49 -4.10 2.07 -12.49
C ARG A 49 -2.78 2.62 -11.94
N GLY A 50 -2.41 2.25 -10.74
CA GLY A 50 -1.14 2.77 -10.17
C GLY A 50 -0.23 1.61 -9.79
N TRP A 51 1.03 1.88 -9.57
CA TRP A 51 1.99 0.80 -9.20
C TRP A 51 2.99 1.33 -8.17
N CYS A 52 3.84 0.48 -7.64
CA CYS A 52 4.82 0.96 -6.63
C CYS A 52 6.24 0.97 -7.21
N ARG A 53 6.81 2.13 -7.38
CA ARG A 53 8.19 2.23 -7.93
C ARG A 53 9.02 3.19 -7.08
N SER A 54 10.28 2.91 -6.90
CA SER A 54 11.13 3.84 -6.09
C SER A 54 10.86 5.27 -6.55
N LYS A 55 10.71 5.46 -7.83
CA LYS A 55 10.44 6.80 -8.38
C LYS A 55 9.33 6.69 -9.44
N CYS A 56 8.81 7.78 -9.91
CA CYS A 56 7.73 7.72 -10.94
C CYS A 56 8.19 8.41 -12.22
N PHE A 57 7.37 8.39 -13.25
CA PHE A 57 7.77 9.05 -14.52
C PHE A 57 7.34 10.51 -14.53
N ARG A 58 7.42 11.16 -15.66
CA ARG A 58 7.01 12.59 -15.74
C ARG A 58 5.50 12.69 -15.96
N HIS A 59 4.96 11.86 -16.82
CA HIS A 59 3.50 11.91 -17.07
C HIS A 59 2.75 11.34 -15.86
N GLU A 60 3.46 10.90 -14.85
CA GLU A 60 2.78 10.33 -13.65
C GLU A 60 3.29 11.04 -12.39
N TYR A 61 2.80 10.65 -11.24
CA TYR A 61 3.25 11.29 -9.98
C TYR A 61 3.42 10.24 -8.89
N VAL A 62 3.48 10.66 -7.66
CA VAL A 62 3.63 9.69 -6.55
C VAL A 62 2.35 9.63 -5.72
N ASP A 63 1.42 8.79 -6.09
CA ASP A 63 0.14 8.68 -5.33
C ASP A 63 0.42 8.75 -3.82
N THR A 64 0.37 9.93 -3.27
CA THR A 64 0.64 10.06 -1.80
C THR A 64 -0.34 9.19 -1.00
N TYR A 65 -1.55 9.06 -1.46
CA TYR A 65 -2.55 8.24 -0.73
C TYR A 65 -2.11 6.77 -0.68
N TYR A 66 -1.68 6.23 -1.78
CA TYR A 66 -1.25 4.80 -1.78
C TYR A 66 0.22 4.65 -1.38
N SER A 67 0.91 5.75 -1.23
CA SER A 67 2.34 5.65 -0.82
C SER A 67 2.44 4.75 0.41
N ALA A 68 1.37 4.61 1.13
CA ALA A 68 1.38 3.74 2.35
C ALA A 68 1.55 2.27 1.97
N VAL A 69 0.54 1.66 1.39
CA VAL A 69 0.68 0.22 1.00
C VAL A 69 2.04 0.00 0.33
N CYS A 70 2.55 0.99 -0.32
CA CYS A 70 3.87 0.85 -1.00
C CYS A 70 4.96 0.52 0.03
N GLY A 71 5.26 1.43 0.91
CA GLY A 71 6.31 1.19 1.93
C GLY A 71 7.59 1.93 1.53
N ARG A 72 8.64 1.20 1.24
CA ARG A 72 9.92 1.86 0.85
C ARG A 72 9.71 2.66 -0.45
N TYR A 73 9.13 2.05 -1.44
CA TYR A 73 8.90 2.76 -2.72
C TYR A 73 7.66 3.64 -2.60
N PHE A 74 7.29 4.30 -3.67
CA PHE A 74 6.07 5.16 -3.63
C PHE A 74 5.08 4.68 -4.68
N CYS A 75 3.82 4.71 -4.40
CA CYS A 75 2.83 4.24 -5.40
C CYS A 75 2.59 5.35 -6.42
N CYS A 76 3.19 5.23 -7.58
CA CYS A 76 3.01 6.29 -8.61
C CYS A 76 1.66 6.08 -9.32
N ARG A 77 1.21 7.07 -10.04
CA ARG A 77 -0.10 6.93 -10.73
C ARG A 77 -0.17 7.90 -11.93
N SER A 78 -1.23 7.85 -12.68
CA SER A 78 -1.35 8.76 -13.86
C SER A 78 -2.38 9.86 -13.55
N ARG A 79 -1.92 11.01 -13.13
CA ARG A 79 -2.86 12.12 -12.83
C ARG A 79 -3.18 12.90 -14.10
N ASN A 1 -1.72 8.64 19.37
CA ASN A 1 -2.56 7.44 19.10
C ASN A 1 -2.70 7.21 17.59
N PRO A 2 -1.67 6.67 17.01
CA PRO A 2 -1.66 6.39 15.55
C PRO A 2 -2.58 5.20 15.24
N LEU A 3 -3.59 5.42 14.45
CA LEU A 3 -4.53 4.31 14.10
C LEU A 3 -4.25 3.82 12.67
N ILE A 4 -5.03 2.89 12.19
CA ILE A 4 -4.81 2.39 10.81
C ILE A 4 -5.28 3.41 9.78
N PRO A 5 -4.56 3.47 8.69
CA PRO A 5 -4.92 4.40 7.61
C PRO A 5 -6.05 3.80 6.77
N ALA A 6 -6.67 4.60 5.96
CA ALA A 6 -7.79 4.10 5.12
C ALA A 6 -7.24 3.38 3.88
N ILE A 7 -6.17 3.86 3.34
CA ILE A 7 -5.56 3.20 2.13
C ILE A 7 -5.38 1.70 2.37
N TYR A 8 -4.83 1.34 3.48
CA TYR A 8 -4.60 -0.10 3.77
C TYR A 8 -5.89 -0.89 3.55
N ILE A 9 -7.01 -0.31 3.85
CA ILE A 9 -8.29 -1.04 3.65
C ILE A 9 -8.56 -1.17 2.15
N GLY A 10 -8.57 -2.38 1.66
CA GLY A 10 -8.78 -2.58 0.20
C GLY A 10 -7.48 -2.25 -0.51
N ALA A 11 -6.37 -2.43 0.15
CA ALA A 11 -5.06 -2.11 -0.48
C ALA A 11 -4.21 -3.37 -0.64
N THR A 12 -2.92 -3.22 -0.84
CA THR A 12 -2.05 -4.42 -1.00
C THR A 12 -0.62 -4.09 -0.58
N VAL A 13 -0.26 -4.35 0.64
CA VAL A 13 1.12 -4.04 1.10
C VAL A 13 2.01 -5.27 0.93
N GLY A 14 3.30 -5.11 1.08
CA GLY A 14 4.22 -6.27 0.94
C GLY A 14 4.21 -7.09 2.23
N PRO A 15 5.28 -7.80 2.45
CA PRO A 15 5.41 -8.64 3.66
C PRO A 15 5.71 -7.78 4.88
N SER A 16 6.79 -7.04 4.85
CA SER A 16 7.15 -6.19 6.00
C SER A 16 5.98 -5.27 6.39
N VAL A 17 5.42 -4.58 5.44
CA VAL A 17 4.28 -3.67 5.75
C VAL A 17 3.12 -4.48 6.34
N TRP A 18 2.77 -5.58 5.73
CA TRP A 18 1.65 -6.40 6.27
C TRP A 18 1.85 -6.62 7.77
N ALA A 19 2.89 -7.34 8.12
CA ALA A 19 3.17 -7.60 9.56
C ALA A 19 2.94 -6.33 10.39
N TYR A 20 3.35 -5.20 9.89
CA TYR A 20 3.15 -3.93 10.65
C TYR A 20 1.66 -3.69 10.89
N LEU A 21 0.91 -3.55 9.83
CA LEU A 21 -0.55 -3.32 9.99
C LEU A 21 -1.12 -4.28 11.04
N VAL A 22 -0.86 -5.56 10.90
CA VAL A 22 -1.37 -6.53 11.89
C VAL A 22 -0.97 -6.10 13.30
N ALA A 23 0.25 -5.66 13.46
CA ALA A 23 0.70 -5.21 14.80
C ALA A 23 -0.30 -4.21 15.37
N LEU A 24 -0.74 -3.28 14.57
CA LEU A 24 -1.72 -2.28 15.04
C LEU A 24 -3.10 -2.94 15.22
N VAL A 25 -3.35 -3.98 14.46
CA VAL A 25 -4.66 -4.69 14.56
C VAL A 25 -4.43 -6.17 14.86
N GLY A 26 -4.33 -6.98 13.84
CA GLY A 26 -4.13 -8.44 14.03
C GLY A 26 -4.37 -9.15 12.71
N ALA A 27 -4.42 -10.45 12.71
CA ALA A 27 -4.65 -11.16 11.43
C ALA A 27 -6.12 -11.07 11.02
N ALA A 28 -7.01 -11.41 11.90
CA ALA A 28 -8.46 -11.33 11.56
C ALA A 28 -8.82 -9.90 11.18
N ALA A 29 -8.24 -8.93 11.83
CA ALA A 29 -8.54 -7.51 11.50
C ALA A 29 -7.98 -7.16 10.12
N VAL A 30 -6.74 -7.48 9.89
CA VAL A 30 -6.12 -7.17 8.57
C VAL A 30 -6.84 -7.97 7.46
N THR A 31 -7.50 -9.03 7.81
CA THR A 31 -8.21 -9.83 6.77
C THR A 31 -9.55 -9.17 6.42
N ALA A 32 -10.25 -8.68 7.39
CA ALA A 32 -11.56 -8.01 7.11
C ALA A 32 -11.32 -6.63 6.50
N ALA A 33 -10.13 -6.11 6.63
CA ALA A 33 -9.83 -4.77 6.05
C ALA A 33 -9.31 -4.92 4.62
N ASN A 34 -9.66 -6.00 3.98
CA ASN A 34 -9.19 -6.22 2.57
C ASN A 34 -7.71 -5.83 2.43
N ILE A 35 -6.84 -6.56 3.08
CA ILE A 35 -5.39 -6.25 2.99
C ILE A 35 -4.68 -7.34 2.19
N ARG A 36 -4.19 -7.01 1.03
CA ARG A 36 -3.50 -8.03 0.20
C ARG A 36 -1.98 -7.93 0.39
N ARG A 37 -1.30 -9.04 0.47
CA ARG A 37 0.18 -9.01 0.66
C ARG A 37 0.87 -8.99 -0.70
N ALA A 38 2.08 -8.47 -0.75
CA ALA A 38 2.80 -8.43 -2.05
C ALA A 38 4.24 -8.92 -1.86
N SER A 39 4.87 -9.35 -2.92
CA SER A 39 6.27 -9.85 -2.80
C SER A 39 7.11 -8.90 -1.94
N SER A 40 6.82 -7.63 -2.00
CA SER A 40 7.59 -6.64 -1.19
C SER A 40 6.88 -5.29 -1.18
N ASP A 41 7.61 -4.24 -0.93
CA ASP A 41 6.98 -2.89 -0.90
C ASP A 41 6.61 -2.46 -2.32
N ASN A 42 6.98 -3.23 -3.31
CA ASN A 42 6.65 -2.86 -4.71
C ASN A 42 5.47 -3.70 -5.20
N HIS A 43 4.30 -3.13 -5.25
CA HIS A 43 3.11 -3.89 -5.73
C HIS A 43 2.14 -2.98 -6.48
N SER A 44 1.02 -3.51 -6.87
CA SER A 44 0.02 -2.67 -7.59
C SER A 44 -0.88 -1.95 -6.59
N CYS A 45 -1.04 -0.67 -6.72
CA CYS A 45 -1.91 0.08 -5.77
C CYS A 45 -3.01 0.82 -6.52
N ALA A 46 -3.87 1.48 -5.79
CA ALA A 46 -4.98 2.22 -6.45
C ALA A 46 -5.65 1.33 -7.50
N GLY A 47 -5.92 0.10 -7.13
CA GLY A 47 -6.57 -0.83 -8.11
C GLY A 47 -5.58 -1.14 -9.23
N ASN A 48 -6.06 -1.51 -10.38
CA ASN A 48 -5.14 -1.81 -11.50
C ASN A 48 -4.81 -0.53 -12.26
N ARG A 49 -4.71 0.58 -11.58
CA ARG A 49 -4.39 1.86 -12.27
C ARG A 49 -3.05 2.41 -11.81
N GLY A 50 -2.66 2.15 -10.59
CA GLY A 50 -1.35 2.68 -10.11
C GLY A 50 -0.43 1.52 -9.75
N TRP A 51 0.85 1.78 -9.62
CA TRP A 51 1.81 0.70 -9.28
C TRP A 51 2.84 1.24 -8.28
N CYS A 52 3.74 0.42 -7.82
CA CYS A 52 4.76 0.92 -6.84
C CYS A 52 6.16 0.85 -7.45
N ARG A 53 6.78 1.99 -7.65
CA ARG A 53 8.15 2.00 -8.22
C ARG A 53 9.05 2.92 -7.38
N SER A 54 10.34 2.76 -7.46
CA SER A 54 11.24 3.65 -6.66
C SER A 54 10.97 5.10 -7.06
N LYS A 55 11.02 5.38 -8.33
CA LYS A 55 10.77 6.75 -8.82
C LYS A 55 9.95 6.68 -10.12
N CYS A 56 8.99 7.54 -10.29
CA CYS A 56 8.18 7.50 -11.54
C CYS A 56 8.59 8.65 -12.48
N PHE A 57 8.22 8.56 -13.73
CA PHE A 57 8.59 9.64 -14.70
C PHE A 57 7.65 10.84 -14.53
N ARG A 58 7.63 11.72 -15.49
CA ARG A 58 6.73 12.90 -15.38
C ARG A 58 5.30 12.53 -15.79
N HIS A 59 5.16 11.79 -16.85
CA HIS A 59 3.78 11.39 -17.28
C HIS A 59 2.99 10.91 -16.06
N GLU A 60 3.68 10.45 -15.05
CA GLU A 60 2.98 9.97 -13.82
C GLU A 60 3.52 10.69 -12.59
N TYR A 61 2.99 10.38 -11.44
CA TYR A 61 3.48 11.03 -10.19
C TYR A 61 3.61 9.99 -9.08
N VAL A 62 3.70 10.43 -7.87
CA VAL A 62 3.81 9.46 -6.74
C VAL A 62 2.57 9.52 -5.87
N ASP A 63 1.55 8.76 -6.20
CA ASP A 63 0.30 8.77 -5.40
C ASP A 63 0.60 8.88 -3.91
N THR A 64 0.68 10.08 -3.38
CA THR A 64 0.99 10.25 -1.94
C THR A 64 -0.03 9.47 -1.10
N TYR A 65 -1.20 9.25 -1.62
CA TYR A 65 -2.24 8.51 -0.85
C TYR A 65 -1.86 7.03 -0.73
N TYR A 66 -1.54 6.38 -1.82
CA TYR A 66 -1.19 4.93 -1.75
C TYR A 66 0.27 4.74 -1.33
N SER A 67 1.02 5.80 -1.21
CA SER A 67 2.44 5.67 -0.79
C SER A 67 2.53 4.87 0.52
N ALA A 68 1.43 4.78 1.23
CA ALA A 68 1.44 4.02 2.52
C ALA A 68 1.57 2.52 2.28
N VAL A 69 0.81 1.98 1.36
CA VAL A 69 0.91 0.52 1.09
C VAL A 69 2.22 0.21 0.37
N CYS A 70 2.77 1.19 -0.30
CA CYS A 70 4.06 0.96 -1.01
C CYS A 70 5.19 0.72 0.00
N GLY A 71 5.42 1.64 0.89
CA GLY A 71 6.50 1.46 1.90
C GLY A 71 7.78 2.11 1.37
N ARG A 72 8.85 1.38 1.33
CA ARG A 72 10.13 1.95 0.82
C ARG A 72 9.91 2.61 -0.54
N TYR A 73 9.08 2.02 -1.36
CA TYR A 73 8.81 2.62 -2.70
C TYR A 73 7.62 3.57 -2.62
N PHE A 74 7.17 4.07 -3.73
CA PHE A 74 6.01 4.99 -3.73
C PHE A 74 4.98 4.53 -4.75
N CYS A 75 3.72 4.64 -4.44
CA CYS A 75 2.68 4.20 -5.41
C CYS A 75 2.49 5.27 -6.49
N CYS A 76 3.10 5.09 -7.64
CA CYS A 76 2.95 6.11 -8.71
C CYS A 76 1.61 5.93 -9.41
N ARG A 77 1.22 6.91 -10.15
CA ARG A 77 -0.09 6.81 -10.86
C ARG A 77 -0.12 7.75 -12.07
N SER A 78 -1.14 7.65 -12.88
CA SER A 78 -1.24 8.53 -14.07
C SER A 78 -2.32 9.59 -13.87
N ARG A 79 -2.04 10.59 -13.09
CA ARG A 79 -3.06 11.66 -12.85
C ARG A 79 -3.74 12.04 -14.17
N ASN A 1 -1.89 10.23 11.23
CA ASN A 1 -0.61 9.55 11.57
C ASN A 1 -0.88 8.28 12.39
N PRO A 2 -1.60 8.46 13.47
CA PRO A 2 -1.94 7.31 14.35
C PRO A 2 -3.04 6.45 13.73
N LEU A 3 -3.49 5.45 14.43
CA LEU A 3 -4.56 4.58 13.87
C LEU A 3 -4.16 4.08 12.47
N ILE A 4 -4.96 3.23 11.89
CA ILE A 4 -4.64 2.70 10.53
C ILE A 4 -5.24 3.61 9.46
N PRO A 5 -4.54 3.74 8.38
CA PRO A 5 -5.02 4.56 7.25
C PRO A 5 -6.06 3.78 6.45
N ALA A 6 -6.82 4.46 5.66
CA ALA A 6 -7.87 3.78 4.84
C ALA A 6 -7.25 3.15 3.60
N ILE A 7 -6.10 3.63 3.18
CA ILE A 7 -5.45 3.06 1.97
C ILE A 7 -5.31 1.55 2.08
N TYR A 8 -4.72 1.06 3.13
CA TYR A 8 -4.56 -0.42 3.28
C TYR A 8 -5.89 -1.13 3.01
N ILE A 9 -6.98 -0.46 3.28
CA ILE A 9 -8.30 -1.11 3.01
C ILE A 9 -8.47 -1.34 1.51
N GLY A 10 -8.72 -2.56 1.13
CA GLY A 10 -8.89 -2.85 -0.32
C GLY A 10 -7.57 -2.56 -1.02
N ALA A 11 -6.48 -2.71 -0.31
CA ALA A 11 -5.14 -2.43 -0.94
C ALA A 11 -4.30 -3.71 -0.98
N THR A 12 -3.01 -3.57 -1.17
CA THR A 12 -2.14 -4.78 -1.21
C THR A 12 -0.73 -4.42 -0.74
N VAL A 13 -0.42 -4.62 0.51
CA VAL A 13 0.95 -4.28 0.99
C VAL A 13 1.89 -5.47 0.81
N GLY A 14 3.12 -5.33 1.18
CA GLY A 14 4.09 -6.45 1.02
C GLY A 14 4.17 -7.24 2.33
N PRO A 15 5.22 -8.00 2.46
CA PRO A 15 5.42 -8.81 3.69
C PRO A 15 5.83 -7.92 4.86
N SER A 16 6.75 -7.02 4.64
CA SER A 16 7.19 -6.12 5.74
C SER A 16 6.03 -5.21 6.17
N VAL A 17 5.43 -4.52 5.25
CA VAL A 17 4.29 -3.63 5.61
C VAL A 17 3.19 -4.45 6.27
N TRP A 18 2.83 -5.55 5.69
CA TRP A 18 1.76 -6.40 6.29
C TRP A 18 2.02 -6.59 7.79
N ALA A 19 3.08 -7.29 8.11
CA ALA A 19 3.41 -7.52 9.55
C ALA A 19 3.22 -6.22 10.34
N TYR A 20 3.58 -5.11 9.77
CA TYR A 20 3.42 -3.82 10.50
C TYR A 20 1.94 -3.57 10.81
N LEU A 21 1.08 -3.70 9.85
CA LEU A 21 -0.36 -3.48 10.09
C LEU A 21 -0.88 -4.46 11.15
N VAL A 22 -0.27 -5.60 11.25
CA VAL A 22 -0.71 -6.60 12.26
C VAL A 22 -0.45 -6.07 13.67
N ALA A 23 0.74 -5.60 13.91
CA ALA A 23 1.06 -5.06 15.26
C ALA A 23 0.18 -3.85 15.57
N LEU A 24 -0.07 -3.02 14.60
CA LEU A 24 -0.93 -1.83 14.83
C LEU A 24 -2.34 -2.26 15.26
N VAL A 25 -2.87 -3.28 14.63
CA VAL A 25 -4.24 -3.75 15.01
C VAL A 25 -4.24 -5.27 15.22
N GLY A 26 -3.72 -6.01 14.28
CA GLY A 26 -3.70 -7.49 14.43
C GLY A 26 -4.09 -8.13 13.10
N ALA A 27 -3.83 -9.40 12.93
CA ALA A 27 -4.18 -10.07 11.66
C ALA A 27 -5.70 -10.14 11.47
N ALA A 28 -6.45 -9.80 12.48
CA ALA A 28 -7.93 -9.84 12.34
C ALA A 28 -8.41 -8.64 11.52
N ALA A 29 -8.29 -7.46 12.04
CA ALA A 29 -8.71 -6.27 11.26
C ALA A 29 -7.86 -6.17 9.99
N VAL A 30 -6.72 -6.81 10.01
CA VAL A 30 -5.83 -6.79 8.82
C VAL A 30 -6.46 -7.60 7.69
N THR A 31 -7.09 -8.70 8.03
CA THR A 31 -7.72 -9.54 6.96
C THR A 31 -9.12 -9.01 6.64
N ALA A 32 -9.73 -8.33 7.57
CA ALA A 32 -11.09 -7.79 7.32
C ALA A 32 -11.00 -6.48 6.53
N ALA A 33 -9.84 -5.88 6.52
CA ALA A 33 -9.67 -4.61 5.76
C ALA A 33 -9.22 -4.92 4.34
N ASN A 34 -9.55 -6.08 3.84
CA ASN A 34 -9.15 -6.47 2.46
C ASN A 34 -7.73 -5.99 2.16
N ILE A 35 -6.75 -6.68 2.70
CA ILE A 35 -5.33 -6.29 2.45
C ILE A 35 -4.58 -7.48 1.87
N ARG A 36 -4.07 -7.35 0.68
CA ARG A 36 -3.33 -8.49 0.06
C ARG A 36 -1.82 -8.33 0.27
N ARG A 37 -1.09 -9.41 0.21
CA ARG A 37 0.38 -9.34 0.40
C ARG A 37 1.08 -9.57 -0.94
N ALA A 38 2.12 -8.82 -1.21
CA ALA A 38 2.84 -8.99 -2.51
C ALA A 38 4.28 -9.44 -2.27
N SER A 39 4.93 -9.92 -3.29
CA SER A 39 6.35 -10.38 -3.13
C SER A 39 7.13 -9.37 -2.27
N SER A 40 6.73 -8.13 -2.27
CA SER A 40 7.44 -7.12 -1.46
C SER A 40 6.69 -5.79 -1.46
N ASP A 41 7.34 -4.72 -1.11
CA ASP A 41 6.65 -3.40 -1.10
C ASP A 41 6.29 -2.97 -2.52
N ASN A 42 6.75 -3.69 -3.50
CA ASN A 42 6.43 -3.33 -4.92
C ASN A 42 5.22 -4.11 -5.41
N HIS A 43 4.06 -3.48 -5.45
CA HIS A 43 2.85 -4.19 -5.93
C HIS A 43 1.95 -3.25 -6.73
N SER A 44 0.84 -3.73 -7.19
CA SER A 44 -0.08 -2.86 -7.98
C SER A 44 -1.05 -2.16 -7.03
N CYS A 45 -1.06 -0.86 -7.02
CA CYS A 45 -1.99 -0.13 -6.11
C CYS A 45 -3.00 0.69 -6.91
N ALA A 46 -3.86 1.40 -6.23
CA ALA A 46 -4.88 2.21 -6.94
C ALA A 46 -5.57 1.33 -7.98
N GLY A 47 -5.87 0.11 -7.64
CA GLY A 47 -6.51 -0.81 -8.61
C GLY A 47 -5.53 -1.07 -9.75
N ASN A 48 -6.02 -1.38 -10.92
CA ASN A 48 -5.11 -1.64 -12.06
C ASN A 48 -4.76 -0.31 -12.75
N ARG A 49 -4.61 0.75 -11.99
CA ARG A 49 -4.30 2.07 -12.61
C ARG A 49 -2.94 2.59 -12.12
N GLY A 50 -2.54 2.26 -10.92
CA GLY A 50 -1.24 2.77 -10.42
C GLY A 50 -0.36 1.60 -9.97
N TRP A 51 0.92 1.81 -9.88
CA TRP A 51 1.84 0.71 -9.45
C TRP A 51 2.80 1.20 -8.37
N CYS A 52 3.60 0.33 -7.82
CA CYS A 52 4.56 0.76 -6.76
C CYS A 52 5.98 0.76 -7.31
N ARG A 53 6.58 1.92 -7.44
CA ARG A 53 7.98 1.98 -7.96
C ARG A 53 8.85 2.80 -7.00
N SER A 54 10.09 2.41 -6.82
CA SER A 54 10.98 3.20 -5.90
C SER A 54 10.88 4.68 -6.28
N LYS A 55 10.96 4.95 -7.54
CA LYS A 55 10.84 6.36 -8.02
C LYS A 55 9.75 6.43 -9.08
N CYS A 56 9.55 7.56 -9.68
CA CYS A 56 8.48 7.68 -10.72
C CYS A 56 8.85 8.74 -11.76
N PHE A 57 8.24 8.69 -12.91
CA PHE A 57 8.54 9.68 -13.98
C PHE A 57 7.78 10.98 -13.71
N ARG A 58 8.07 12.01 -14.47
CA ARG A 58 7.36 13.30 -14.26
C ARG A 58 5.93 13.21 -14.78
N HIS A 59 5.72 12.54 -15.87
CA HIS A 59 4.34 12.41 -16.41
C HIS A 59 3.44 11.71 -15.38
N GLU A 60 4.04 11.12 -14.38
CA GLU A 60 3.24 10.43 -13.32
C GLU A 60 3.53 11.05 -11.96
N TYR A 61 2.78 10.70 -10.95
CA TYR A 61 3.05 11.29 -9.61
C TYR A 61 3.07 10.22 -8.54
N VAL A 62 3.26 10.63 -7.31
CA VAL A 62 3.29 9.67 -6.19
C VAL A 62 1.94 9.66 -5.48
N ASP A 63 1.09 8.75 -5.84
CA ASP A 63 -0.27 8.66 -5.20
C ASP A 63 -0.11 8.72 -3.68
N THR A 64 -0.10 9.90 -3.13
CA THR A 64 0.06 10.03 -1.65
C THR A 64 -0.91 9.12 -0.90
N TYR A 65 -2.01 8.78 -1.50
CA TYR A 65 -3.00 7.91 -0.80
C TYR A 65 -2.48 6.47 -0.70
N TYR A 66 -2.00 5.91 -1.79
CA TYR A 66 -1.51 4.50 -1.73
C TYR A 66 -0.03 4.44 -1.38
N SER A 67 0.63 5.55 -1.26
CA SER A 67 2.07 5.53 -0.90
C SER A 67 2.26 4.63 0.33
N ALA A 68 1.21 4.45 1.10
CA ALA A 68 1.32 3.59 2.31
C ALA A 68 1.45 2.12 1.92
N VAL A 69 0.44 1.55 1.31
CA VAL A 69 0.53 0.11 0.93
C VAL A 69 1.88 -0.15 0.25
N CYS A 70 2.46 0.86 -0.35
CA CYS A 70 3.78 0.67 -1.02
C CYS A 70 4.87 0.42 0.02
N GLY A 71 5.14 1.38 0.85
CA GLY A 71 6.20 1.20 1.89
C GLY A 71 7.51 1.80 1.40
N ARG A 72 8.55 1.03 1.36
CA ARG A 72 9.87 1.57 0.90
C ARG A 72 9.71 2.19 -0.50
N TYR A 73 8.73 1.75 -1.23
CA TYR A 73 8.51 2.31 -2.59
C TYR A 73 7.36 3.32 -2.58
N PHE A 74 7.04 3.89 -3.70
CA PHE A 74 5.93 4.88 -3.75
C PHE A 74 4.88 4.45 -4.78
N CYS A 75 3.64 4.45 -4.39
CA CYS A 75 2.58 4.05 -5.36
C CYS A 75 2.28 5.23 -6.27
N CYS A 76 2.70 5.20 -7.51
CA CYS A 76 2.42 6.35 -8.42
C CYS A 76 1.28 6.01 -9.36
N ARG A 77 0.81 6.99 -10.06
CA ARG A 77 -0.31 6.77 -11.03
C ARG A 77 -0.17 7.76 -12.19
N SER A 78 -1.15 7.79 -13.04
CA SER A 78 -1.09 8.75 -14.19
C SER A 78 -2.22 9.78 -14.08
N ARG A 79 -2.04 10.78 -13.26
CA ARG A 79 -3.09 11.82 -13.10
C ARG A 79 -3.70 12.18 -14.46
N ASN A 1 -5.37 10.53 18.52
CA ASN A 1 -5.37 9.05 18.41
C ASN A 1 -5.88 8.61 17.04
N PRO A 2 -5.05 8.78 16.05
CA PRO A 2 -5.42 8.40 14.67
C PRO A 2 -5.40 6.88 14.51
N LEU A 3 -6.40 6.32 13.87
CA LEU A 3 -6.44 4.85 13.68
C LEU A 3 -5.76 4.47 12.36
N ILE A 4 -5.86 3.22 11.97
CA ILE A 4 -5.22 2.80 10.68
C ILE A 4 -5.73 3.67 9.54
N PRO A 5 -4.98 3.68 8.47
CA PRO A 5 -5.35 4.49 7.28
C PRO A 5 -6.49 3.81 6.52
N ALA A 6 -7.10 4.51 5.62
CA ALA A 6 -8.23 3.92 4.83
C ALA A 6 -7.69 3.23 3.57
N ILE A 7 -6.57 3.68 3.06
CA ILE A 7 -6.00 3.04 1.84
C ILE A 7 -5.83 1.54 2.06
N TYR A 8 -5.23 1.15 3.14
CA TYR A 8 -5.00 -0.30 3.40
C TYR A 8 -6.30 -1.06 3.14
N ILE A 9 -7.42 -0.44 3.33
CA ILE A 9 -8.71 -1.14 3.07
C ILE A 9 -8.84 -1.43 1.58
N GLY A 10 -8.83 -2.68 1.21
CA GLY A 10 -8.92 -3.04 -0.23
C GLY A 10 -7.60 -2.69 -0.90
N ALA A 11 -6.53 -2.72 -0.14
CA ALA A 11 -5.20 -2.39 -0.71
C ALA A 11 -4.32 -3.63 -0.80
N THR A 12 -3.03 -3.46 -0.99
CA THR A 12 -2.12 -4.64 -1.06
C THR A 12 -0.71 -4.24 -0.68
N VAL A 13 -0.30 -4.52 0.52
CA VAL A 13 1.09 -4.14 0.94
C VAL A 13 2.02 -5.35 0.81
N GLY A 14 3.31 -5.12 0.82
CA GLY A 14 4.26 -6.26 0.69
C GLY A 14 4.30 -7.04 2.01
N PRO A 15 5.32 -7.85 2.14
CA PRO A 15 5.47 -8.68 3.37
C PRO A 15 5.93 -7.81 4.54
N SER A 16 6.92 -6.98 4.32
CA SER A 16 7.42 -6.10 5.43
C SER A 16 6.28 -5.22 5.95
N VAL A 17 5.63 -4.50 5.08
CA VAL A 17 4.52 -3.62 5.53
C VAL A 17 3.42 -4.47 6.18
N TRP A 18 2.99 -5.51 5.50
CA TRP A 18 1.92 -6.37 6.10
C TRP A 18 2.25 -6.66 7.56
N ALA A 19 3.30 -7.39 7.79
CA ALA A 19 3.69 -7.72 9.19
C ALA A 19 3.53 -6.51 10.10
N TYR A 20 3.92 -5.35 9.63
CA TYR A 20 3.79 -4.12 10.46
C TYR A 20 2.32 -3.86 10.81
N LEU A 21 1.52 -3.56 9.82
CA LEU A 21 0.08 -3.30 10.07
C LEU A 21 -0.48 -4.31 11.09
N VAL A 22 -0.15 -5.56 10.93
CA VAL A 22 -0.66 -6.58 11.89
C VAL A 22 -0.31 -6.19 13.32
N ALA A 23 0.92 -5.86 13.57
CA ALA A 23 1.34 -5.47 14.93
C ALA A 23 0.46 -4.31 15.44
N LEU A 24 0.13 -3.39 14.58
CA LEU A 24 -0.71 -2.24 14.99
C LEU A 24 -2.08 -2.75 15.49
N VAL A 25 -2.68 -3.64 14.77
CA VAL A 25 -4.02 -4.17 15.19
C VAL A 25 -3.93 -5.70 15.39
N GLY A 26 -4.15 -6.46 14.36
CA GLY A 26 -4.08 -7.94 14.50
C GLY A 26 -4.46 -8.59 13.17
N ALA A 27 -4.25 -9.88 13.05
CA ALA A 27 -4.59 -10.57 11.77
C ALA A 27 -6.09 -10.50 11.50
N ALA A 28 -6.89 -10.32 12.51
CA ALA A 28 -8.36 -10.26 12.30
C ALA A 28 -8.72 -8.97 11.57
N ALA A 29 -8.45 -7.84 12.18
CA ALA A 29 -8.77 -6.55 11.50
C ALA A 29 -7.95 -6.43 10.22
N VAL A 30 -6.81 -7.07 10.18
CA VAL A 30 -5.97 -7.01 8.95
C VAL A 30 -6.63 -7.80 7.82
N THR A 31 -7.29 -8.87 8.15
CA THR A 31 -7.96 -9.68 7.09
C THR A 31 -9.35 -9.11 6.79
N ALA A 32 -9.89 -8.35 7.71
CA ALA A 32 -11.23 -7.75 7.48
C ALA A 32 -11.10 -6.45 6.68
N ALA A 33 -9.93 -5.87 6.68
CA ALA A 33 -9.73 -4.61 5.92
C ALA A 33 -9.27 -4.93 4.49
N ASN A 34 -9.60 -6.10 4.01
CA ASN A 34 -9.19 -6.47 2.63
C ASN A 34 -7.75 -6.03 2.36
N ILE A 35 -6.80 -6.72 2.92
CA ILE A 35 -5.36 -6.35 2.69
C ILE A 35 -4.64 -7.51 2.01
N ARG A 36 -4.10 -7.28 0.85
CA ARG A 36 -3.38 -8.37 0.13
C ARG A 36 -1.87 -8.26 0.34
N ARG A 37 -1.19 -9.37 0.36
CA ARG A 37 0.29 -9.33 0.56
C ARG A 37 0.98 -9.52 -0.79
N ALA A 38 2.01 -8.76 -1.06
CA ALA A 38 2.72 -8.91 -2.36
C ALA A 38 4.11 -9.49 -2.14
N SER A 39 4.71 -10.04 -3.16
CA SER A 39 6.07 -10.63 -3.00
C SER A 39 7.00 -9.65 -2.28
N SER A 40 6.72 -8.38 -2.38
CA SER A 40 7.59 -7.38 -1.70
C SER A 40 6.85 -6.05 -1.52
N ASP A 41 7.51 -5.06 -1.00
CA ASP A 41 6.84 -3.73 -0.80
C ASP A 41 6.40 -3.15 -2.14
N ASN A 42 6.93 -3.66 -3.23
CA ASN A 42 6.54 -3.14 -4.56
C ASN A 42 5.34 -3.92 -5.11
N HIS A 43 4.19 -3.31 -5.14
CA HIS A 43 2.98 -4.03 -5.67
C HIS A 43 2.07 -3.06 -6.42
N SER A 44 1.03 -3.56 -7.02
CA SER A 44 0.09 -2.68 -7.77
C SER A 44 -0.82 -1.95 -6.78
N CYS A 45 -0.95 -0.67 -6.91
CA CYS A 45 -1.84 0.08 -5.97
C CYS A 45 -2.91 0.84 -6.75
N ALA A 46 -3.77 1.54 -6.06
CA ALA A 46 -4.85 2.29 -6.75
C ALA A 46 -5.52 1.38 -7.78
N GLY A 47 -5.75 0.14 -7.42
CA GLY A 47 -6.38 -0.80 -8.39
C GLY A 47 -5.42 -1.03 -9.55
N ASN A 48 -5.94 -1.36 -10.70
CA ASN A 48 -5.04 -1.58 -11.87
C ASN A 48 -4.73 -0.25 -12.55
N ARG A 49 -4.48 0.78 -11.78
CA ARG A 49 -4.17 2.11 -12.38
C ARG A 49 -2.77 2.58 -11.98
N GLY A 50 -2.35 2.30 -10.78
CA GLY A 50 -1.00 2.77 -10.35
C GLY A 50 -0.15 1.57 -9.91
N TRP A 51 1.12 1.77 -9.77
CA TRP A 51 2.02 0.66 -9.35
C TRP A 51 3.00 1.17 -8.28
N CYS A 52 3.76 0.29 -7.68
CA CYS A 52 4.72 0.75 -6.64
C CYS A 52 6.15 0.72 -7.17
N ARG A 53 6.74 1.87 -7.35
CA ARG A 53 8.14 1.93 -7.85
C ARG A 53 8.98 2.82 -6.93
N SER A 54 10.23 2.50 -6.72
CA SER A 54 11.07 3.37 -5.85
C SER A 54 10.84 4.83 -6.26
N LYS A 55 10.76 5.07 -7.53
CA LYS A 55 10.53 6.44 -8.04
C LYS A 55 9.49 6.38 -9.18
N CYS A 56 8.97 7.50 -9.60
CA CYS A 56 7.95 7.47 -10.70
C CYS A 56 8.50 8.21 -11.93
N PHE A 57 7.78 8.16 -13.02
CA PHE A 57 8.25 8.86 -14.24
C PHE A 57 7.93 10.36 -14.15
N ARG A 58 8.09 11.07 -15.22
CA ARG A 58 7.82 12.53 -15.20
C ARG A 58 6.34 12.79 -15.51
N HIS A 59 5.80 12.09 -16.48
CA HIS A 59 4.37 12.29 -16.83
C HIS A 59 3.47 11.71 -15.73
N GLU A 60 4.05 11.14 -14.70
CA GLU A 60 3.21 10.57 -13.61
C GLU A 60 3.57 11.23 -12.27
N TYR A 61 3.06 10.71 -11.19
CA TYR A 61 3.37 11.29 -9.86
C TYR A 61 3.32 10.21 -8.79
N VAL A 62 3.24 10.60 -7.56
CA VAL A 62 3.17 9.61 -6.46
C VAL A 62 1.87 9.81 -5.69
N ASP A 63 0.83 9.08 -6.03
CA ASP A 63 -0.45 9.26 -5.31
C ASP A 63 -0.22 9.16 -3.80
N THR A 64 0.05 10.26 -3.18
CA THR A 64 0.30 10.26 -1.71
C THR A 64 -0.72 9.36 -0.99
N TYR A 65 -1.87 9.16 -1.57
CA TYR A 65 -2.90 8.32 -0.92
C TYR A 65 -2.44 6.86 -0.85
N TYR A 66 -2.00 6.31 -1.94
CA TYR A 66 -1.59 4.87 -1.93
C TYR A 66 -0.11 4.71 -1.51
N SER A 67 0.60 5.79 -1.34
CA SER A 67 2.03 5.68 -0.92
C SER A 67 2.12 4.87 0.37
N ALA A 68 1.02 4.74 1.08
CA ALA A 68 1.05 3.97 2.36
C ALA A 68 1.23 2.46 2.10
N VAL A 69 0.46 1.89 1.20
CA VAL A 69 0.62 0.43 0.93
C VAL A 69 1.95 0.20 0.25
N CYS A 70 2.45 1.17 -0.47
CA CYS A 70 3.76 1.00 -1.15
C CYS A 70 4.85 0.75 -0.11
N GLY A 71 4.97 1.61 0.87
CA GLY A 71 6.00 1.42 1.92
C GLY A 71 7.31 2.11 1.49
N ARG A 72 8.38 1.38 1.43
CA ARG A 72 9.68 1.99 1.02
C ARG A 72 9.52 2.70 -0.33
N TYR A 73 8.84 2.09 -1.25
CA TYR A 73 8.64 2.73 -2.58
C TYR A 73 7.43 3.65 -2.54
N PHE A 74 7.10 4.25 -3.64
CA PHE A 74 5.91 5.15 -3.68
C PHE A 74 4.92 4.64 -4.73
N CYS A 75 3.66 4.74 -4.48
CA CYS A 75 2.67 4.26 -5.47
C CYS A 75 2.52 5.31 -6.57
N CYS A 76 3.18 5.11 -7.68
CA CYS A 76 3.08 6.12 -8.78
C CYS A 76 1.77 5.93 -9.54
N ARG A 77 1.38 6.92 -10.29
CA ARG A 77 0.10 6.81 -11.05
C ARG A 77 0.10 7.81 -12.21
N SER A 78 -1.00 7.89 -12.93
CA SER A 78 -1.07 8.84 -14.06
C SER A 78 -2.18 9.87 -13.83
N ARG A 79 -1.89 10.90 -13.09
CA ARG A 79 -2.93 11.94 -12.81
C ARG A 79 -3.71 12.25 -14.09
N ASN A 1 -7.53 2.03 21.41
CA ASN A 1 -8.03 2.18 20.01
C ASN A 1 -6.86 2.51 19.07
N PRO A 2 -6.67 1.67 18.09
CA PRO A 2 -5.58 1.87 17.10
C PRO A 2 -5.91 3.03 16.17
N LEU A 3 -5.27 3.09 15.03
CA LEU A 3 -5.55 4.20 14.08
C LEU A 3 -5.09 3.83 12.67
N ILE A 4 -5.35 2.62 12.26
CA ILE A 4 -4.94 2.17 10.89
C ILE A 4 -5.44 3.17 9.85
N PRO A 5 -4.66 3.33 8.82
CA PRO A 5 -5.03 4.24 7.72
C PRO A 5 -6.08 3.58 6.82
N ALA A 6 -6.74 4.35 6.02
CA ALA A 6 -7.78 3.79 5.12
C ALA A 6 -7.13 3.22 3.84
N ILE A 7 -6.00 3.74 3.45
CA ILE A 7 -5.33 3.24 2.23
C ILE A 7 -5.09 1.73 2.32
N TYR A 8 -4.73 1.24 3.48
CA TYR A 8 -4.49 -0.22 3.63
C TYR A 8 -5.78 -1.00 3.39
N ILE A 9 -6.91 -0.41 3.64
CA ILE A 9 -8.20 -1.11 3.42
C ILE A 9 -8.42 -1.27 1.91
N GLY A 10 -8.70 -2.46 1.47
CA GLY A 10 -8.91 -2.68 0.01
C GLY A 10 -7.60 -2.36 -0.71
N ALA A 11 -6.49 -2.62 -0.05
CA ALA A 11 -5.17 -2.32 -0.68
C ALA A 11 -4.30 -3.58 -0.73
N THR A 12 -3.02 -3.43 -0.91
CA THR A 12 -2.12 -4.62 -0.97
C THR A 12 -0.72 -4.25 -0.54
N VAL A 13 -0.35 -4.54 0.68
CA VAL A 13 1.02 -4.18 1.15
C VAL A 13 1.95 -5.40 1.07
N GLY A 14 3.23 -5.16 0.99
CA GLY A 14 4.19 -6.30 0.91
C GLY A 14 4.25 -7.01 2.27
N PRO A 15 5.29 -7.77 2.46
CA PRO A 15 5.47 -8.51 3.74
C PRO A 15 5.91 -7.56 4.85
N SER A 16 6.78 -6.63 4.54
CA SER A 16 7.25 -5.67 5.58
C SER A 16 6.07 -4.83 6.10
N VAL A 17 5.42 -4.11 5.23
CA VAL A 17 4.28 -3.27 5.66
C VAL A 17 3.21 -4.15 6.30
N TRP A 18 2.82 -5.19 5.63
CA TRP A 18 1.78 -6.10 6.20
C TRP A 18 2.09 -6.38 7.67
N ALA A 19 3.19 -7.02 7.93
CA ALA A 19 3.57 -7.33 9.33
C ALA A 19 3.33 -6.12 10.23
N TYR A 20 3.71 -4.95 9.79
CA TYR A 20 3.49 -3.73 10.62
C TYR A 20 2.00 -3.56 10.94
N LEU A 21 1.19 -3.38 9.93
CA LEU A 21 -0.27 -3.21 10.17
C LEU A 21 -0.75 -4.25 11.19
N VAL A 22 -0.53 -5.51 10.92
CA VAL A 22 -0.98 -6.57 11.87
C VAL A 22 -0.66 -6.15 13.31
N ALA A 23 0.52 -5.64 13.53
CA ALA A 23 0.91 -5.21 14.90
C ALA A 23 -0.08 -4.16 15.42
N LEU A 24 -0.26 -3.09 14.71
CA LEU A 24 -1.21 -2.04 15.16
C LEU A 24 -2.55 -2.66 15.54
N VAL A 25 -3.06 -3.53 14.70
CA VAL A 25 -4.36 -4.19 15.00
C VAL A 25 -4.16 -5.71 15.17
N GLY A 26 -4.25 -6.47 14.11
CA GLY A 26 -4.07 -7.94 14.22
C GLY A 26 -4.39 -8.59 12.88
N ALA A 27 -4.01 -9.83 12.71
CA ALA A 27 -4.29 -10.52 11.41
C ALA A 27 -5.79 -10.60 11.16
N ALA A 28 -6.59 -10.44 12.18
CA ALA A 28 -8.06 -10.51 11.99
C ALA A 28 -8.56 -9.26 11.26
N ALA A 29 -8.40 -8.11 11.84
CA ALA A 29 -8.85 -6.87 11.16
C ALA A 29 -8.05 -6.68 9.87
N VAL A 30 -6.90 -7.29 9.78
CA VAL A 30 -6.08 -7.17 8.55
C VAL A 30 -6.69 -8.00 7.42
N THR A 31 -7.26 -9.13 7.74
CA THR A 31 -7.87 -9.97 6.68
C THR A 31 -9.30 -9.50 6.38
N ALA A 32 -9.93 -8.87 7.32
CA ALA A 32 -11.32 -8.37 7.10
C ALA A 32 -11.28 -6.98 6.48
N ALA A 33 -10.15 -6.32 6.54
CA ALA A 33 -10.03 -4.96 5.95
C ALA A 33 -9.59 -5.07 4.48
N ASN A 34 -9.86 -6.17 3.86
CA ASN A 34 -9.46 -6.35 2.44
C ASN A 34 -7.99 -5.93 2.24
N ILE A 35 -7.08 -6.66 2.80
CA ILE A 35 -5.64 -6.33 2.64
C ILE A 35 -4.90 -7.51 2.01
N ARG A 36 -4.20 -7.30 0.94
CA ARG A 36 -3.47 -8.43 0.30
C ARG A 36 -1.96 -8.27 0.48
N ARG A 37 -1.26 -9.36 0.61
CA ARG A 37 0.22 -9.29 0.79
C ARG A 37 0.91 -9.39 -0.56
N ALA A 38 1.99 -8.69 -0.75
CA ALA A 38 2.70 -8.74 -2.05
C ALA A 38 4.10 -9.34 -1.88
N SER A 39 4.65 -9.91 -2.92
CA SER A 39 6.01 -10.51 -2.81
C SER A 39 6.95 -9.54 -2.08
N SER A 40 6.68 -8.27 -2.16
CA SER A 40 7.57 -7.29 -1.48
C SER A 40 6.87 -5.93 -1.38
N ASP A 41 7.62 -4.88 -1.13
CA ASP A 41 6.99 -3.53 -1.03
C ASP A 41 6.54 -3.05 -2.41
N ASN A 42 6.96 -3.71 -3.45
CA ASN A 42 6.56 -3.30 -4.82
C ASN A 42 5.33 -4.08 -5.28
N HIS A 43 4.17 -3.47 -5.26
CA HIS A 43 2.94 -4.19 -5.70
C HIS A 43 2.02 -3.23 -6.45
N SER A 44 0.92 -3.73 -6.94
CA SER A 44 -0.04 -2.85 -7.67
C SER A 44 -0.94 -2.13 -6.66
N CYS A 45 -1.09 -0.84 -6.80
CA CYS A 45 -1.95 -0.11 -5.84
C CYS A 45 -3.05 0.66 -6.58
N ALA A 46 -3.92 1.28 -5.84
CA ALA A 46 -5.04 2.04 -6.48
C ALA A 46 -5.73 1.13 -7.51
N GLY A 47 -5.85 -0.13 -7.20
CA GLY A 47 -6.50 -1.07 -8.15
C GLY A 47 -5.61 -1.20 -9.39
N ASN A 48 -6.18 -1.45 -10.52
CA ASN A 48 -5.36 -1.58 -11.76
C ASN A 48 -5.10 -0.19 -12.35
N ARG A 49 -4.80 0.77 -11.52
CA ARG A 49 -4.56 2.15 -12.03
C ARG A 49 -3.12 2.59 -11.75
N GLY A 50 -2.58 2.25 -10.61
CA GLY A 50 -1.19 2.68 -10.30
C GLY A 50 -0.34 1.48 -9.89
N TRP A 51 0.95 1.68 -9.77
CA TRP A 51 1.86 0.55 -9.37
C TRP A 51 2.87 1.07 -8.33
N CYS A 52 3.66 0.19 -7.76
CA CYS A 52 4.64 0.64 -6.74
C CYS A 52 6.07 0.62 -7.31
N ARG A 53 6.65 1.77 -7.51
CA ARG A 53 8.04 1.82 -8.05
C ARG A 53 8.90 2.72 -7.15
N SER A 54 10.16 2.40 -6.97
CA SER A 54 11.01 3.28 -6.12
C SER A 54 10.89 4.71 -6.63
N LYS A 55 11.13 4.89 -7.90
CA LYS A 55 11.02 6.24 -8.51
C LYS A 55 10.06 6.20 -9.69
N CYS A 56 9.84 7.32 -10.30
CA CYS A 56 8.91 7.34 -11.47
C CYS A 56 9.23 8.52 -12.39
N PHE A 57 8.61 8.58 -13.54
CA PHE A 57 8.87 9.68 -14.50
C PHE A 57 8.11 10.94 -14.10
N ARG A 58 8.28 12.00 -14.84
CA ARG A 58 7.57 13.27 -14.50
C ARG A 58 6.12 13.21 -14.99
N HIS A 59 5.91 12.80 -16.21
CA HIS A 59 4.53 12.71 -16.73
C HIS A 59 3.64 11.97 -15.71
N GLU A 60 4.24 11.20 -14.84
CA GLU A 60 3.45 10.47 -13.83
C GLU A 60 3.71 11.06 -12.44
N TYR A 61 3.06 10.54 -11.43
CA TYR A 61 3.30 11.08 -10.06
C TYR A 61 3.23 9.97 -9.03
N VAL A 62 3.11 10.32 -7.79
CA VAL A 62 3.03 9.29 -6.72
C VAL A 62 1.81 9.57 -5.85
N ASP A 63 0.72 8.88 -6.10
CA ASP A 63 -0.51 9.13 -5.29
C ASP A 63 -0.16 9.09 -3.80
N THR A 64 0.20 10.21 -3.25
CA THR A 64 0.56 10.26 -1.80
C THR A 64 -0.40 9.40 -0.99
N TYR A 65 -1.60 9.21 -1.45
CA TYR A 65 -2.59 8.39 -0.71
C TYR A 65 -2.16 6.93 -0.65
N TYR A 66 -1.82 6.35 -1.77
CA TYR A 66 -1.41 4.91 -1.77
C TYR A 66 0.08 4.76 -1.44
N SER A 67 0.80 5.84 -1.37
CA SER A 67 2.25 5.73 -1.02
C SER A 67 2.41 4.85 0.21
N ALA A 68 1.36 4.76 1.00
CA ALA A 68 1.42 3.93 2.24
C ALA A 68 1.60 2.44 1.89
N VAL A 69 0.59 1.81 1.33
CA VAL A 69 0.73 0.36 0.99
C VAL A 69 2.05 0.13 0.26
N CYS A 70 2.53 1.11 -0.46
CA CYS A 70 3.81 0.94 -1.19
C CYS A 70 4.96 0.74 -0.20
N GLY A 71 5.03 1.54 0.83
CA GLY A 71 6.12 1.38 1.83
C GLY A 71 7.32 2.21 1.38
N ARG A 72 8.50 1.64 1.43
CA ARG A 72 9.71 2.39 1.01
C ARG A 72 9.55 2.91 -0.42
N TYR A 73 8.80 2.20 -1.24
CA TYR A 73 8.60 2.64 -2.65
C TYR A 73 7.46 3.66 -2.73
N PHE A 74 7.07 4.05 -3.91
CA PHE A 74 5.96 5.02 -4.04
C PHE A 74 4.91 4.49 -5.01
N CYS A 75 3.66 4.59 -4.65
CA CYS A 75 2.60 4.09 -5.58
C CYS A 75 2.36 5.16 -6.65
N CYS A 76 2.97 5.01 -7.80
CA CYS A 76 2.78 6.03 -8.86
C CYS A 76 1.45 5.82 -9.57
N ARG A 77 1.04 6.80 -10.31
CA ARG A 77 -0.25 6.70 -11.05
C ARG A 77 -0.27 7.71 -12.19
N SER A 78 -1.32 7.73 -12.96
CA SER A 78 -1.40 8.69 -14.09
C SER A 78 -2.41 9.80 -13.77
N ARG A 79 -1.94 10.97 -13.47
CA ARG A 79 -2.87 12.10 -13.15
C ARG A 79 -3.74 12.42 -14.37
N ASN A 1 -3.65 7.58 20.09
CA ASN A 1 -4.12 6.23 19.68
C ASN A 1 -4.25 6.16 18.16
N PRO A 2 -3.15 5.91 17.52
CA PRO A 2 -3.14 5.81 16.04
C PRO A 2 -3.80 4.51 15.58
N LEU A 3 -4.79 4.60 14.74
CA LEU A 3 -5.47 3.36 14.25
C LEU A 3 -5.08 3.08 12.80
N ILE A 4 -5.82 2.23 12.14
CA ILE A 4 -5.50 1.92 10.71
C ILE A 4 -6.03 3.02 9.79
N PRO A 5 -5.28 3.29 8.76
CA PRO A 5 -5.69 4.31 7.78
C PRO A 5 -6.86 3.79 6.94
N ALA A 6 -7.07 4.35 5.79
CA ALA A 6 -8.18 3.91 4.91
C ALA A 6 -7.63 3.22 3.67
N ILE A 7 -6.52 3.71 3.17
CA ILE A 7 -5.93 3.09 1.94
C ILE A 7 -5.74 1.58 2.14
N TYR A 8 -5.13 1.19 3.22
CA TYR A 8 -4.91 -0.26 3.47
C TYR A 8 -6.21 -1.04 3.25
N ILE A 9 -7.33 -0.42 3.51
CA ILE A 9 -8.63 -1.13 3.28
C ILE A 9 -8.83 -1.34 1.78
N GLY A 10 -8.80 -2.57 1.36
CA GLY A 10 -8.97 -2.86 -0.09
C GLY A 10 -7.65 -2.55 -0.78
N ALA A 11 -6.56 -2.64 -0.06
CA ALA A 11 -5.23 -2.33 -0.67
C ALA A 11 -4.37 -3.60 -0.76
N THR A 12 -3.09 -3.45 -0.98
CA THR A 12 -2.21 -4.65 -1.07
C THR A 12 -0.77 -4.28 -0.72
N VAL A 13 -0.32 -4.60 0.45
CA VAL A 13 1.08 -4.25 0.83
C VAL A 13 1.99 -5.47 0.64
N GLY A 14 3.24 -5.34 1.01
CA GLY A 14 4.18 -6.48 0.85
C GLY A 14 4.28 -7.25 2.18
N PRO A 15 5.33 -8.00 2.31
CA PRO A 15 5.55 -8.79 3.54
C PRO A 15 5.99 -7.89 4.69
N SER A 16 6.89 -6.97 4.43
CA SER A 16 7.36 -6.06 5.51
C SER A 16 6.23 -5.15 5.99
N VAL A 17 5.58 -4.46 5.08
CA VAL A 17 4.48 -3.56 5.49
C VAL A 17 3.36 -4.37 6.17
N TRP A 18 2.96 -5.45 5.57
CA TRP A 18 1.89 -6.28 6.19
C TRP A 18 2.21 -6.54 7.66
N ALA A 19 3.33 -7.18 7.93
CA ALA A 19 3.71 -7.46 9.33
C ALA A 19 3.51 -6.21 10.19
N TYR A 20 3.90 -5.08 9.69
CA TYR A 20 3.75 -3.82 10.48
C TYR A 20 2.27 -3.59 10.82
N LEU A 21 1.46 -3.35 9.83
CA LEU A 21 0.02 -3.11 10.07
C LEU A 21 -0.51 -4.10 11.11
N VAL A 22 -0.15 -5.35 11.00
CA VAL A 22 -0.62 -6.36 11.98
C VAL A 22 -0.28 -5.91 13.40
N ALA A 23 0.94 -5.54 13.63
CA ALA A 23 1.34 -5.08 14.99
C ALA A 23 0.39 -3.98 15.47
N LEU A 24 0.09 -3.03 14.62
CA LEU A 24 -0.83 -1.94 15.02
C LEU A 24 -2.19 -2.52 15.44
N VAL A 25 -2.66 -3.50 14.71
CA VAL A 25 -3.96 -4.12 15.06
C VAL A 25 -3.81 -5.64 15.21
N GLY A 26 -3.95 -6.38 14.14
CA GLY A 26 -3.80 -7.85 14.23
C GLY A 26 -4.19 -8.49 12.89
N ALA A 27 -3.84 -9.71 12.67
CA ALA A 27 -4.19 -10.38 11.39
C ALA A 27 -5.71 -10.43 11.22
N ALA A 28 -6.45 -10.27 12.28
CA ALA A 28 -7.93 -10.32 12.15
C ALA A 28 -8.43 -9.06 11.45
N ALA A 29 -8.23 -7.92 12.04
CA ALA A 29 -8.68 -6.66 11.39
C ALA A 29 -7.96 -6.50 10.05
N VAL A 30 -6.79 -7.09 9.94
CA VAL A 30 -6.04 -6.98 8.66
C VAL A 30 -6.76 -7.77 7.57
N THR A 31 -7.41 -8.85 7.91
CA THR A 31 -8.14 -9.65 6.89
C THR A 31 -9.46 -8.97 6.53
N ALA A 32 -10.21 -8.55 7.52
CA ALA A 32 -11.50 -7.87 7.23
C ALA A 32 -11.25 -6.53 6.53
N ALA A 33 -10.05 -6.03 6.61
CA ALA A 33 -9.75 -4.73 5.95
C ALA A 33 -9.31 -4.97 4.50
N ASN A 34 -9.69 -6.08 3.93
CA ASN A 34 -9.30 -6.38 2.53
C ASN A 34 -7.85 -5.97 2.27
N ILE A 35 -6.91 -6.67 2.85
CA ILE A 35 -5.47 -6.34 2.65
C ILE A 35 -4.78 -7.53 1.99
N ARG A 36 -4.18 -7.33 0.85
CA ARG A 36 -3.48 -8.45 0.16
C ARG A 36 -1.96 -8.33 0.32
N ARG A 37 -1.28 -9.45 0.36
CA ARG A 37 0.19 -9.41 0.51
C ARG A 37 0.85 -9.41 -0.87
N ALA A 38 2.04 -8.87 -0.97
CA ALA A 38 2.72 -8.84 -2.30
C ALA A 38 4.18 -9.31 -2.17
N SER A 39 4.78 -9.71 -3.25
CA SER A 39 6.19 -10.20 -3.19
C SER A 39 7.04 -9.26 -2.32
N SER A 40 6.75 -7.99 -2.36
CA SER A 40 7.54 -7.03 -1.53
C SER A 40 6.82 -5.69 -1.41
N ASP A 41 7.50 -4.67 -0.98
CA ASP A 41 6.85 -3.33 -0.85
C ASP A 41 6.42 -2.81 -2.23
N ASN A 42 6.87 -3.45 -3.28
CA ASN A 42 6.49 -2.99 -4.65
C ASN A 42 5.32 -3.83 -5.17
N HIS A 43 4.14 -3.27 -5.19
CA HIS A 43 2.96 -4.04 -5.68
C HIS A 43 2.00 -3.11 -6.42
N SER A 44 0.94 -3.66 -6.96
CA SER A 44 -0.05 -2.82 -7.69
C SER A 44 -0.91 -2.05 -6.69
N CYS A 45 -1.07 -0.77 -6.88
CA CYS A 45 -1.90 0.02 -5.92
C CYS A 45 -3.01 0.74 -6.67
N ALA A 46 -3.89 1.38 -5.93
CA ALA A 46 -5.01 2.11 -6.58
C ALA A 46 -5.69 1.19 -7.60
N GLY A 47 -5.82 -0.07 -7.27
CA GLY A 47 -6.46 -1.02 -8.22
C GLY A 47 -5.57 -1.16 -9.45
N ASN A 48 -6.13 -1.42 -10.59
CA ASN A 48 -5.31 -1.54 -11.82
C ASN A 48 -5.06 -0.16 -12.42
N ARG A 49 -4.80 0.83 -11.59
CA ARG A 49 -4.58 2.20 -12.11
C ARG A 49 -3.13 2.64 -11.86
N GLY A 50 -2.56 2.27 -10.74
CA GLY A 50 -1.15 2.70 -10.47
C GLY A 50 -0.32 1.48 -10.03
N TRP A 51 0.96 1.68 -9.88
CA TRP A 51 1.84 0.55 -9.44
C TRP A 51 2.89 1.07 -8.45
N CYS A 52 3.64 0.21 -7.83
CA CYS A 52 4.64 0.69 -6.85
C CYS A 52 6.06 0.59 -7.41
N ARG A 53 6.75 1.69 -7.50
CA ARG A 53 8.15 1.69 -8.02
C ARG A 53 9.02 2.51 -7.08
N SER A 54 10.30 2.28 -7.05
CA SER A 54 11.18 3.09 -6.16
C SER A 54 10.83 4.56 -6.39
N LYS A 55 10.81 4.96 -7.63
CA LYS A 55 10.47 6.36 -7.98
C LYS A 55 9.45 6.38 -9.11
N CYS A 56 9.06 7.54 -9.51
CA CYS A 56 8.06 7.64 -10.63
C CYS A 56 8.60 8.57 -11.73
N PHE A 57 8.08 8.47 -12.92
CA PHE A 57 8.56 9.35 -14.02
C PHE A 57 7.93 10.74 -13.91
N ARG A 58 8.22 11.61 -14.85
CA ARG A 58 7.64 12.96 -14.82
C ARG A 58 6.20 12.92 -15.34
N HIS A 59 5.96 12.15 -16.36
CA HIS A 59 4.58 12.06 -16.91
C HIS A 59 3.63 11.52 -15.83
N GLU A 60 4.17 11.01 -14.77
CA GLU A 60 3.31 10.47 -13.68
C GLU A 60 3.66 11.15 -12.35
N TYR A 61 3.22 10.60 -11.26
CA TYR A 61 3.54 11.19 -9.93
C TYR A 61 3.48 10.12 -8.85
N VAL A 62 3.38 10.52 -7.63
CA VAL A 62 3.30 9.54 -6.52
C VAL A 62 1.99 9.74 -5.76
N ASP A 63 0.97 8.99 -6.08
CA ASP A 63 -0.33 9.17 -5.38
C ASP A 63 -0.09 9.08 -3.87
N THR A 64 0.18 10.20 -3.26
CA THR A 64 0.44 10.20 -1.78
C THR A 64 -0.58 9.33 -1.05
N TYR A 65 -1.73 9.14 -1.63
CA TYR A 65 -2.77 8.31 -0.97
C TYR A 65 -2.34 6.85 -0.86
N TYR A 66 -1.92 6.26 -1.95
CA TYR A 66 -1.51 4.82 -1.90
C TYR A 66 -0.04 4.66 -1.50
N SER A 67 0.68 5.74 -1.35
CA SER A 67 2.11 5.63 -0.93
C SER A 67 2.20 4.83 0.37
N ALA A 68 1.11 4.71 1.08
CA ALA A 68 1.11 3.95 2.36
C ALA A 68 1.30 2.45 2.12
N VAL A 69 0.51 1.86 1.26
CA VAL A 69 0.66 0.40 1.00
C VAL A 69 2.00 0.15 0.31
N CYS A 70 2.51 1.12 -0.40
CA CYS A 70 3.82 0.93 -1.08
C CYS A 70 4.92 0.76 -0.03
N GLY A 71 4.92 1.57 0.98
CA GLY A 71 5.96 1.46 2.04
C GLY A 71 7.26 2.10 1.57
N ARG A 72 8.35 1.39 1.64
CA ARG A 72 9.66 1.97 1.20
C ARG A 72 9.53 2.51 -0.23
N TYR A 73 8.74 1.88 -1.04
CA TYR A 73 8.58 2.36 -2.45
C TYR A 73 7.46 3.40 -2.53
N PHE A 74 7.12 3.84 -3.70
CA PHE A 74 6.03 4.84 -3.85
C PHE A 74 5.04 4.38 -4.91
N CYS A 75 3.77 4.51 -4.63
CA CYS A 75 2.76 4.09 -5.64
C CYS A 75 2.63 5.18 -6.69
N CYS A 76 3.23 5.01 -7.83
CA CYS A 76 3.14 6.06 -8.88
C CYS A 76 1.84 5.89 -9.67
N ARG A 77 1.43 6.91 -10.36
CA ARG A 77 0.17 6.81 -11.15
C ARG A 77 0.18 7.83 -12.28
N SER A 78 -0.91 7.92 -13.01
CA SER A 78 -0.97 8.90 -14.13
C SER A 78 -2.11 9.91 -13.89
N ARG A 79 -1.87 10.91 -13.09
CA ARG A 79 -2.92 11.91 -12.81
C ARG A 79 -3.63 12.30 -14.12
N ASN A 1 -2.68 10.91 18.84
CA ASN A 1 -2.79 9.43 18.59
C ASN A 1 -3.68 9.17 17.37
N PRO A 2 -3.03 9.07 16.23
CA PRO A 2 -3.76 8.82 14.96
C PRO A 2 -4.25 7.38 14.90
N LEU A 3 -4.81 6.97 13.80
CA LEU A 3 -5.32 5.57 13.67
C LEU A 3 -4.88 4.97 12.34
N ILE A 4 -5.45 3.86 11.96
CA ILE A 4 -5.07 3.23 10.67
C ILE A 4 -5.61 4.05 9.50
N PRO A 5 -4.85 4.07 8.44
CA PRO A 5 -5.26 4.81 7.23
C PRO A 5 -6.28 3.98 6.45
N ALA A 6 -6.98 4.60 5.55
CA ALA A 6 -7.99 3.86 4.74
C ALA A 6 -7.31 3.18 3.54
N ILE A 7 -6.15 3.65 3.16
CA ILE A 7 -5.44 3.04 2.01
C ILE A 7 -5.32 1.52 2.17
N TYR A 8 -4.72 1.07 3.23
CA TYR A 8 -4.57 -0.41 3.42
C TYR A 8 -5.90 -1.11 3.18
N ILE A 9 -6.99 -0.43 3.39
CA ILE A 9 -8.31 -1.08 3.14
C ILE A 9 -8.50 -1.32 1.64
N GLY A 10 -8.85 -2.51 1.26
CA GLY A 10 -9.02 -2.79 -0.19
C GLY A 10 -7.73 -2.45 -0.92
N ALA A 11 -6.62 -2.62 -0.26
CA ALA A 11 -5.31 -2.30 -0.91
C ALA A 11 -4.43 -3.55 -1.00
N THR A 12 -3.16 -3.38 -1.23
CA THR A 12 -2.26 -4.58 -1.33
C THR A 12 -0.84 -4.21 -0.91
N VAL A 13 -0.48 -4.42 0.31
CA VAL A 13 0.91 -4.07 0.75
C VAL A 13 1.86 -5.23 0.46
N GLY A 14 3.05 -5.17 0.99
CA GLY A 14 4.02 -6.27 0.77
C GLY A 14 4.12 -7.14 2.02
N PRO A 15 5.18 -7.89 2.11
CA PRO A 15 5.39 -8.77 3.28
C PRO A 15 5.80 -7.94 4.50
N SER A 16 6.71 -7.02 4.31
CA SER A 16 7.15 -6.17 5.46
C SER A 16 6.00 -5.28 5.93
N VAL A 17 5.35 -4.61 5.02
CA VAL A 17 4.22 -3.72 5.41
C VAL A 17 3.13 -4.55 6.11
N TRP A 18 2.76 -5.65 5.52
CA TRP A 18 1.71 -6.50 6.15
C TRP A 18 2.04 -6.73 7.62
N ALA A 19 3.11 -7.43 7.90
CA ALA A 19 3.49 -7.69 9.31
C ALA A 19 3.40 -6.41 10.14
N TYR A 20 3.68 -5.28 9.54
CA TYR A 20 3.62 -3.99 10.30
C TYR A 20 2.17 -3.67 10.66
N LEU A 21 1.37 -3.32 9.69
CA LEU A 21 -0.06 -2.99 9.98
C LEU A 21 -0.65 -4.02 10.95
N VAL A 22 -0.17 -5.23 10.90
CA VAL A 22 -0.70 -6.28 11.82
C VAL A 22 -0.40 -5.90 13.26
N ALA A 23 0.85 -5.70 13.59
CA ALA A 23 1.21 -5.33 14.98
C ALA A 23 0.40 -4.12 15.43
N LEU A 24 0.06 -3.25 14.51
CA LEU A 24 -0.73 -2.04 14.86
C LEU A 24 -2.13 -2.44 15.33
N VAL A 25 -2.82 -3.22 14.55
CA VAL A 25 -4.20 -3.65 14.96
C VAL A 25 -4.23 -5.16 15.20
N GLY A 26 -3.71 -5.92 14.27
CA GLY A 26 -3.71 -7.41 14.43
C GLY A 26 -3.84 -8.06 13.06
N ALA A 27 -3.54 -9.33 12.95
CA ALA A 27 -3.65 -10.00 11.63
C ALA A 27 -5.11 -10.23 11.25
N ALA A 28 -5.89 -10.76 12.15
CA ALA A 28 -7.33 -11.00 11.84
C ALA A 28 -7.97 -9.70 11.37
N ALA A 29 -7.74 -8.63 12.08
CA ALA A 29 -8.33 -7.33 11.67
C ALA A 29 -7.81 -6.95 10.28
N VAL A 30 -6.53 -6.96 10.10
CA VAL A 30 -5.96 -6.62 8.78
C VAL A 30 -6.65 -7.43 7.69
N THR A 31 -7.08 -8.62 8.01
CA THR A 31 -7.77 -9.46 7.00
C THR A 31 -9.16 -8.88 6.68
N ALA A 32 -9.86 -8.45 7.69
CA ALA A 32 -11.22 -7.87 7.46
C ALA A 32 -11.10 -6.53 6.73
N ALA A 33 -9.96 -5.90 6.81
CA ALA A 33 -9.78 -4.59 6.12
C ALA A 33 -9.51 -4.81 4.63
N ASN A 34 -9.59 -6.03 4.18
CA ASN A 34 -9.34 -6.31 2.74
C ASN A 34 -7.93 -5.84 2.34
N ILE A 35 -6.93 -6.52 2.83
CA ILE A 35 -5.53 -6.14 2.48
C ILE A 35 -4.84 -7.31 1.78
N ARG A 36 -4.15 -7.07 0.71
CA ARG A 36 -3.48 -8.18 -0.01
C ARG A 36 -1.96 -8.10 0.17
N ARG A 37 -1.30 -9.23 0.24
CA ARG A 37 0.18 -9.23 0.40
C ARG A 37 0.85 -9.34 -0.97
N ALA A 38 1.94 -8.66 -1.16
CA ALA A 38 2.63 -8.74 -2.48
C ALA A 38 4.04 -9.31 -2.31
N SER A 39 4.59 -9.86 -3.35
CA SER A 39 5.97 -10.43 -3.25
C SER A 39 6.88 -9.51 -2.44
N SER A 40 6.58 -8.24 -2.45
CA SER A 40 7.43 -7.27 -1.67
C SER A 40 6.71 -5.94 -1.52
N ASP A 41 7.39 -4.94 -1.03
CA ASP A 41 6.74 -3.61 -0.86
C ASP A 41 6.37 -3.02 -2.22
N ASN A 42 6.82 -3.63 -3.29
CA ASN A 42 6.49 -3.10 -4.64
C ASN A 42 5.28 -3.84 -5.21
N HIS A 43 4.13 -3.20 -5.24
CA HIS A 43 2.93 -3.87 -5.78
C HIS A 43 2.06 -2.86 -6.53
N SER A 44 0.93 -3.30 -7.02
CA SER A 44 0.01 -2.37 -7.75
C SER A 44 -1.04 -1.83 -6.79
N CYS A 45 -1.47 -0.61 -6.99
CA CYS A 45 -2.50 -0.04 -6.07
C CYS A 45 -3.56 0.70 -6.88
N ALA A 46 -4.51 1.29 -6.19
CA ALA A 46 -5.59 2.03 -6.90
C ALA A 46 -6.12 1.15 -8.04
N GLY A 47 -6.23 -0.14 -7.81
CA GLY A 47 -6.72 -1.06 -8.86
C GLY A 47 -5.59 -1.31 -9.86
N ASN A 48 -5.90 -1.72 -11.05
CA ASN A 48 -4.84 -1.98 -12.05
C ASN A 48 -4.47 -0.67 -12.76
N ARG A 49 -4.32 0.39 -12.00
CA ARG A 49 -3.99 1.70 -12.63
C ARG A 49 -2.65 2.24 -12.12
N GLY A 50 -2.33 2.00 -10.88
CA GLY A 50 -1.03 2.53 -10.34
C GLY A 50 -0.10 1.37 -9.96
N TRP A 51 1.17 1.66 -9.79
CA TRP A 51 2.14 0.59 -9.40
C TRP A 51 3.09 1.13 -8.33
N CYS A 52 3.94 0.30 -7.78
CA CYS A 52 4.87 0.80 -6.72
C CYS A 52 6.33 0.69 -7.18
N ARG A 53 7.01 1.80 -7.27
CA ARG A 53 8.44 1.78 -7.68
C ARG A 53 9.24 2.69 -6.75
N SER A 54 10.53 2.51 -6.66
CA SER A 54 11.33 3.38 -5.77
C SER A 54 10.97 4.84 -6.06
N LYS A 55 10.89 5.19 -7.31
CA LYS A 55 10.54 6.57 -7.69
C LYS A 55 9.55 6.52 -8.88
N CYS A 56 9.08 7.64 -9.34
CA CYS A 56 8.12 7.62 -10.50
C CYS A 56 8.66 8.48 -11.64
N PHE A 57 8.03 8.42 -12.78
CA PHE A 57 8.51 9.23 -13.94
C PHE A 57 7.95 10.65 -13.88
N ARG A 58 8.26 11.46 -14.86
CA ARG A 58 7.75 12.85 -14.87
C ARG A 58 6.28 12.88 -15.28
N HIS A 59 5.94 12.13 -16.29
CA HIS A 59 4.51 12.10 -16.74
C HIS A 59 3.64 11.43 -15.68
N GLU A 60 4.23 10.93 -14.62
CA GLU A 60 3.42 10.27 -13.56
C GLU A 60 3.68 10.94 -12.20
N TYR A 61 2.99 10.52 -11.18
CA TYR A 61 3.20 11.13 -9.84
C TYR A 61 3.18 10.05 -8.76
N VAL A 62 2.96 10.44 -7.54
CA VAL A 62 2.93 9.45 -6.43
C VAL A 62 1.62 9.57 -5.66
N ASP A 63 0.69 8.69 -5.88
CA ASP A 63 -0.61 8.77 -5.14
C ASP A 63 -0.33 8.85 -3.64
N THR A 64 -0.17 10.03 -3.12
CA THR A 64 0.12 10.19 -1.67
C THR A 64 -0.83 9.32 -0.84
N TYR A 65 -1.98 9.01 -1.36
CA TYR A 65 -2.95 8.17 -0.59
C TYR A 65 -2.48 6.71 -0.55
N TYR A 66 -2.10 6.16 -1.66
CA TYR A 66 -1.66 4.73 -1.68
C TYR A 66 -0.17 4.62 -1.30
N SER A 67 0.52 5.73 -1.18
CA SER A 67 1.95 5.66 -0.80
C SER A 67 2.11 4.75 0.42
N ALA A 68 1.06 4.60 1.17
CA ALA A 68 1.13 3.74 2.39
C ALA A 68 1.23 2.26 2.00
N VAL A 69 0.20 1.71 1.39
CA VAL A 69 0.27 0.26 1.00
C VAL A 69 1.64 -0.03 0.38
N CYS A 70 2.22 0.94 -0.28
CA CYS A 70 3.55 0.72 -0.90
C CYS A 70 4.60 0.45 0.18
N GLY A 71 4.91 1.44 0.98
CA GLY A 71 5.92 1.22 2.05
C GLY A 71 7.22 1.93 1.68
N ARG A 72 8.32 1.23 1.64
CA ARG A 72 9.61 1.87 1.27
C ARG A 72 9.50 2.51 -0.11
N TYR A 73 8.72 1.94 -0.99
CA TYR A 73 8.57 2.52 -2.35
C TYR A 73 7.35 3.45 -2.41
N PHE A 74 7.17 4.10 -3.52
CA PHE A 74 5.99 5.01 -3.66
C PHE A 74 5.08 4.47 -4.76
N CYS A 75 3.80 4.39 -4.51
CA CYS A 75 2.89 3.88 -5.57
C CYS A 75 2.64 4.99 -6.59
N CYS A 76 3.28 4.94 -7.72
CA CYS A 76 3.08 6.00 -8.74
C CYS A 76 1.77 5.77 -9.49
N ARG A 77 1.28 6.77 -10.15
CA ARG A 77 0.01 6.62 -10.90
C ARG A 77 -0.08 7.65 -12.03
N SER A 78 -1.22 7.77 -12.64
CA SER A 78 -1.37 8.76 -13.75
C SER A 78 -2.25 9.92 -13.30
N ARG A 79 -1.69 11.10 -13.22
CA ARG A 79 -2.50 12.29 -12.79
C ARG A 79 -3.48 12.69 -13.90
N ASN A 1 -5.52 7.84 20.94
CA ASN A 1 -5.42 6.52 20.26
C ASN A 1 -5.67 6.67 18.75
N PRO A 2 -4.60 6.65 18.00
CA PRO A 2 -4.70 6.79 16.53
C PRO A 2 -5.28 5.52 15.90
N LEU A 3 -5.76 5.61 14.69
CA LEU A 3 -6.33 4.41 14.02
C LEU A 3 -5.54 4.07 12.76
N ILE A 4 -6.04 3.17 11.96
CA ILE A 4 -5.31 2.79 10.71
C ILE A 4 -5.74 3.69 9.54
N PRO A 5 -4.89 3.74 8.56
CA PRO A 5 -5.18 4.55 7.35
C PRO A 5 -6.21 3.84 6.46
N ALA A 6 -6.74 4.52 5.50
CA ALA A 6 -7.75 3.89 4.59
C ALA A 6 -7.06 3.20 3.42
N ILE A 7 -5.89 3.65 3.06
CA ILE A 7 -5.17 3.02 1.91
C ILE A 7 -5.08 1.50 2.09
N TYR A 8 -4.61 1.05 3.23
CA TYR A 8 -4.49 -0.41 3.46
C TYR A 8 -5.81 -1.12 3.16
N ILE A 9 -6.91 -0.44 3.33
CA ILE A 9 -8.22 -1.09 3.05
C ILE A 9 -8.36 -1.31 1.54
N GLY A 10 -8.75 -2.49 1.14
CA GLY A 10 -8.89 -2.78 -0.31
C GLY A 10 -7.56 -2.45 -1.00
N ALA A 11 -6.47 -2.67 -0.30
CA ALA A 11 -5.14 -2.37 -0.91
C ALA A 11 -4.28 -3.63 -0.99
N THR A 12 -2.99 -3.47 -1.17
CA THR A 12 -2.09 -4.67 -1.27
C THR A 12 -0.69 -4.30 -0.79
N VAL A 13 -0.37 -4.56 0.44
CA VAL A 13 0.99 -4.21 0.93
C VAL A 13 1.94 -5.41 0.78
N GLY A 14 3.20 -5.22 1.07
CA GLY A 14 4.17 -6.35 0.93
C GLY A 14 4.23 -7.12 2.25
N PRO A 15 5.27 -7.90 2.38
CA PRO A 15 5.45 -8.71 3.62
C PRO A 15 5.87 -7.81 4.79
N SER A 16 6.85 -6.97 4.58
CA SER A 16 7.30 -6.08 5.68
C SER A 16 6.15 -5.18 6.15
N VAL A 17 5.49 -4.51 5.23
CA VAL A 17 4.35 -3.64 5.63
C VAL A 17 3.27 -4.47 6.30
N TRP A 18 2.83 -5.53 5.66
CA TRP A 18 1.78 -6.38 6.27
C TRP A 18 2.09 -6.62 7.75
N ALA A 19 3.16 -7.31 8.02
CA ALA A 19 3.52 -7.59 9.44
C ALA A 19 3.34 -6.32 10.29
N TYR A 20 3.72 -5.19 9.77
CA TYR A 20 3.57 -3.93 10.55
C TYR A 20 2.09 -3.68 10.86
N LEU A 21 1.30 -3.43 9.85
CA LEU A 21 -0.15 -3.18 10.08
C LEU A 21 -0.70 -4.17 11.11
N VAL A 22 -0.24 -5.39 11.09
CA VAL A 22 -0.73 -6.39 12.08
C VAL A 22 -0.42 -5.92 13.50
N ALA A 23 0.82 -5.58 13.75
CA ALA A 23 1.19 -5.10 15.11
C ALA A 23 0.25 -3.99 15.55
N LEU A 24 -0.14 -3.14 14.64
CA LEU A 24 -1.07 -2.03 14.99
C LEU A 24 -2.41 -2.60 15.45
N VAL A 25 -2.87 -3.64 14.81
CA VAL A 25 -4.18 -4.25 15.19
C VAL A 25 -4.03 -5.77 15.33
N GLY A 26 -4.21 -6.49 14.25
CA GLY A 26 -4.08 -7.98 14.34
C GLY A 26 -4.44 -8.59 12.98
N ALA A 27 -4.18 -9.87 12.80
CA ALA A 27 -4.51 -10.51 11.51
C ALA A 27 -6.02 -10.51 11.28
N ALA A 28 -6.79 -10.35 12.31
CA ALA A 28 -8.27 -10.34 12.14
C ALA A 28 -8.70 -9.05 11.44
N ALA A 29 -8.48 -7.93 12.06
CA ALA A 29 -8.87 -6.64 11.42
C ALA A 29 -8.06 -6.46 10.14
N VAL A 30 -6.94 -7.12 10.04
CA VAL A 30 -6.11 -7.00 8.81
C VAL A 30 -6.78 -7.76 7.66
N THR A 31 -7.50 -8.81 7.95
CA THR A 31 -8.17 -9.58 6.88
C THR A 31 -9.53 -8.96 6.55
N ALA A 32 -10.17 -8.39 7.53
CA ALA A 32 -11.50 -7.76 7.27
C ALA A 32 -11.33 -6.44 6.53
N ALA A 33 -10.19 -5.81 6.67
CA ALA A 33 -9.96 -4.51 5.97
C ALA A 33 -9.62 -4.76 4.49
N ASN A 34 -9.68 -5.99 4.06
CA ASN A 34 -9.36 -6.30 2.63
C ASN A 34 -7.93 -5.85 2.30
N ILE A 35 -6.95 -6.57 2.79
CA ILE A 35 -5.53 -6.22 2.51
C ILE A 35 -4.83 -7.41 1.86
N ARG A 36 -4.17 -7.18 0.77
CA ARG A 36 -3.46 -8.31 0.08
C ARG A 36 -1.94 -8.17 0.24
N ARG A 37 -1.26 -9.25 0.45
CA ARG A 37 0.23 -9.18 0.61
C ARG A 37 0.89 -9.19 -0.77
N ALA A 38 2.09 -8.68 -0.89
CA ALA A 38 2.78 -8.67 -2.21
C ALA A 38 4.19 -9.22 -2.07
N SER A 39 4.82 -9.56 -3.18
CA SER A 39 6.20 -10.11 -3.12
C SER A 39 7.09 -9.20 -2.28
N SER A 40 6.78 -7.93 -2.23
CA SER A 40 7.63 -6.99 -1.42
C SER A 40 6.96 -5.62 -1.36
N ASP A 41 7.65 -4.63 -0.85
CA ASP A 41 7.06 -3.27 -0.76
C ASP A 41 6.65 -2.78 -2.15
N ASN A 42 7.14 -3.42 -3.18
CA ASN A 42 6.78 -2.99 -4.56
C ASN A 42 5.59 -3.81 -5.09
N HIS A 43 4.42 -3.22 -5.15
CA HIS A 43 3.24 -3.96 -5.66
C HIS A 43 2.29 -3.02 -6.39
N SER A 44 1.24 -3.55 -6.94
CA SER A 44 0.27 -2.69 -7.65
C SER A 44 -0.66 -2.00 -6.65
N CYS A 45 -1.09 -0.81 -6.95
CA CYS A 45 -2.00 -0.10 -6.01
C CYS A 45 -3.08 0.65 -6.78
N ALA A 46 -4.02 1.22 -6.08
CA ALA A 46 -5.11 1.96 -6.76
C ALA A 46 -5.73 1.08 -7.85
N GLY A 47 -5.82 -0.20 -7.60
CA GLY A 47 -6.39 -1.12 -8.62
C GLY A 47 -5.38 -1.29 -9.75
N ASN A 48 -5.83 -1.59 -10.94
CA ASN A 48 -4.89 -1.77 -12.07
C ASN A 48 -4.58 -0.42 -12.72
N ARG A 49 -4.50 0.63 -11.94
CA ARG A 49 -4.22 1.97 -12.52
C ARG A 49 -2.90 2.52 -11.98
N GLY A 50 -2.52 2.17 -10.79
CA GLY A 50 -1.23 2.69 -10.24
C GLY A 50 -0.32 1.52 -9.85
N TRP A 51 0.94 1.79 -9.65
CA TRP A 51 1.89 0.70 -9.28
C TRP A 51 2.92 1.24 -8.29
N CYS A 52 3.74 0.39 -7.72
CA CYS A 52 4.76 0.88 -6.75
C CYS A 52 6.17 0.83 -7.35
N ARG A 53 6.76 1.98 -7.58
CA ARG A 53 8.13 2.01 -8.15
C ARG A 53 9.04 2.89 -7.29
N SER A 54 10.31 2.64 -7.28
CA SER A 54 11.22 3.50 -6.46
C SER A 54 10.97 4.96 -6.80
N LYS A 55 10.89 5.27 -8.07
CA LYS A 55 10.64 6.66 -8.49
C LYS A 55 9.57 6.66 -9.61
N CYS A 56 8.77 7.68 -9.68
CA CYS A 56 7.72 7.72 -10.74
C CYS A 56 8.21 8.55 -11.93
N PHE A 57 7.58 8.42 -13.07
CA PHE A 57 8.01 9.21 -14.26
C PHE A 57 7.48 10.64 -14.17
N ARG A 58 7.76 11.45 -15.16
CA ARG A 58 7.27 12.85 -15.13
C ARG A 58 5.79 12.89 -15.52
N HIS A 59 5.38 12.08 -16.46
CA HIS A 59 3.96 12.07 -16.86
C HIS A 59 3.10 11.50 -15.73
N GLU A 60 3.72 11.02 -14.69
CA GLU A 60 2.95 10.45 -13.55
C GLU A 60 3.38 11.10 -12.24
N TYR A 61 2.85 10.66 -11.14
CA TYR A 61 3.25 11.25 -9.83
C TYR A 61 3.35 10.17 -8.76
N VAL A 62 3.44 10.56 -7.52
CA VAL A 62 3.55 9.56 -6.42
C VAL A 62 2.24 9.51 -5.63
N ASP A 63 1.32 8.67 -6.01
CA ASP A 63 0.02 8.59 -5.28
C ASP A 63 0.27 8.66 -3.77
N THR A 64 0.21 9.83 -3.21
CA THR A 64 0.46 9.97 -1.74
C THR A 64 -0.51 9.09 -0.95
N TYR A 65 -1.70 8.90 -1.46
CA TYR A 65 -2.69 8.06 -0.72
C TYR A 65 -2.24 6.60 -0.67
N TYR A 66 -1.84 6.05 -1.79
CA TYR A 66 -1.40 4.63 -1.79
C TYR A 66 0.08 4.50 -1.43
N SER A 67 0.78 5.59 -1.30
CA SER A 67 2.21 5.51 -0.93
C SER A 67 2.36 4.66 0.35
N ALA A 68 1.30 4.56 1.10
CA ALA A 68 1.35 3.75 2.34
C ALA A 68 1.47 2.25 2.03
N VAL A 69 0.46 1.67 1.44
CA VAL A 69 0.56 0.22 1.11
C VAL A 69 1.91 -0.07 0.45
N CYS A 70 2.43 0.89 -0.27
CA CYS A 70 3.76 0.68 -0.93
C CYS A 70 4.83 0.39 0.13
N GLY A 71 5.18 1.36 0.93
CA GLY A 71 6.21 1.13 1.98
C GLY A 71 7.55 1.72 1.53
N ARG A 72 8.48 0.89 1.15
CA ARG A 72 9.81 1.40 0.71
C ARG A 72 9.65 2.26 -0.55
N TYR A 73 9.01 1.72 -1.56
CA TYR A 73 8.81 2.51 -2.81
C TYR A 73 7.59 3.41 -2.68
N PHE A 74 7.16 4.00 -3.76
CA PHE A 74 5.96 4.87 -3.70
C PHE A 74 4.94 4.43 -4.76
N CYS A 75 3.68 4.48 -4.44
CA CYS A 75 2.66 4.05 -5.44
C CYS A 75 2.42 5.19 -6.43
N CYS A 76 3.05 5.13 -7.58
CA CYS A 76 2.87 6.20 -8.57
C CYS A 76 1.54 6.01 -9.31
N ARG A 77 1.08 7.01 -9.99
CA ARG A 77 -0.22 6.89 -10.71
C ARG A 77 -0.27 7.86 -11.88
N SER A 78 -1.37 7.90 -12.58
CA SER A 78 -1.49 8.83 -13.74
C SER A 78 -2.31 10.07 -13.34
N ARG A 79 -1.65 11.08 -12.84
CA ARG A 79 -2.39 12.31 -12.44
C ARG A 79 -3.35 12.75 -13.55
N ASN A 1 -3.90 3.76 21.34
CA ASN A 1 -5.05 3.79 20.39
C ASN A 1 -4.57 3.49 18.96
N PRO A 2 -5.36 2.75 18.25
CA PRO A 2 -5.02 2.37 16.85
C PRO A 2 -5.18 3.59 15.92
N LEU A 3 -4.76 3.47 14.70
CA LEU A 3 -4.89 4.62 13.75
C LEU A 3 -4.46 4.20 12.34
N ILE A 4 -4.85 3.03 11.92
CA ILE A 4 -4.47 2.57 10.54
C ILE A 4 -5.10 3.48 9.48
N PRO A 5 -4.37 3.66 8.42
CA PRO A 5 -4.87 4.49 7.29
C PRO A 5 -5.91 3.71 6.49
N ALA A 6 -6.63 4.37 5.65
CA ALA A 6 -7.66 3.67 4.83
C ALA A 6 -7.02 3.04 3.59
N ILE A 7 -5.87 3.51 3.21
CA ILE A 7 -5.19 2.94 2.00
C ILE A 7 -5.05 1.41 2.12
N TYR A 8 -4.47 0.93 3.19
CA TYR A 8 -4.30 -0.54 3.35
C TYR A 8 -5.62 -1.26 3.06
N ILE A 9 -6.73 -0.59 3.27
CA ILE A 9 -8.04 -1.24 3.00
C ILE A 9 -8.22 -1.44 1.50
N GLY A 10 -8.68 -2.58 1.08
CA GLY A 10 -8.85 -2.82 -0.38
C GLY A 10 -7.54 -2.49 -1.08
N ALA A 11 -6.44 -2.73 -0.42
CA ALA A 11 -5.11 -2.43 -1.03
C ALA A 11 -4.25 -3.70 -1.09
N THR A 12 -2.96 -3.54 -1.21
CA THR A 12 -2.07 -4.74 -1.27
C THR A 12 -0.67 -4.39 -0.78
N VAL A 13 -0.38 -4.63 0.46
CA VAL A 13 0.98 -4.31 0.99
C VAL A 13 1.91 -5.51 0.83
N GLY A 14 3.18 -5.32 1.02
CA GLY A 14 4.14 -6.46 0.89
C GLY A 14 4.14 -7.27 2.19
N PRO A 15 5.17 -8.06 2.35
CA PRO A 15 5.30 -8.91 3.56
C PRO A 15 5.68 -8.06 4.77
N SER A 16 6.70 -7.26 4.65
CA SER A 16 7.12 -6.40 5.79
C SER A 16 5.99 -5.45 6.19
N VAL A 17 5.41 -4.77 5.23
CA VAL A 17 4.31 -3.83 5.55
C VAL A 17 3.15 -4.58 6.20
N TRP A 18 2.77 -5.70 5.65
CA TRP A 18 1.65 -6.48 6.25
C TRP A 18 1.89 -6.69 7.75
N ALA A 19 2.95 -7.36 8.10
CA ALA A 19 3.25 -7.60 9.54
C ALA A 19 3.10 -6.29 10.32
N TYR A 20 3.48 -5.19 9.72
CA TYR A 20 3.38 -3.89 10.43
C TYR A 20 1.91 -3.60 10.76
N LEU A 21 1.05 -3.62 9.78
CA LEU A 21 -0.40 -3.35 10.05
C LEU A 21 -0.92 -4.30 11.12
N VAL A 22 -0.45 -5.52 11.13
CA VAL A 22 -0.93 -6.49 12.16
C VAL A 22 -0.62 -5.97 13.55
N ALA A 23 0.61 -5.62 13.80
CA ALA A 23 1.00 -5.11 15.13
C ALA A 23 0.11 -3.92 15.53
N LEU A 24 -0.19 -3.07 14.59
CA LEU A 24 -1.06 -1.90 14.90
C LEU A 24 -2.44 -2.37 15.35
N VAL A 25 -2.94 -3.41 14.74
CA VAL A 25 -4.30 -3.92 15.14
C VAL A 25 -4.22 -5.44 15.39
N GLY A 26 -4.41 -6.24 14.37
CA GLY A 26 -4.36 -7.72 14.57
C GLY A 26 -4.69 -8.41 13.25
N ALA A 27 -4.40 -9.68 13.15
CA ALA A 27 -4.69 -10.41 11.88
C ALA A 27 -6.18 -10.36 11.56
N ALA A 28 -7.01 -10.14 12.54
CA ALA A 28 -8.48 -10.09 12.28
C ALA A 28 -8.83 -8.82 11.51
N ALA A 29 -8.61 -7.68 12.09
CA ALA A 29 -8.92 -6.41 11.38
C ALA A 29 -8.04 -6.31 10.13
N VAL A 30 -6.94 -7.00 10.11
CA VAL A 30 -6.05 -6.95 8.93
C VAL A 30 -6.66 -7.74 7.77
N THR A 31 -7.36 -8.80 8.06
CA THR A 31 -7.98 -9.61 6.99
C THR A 31 -9.38 -9.08 6.65
N ALA A 32 -9.97 -8.35 7.56
CA ALA A 32 -11.33 -7.79 7.30
C ALA A 32 -11.22 -6.49 6.52
N ALA A 33 -10.11 -5.82 6.63
CA ALA A 33 -9.94 -4.54 5.89
C ALA A 33 -9.54 -4.82 4.44
N ASN A 34 -9.57 -6.05 4.03
CA ASN A 34 -9.21 -6.40 2.62
C ASN A 34 -7.78 -5.92 2.31
N ILE A 35 -6.80 -6.63 2.81
CA ILE A 35 -5.38 -6.24 2.55
C ILE A 35 -4.63 -7.42 1.94
N ARG A 36 -4.27 -7.32 0.68
CA ARG A 36 -3.54 -8.46 0.03
C ARG A 36 -2.04 -8.31 0.25
N ARG A 37 -1.31 -9.39 0.16
CA ARG A 37 0.16 -9.33 0.37
C ARG A 37 0.89 -9.36 -0.99
N ALA A 38 2.03 -8.75 -1.07
CA ALA A 38 2.78 -8.76 -2.36
C ALA A 38 4.18 -9.33 -2.16
N SER A 39 4.78 -9.87 -3.19
CA SER A 39 6.14 -10.45 -3.05
C SER A 39 7.04 -9.51 -2.23
N SER A 40 6.73 -8.24 -2.25
CA SER A 40 7.56 -7.27 -1.46
C SER A 40 6.83 -5.93 -1.34
N ASP A 41 7.55 -4.88 -1.00
CA ASP A 41 6.90 -3.55 -0.87
C ASP A 41 6.53 -3.01 -2.25
N ASN A 42 7.02 -3.61 -3.29
CA ASN A 42 6.70 -3.12 -4.67
C ASN A 42 5.51 -3.90 -5.24
N HIS A 43 4.36 -3.28 -5.31
CA HIS A 43 3.17 -3.99 -5.86
C HIS A 43 2.26 -3.01 -6.61
N SER A 44 1.23 -3.52 -7.23
CA SER A 44 0.31 -2.62 -7.98
C SER A 44 -0.68 -1.95 -7.01
N CYS A 45 -0.74 -0.65 -7.01
CA CYS A 45 -1.68 0.03 -6.07
C CYS A 45 -2.75 0.78 -6.85
N ALA A 46 -3.62 1.46 -6.16
CA ALA A 46 -4.71 2.20 -6.85
C ALA A 46 -5.34 1.30 -7.91
N GLY A 47 -5.52 0.04 -7.59
CA GLY A 47 -6.11 -0.90 -8.57
C GLY A 47 -5.12 -1.12 -9.71
N ASN A 48 -5.60 -1.38 -10.90
CA ASN A 48 -4.68 -1.60 -12.04
C ASN A 48 -4.34 -0.26 -12.70
N ARG A 49 -4.31 0.80 -11.94
CA ARG A 49 -4.00 2.14 -12.52
C ARG A 49 -2.68 2.68 -11.97
N GLY A 50 -2.32 2.30 -10.77
CA GLY A 50 -1.04 2.81 -10.19
C GLY A 50 -0.11 1.65 -9.87
N TRP A 51 1.16 1.92 -9.70
CA TRP A 51 2.13 0.84 -9.38
C TRP A 51 3.12 1.33 -8.32
N CYS A 52 3.88 0.47 -7.74
CA CYS A 52 4.85 0.92 -6.69
C CYS A 52 6.29 0.86 -7.21
N ARG A 53 6.89 2.00 -7.45
CA ARG A 53 8.29 2.02 -7.93
C ARG A 53 9.11 2.99 -7.07
N SER A 54 10.40 2.85 -7.05
CA SER A 54 11.21 3.80 -6.23
C SER A 54 10.77 5.22 -6.57
N LYS A 55 10.70 5.51 -7.84
CA LYS A 55 10.27 6.86 -8.28
C LYS A 55 9.07 6.75 -9.22
N CYS A 56 8.71 7.86 -9.82
CA CYS A 56 7.56 7.84 -10.76
C CYS A 56 7.95 8.55 -12.07
N PHE A 57 7.18 8.35 -13.11
CA PHE A 57 7.50 9.01 -14.40
C PHE A 57 7.05 10.48 -14.38
N ARG A 58 7.53 11.26 -15.31
CA ARG A 58 7.11 12.69 -15.34
C ARG A 58 5.62 12.81 -15.61
N HIS A 59 5.11 12.06 -16.55
CA HIS A 59 3.66 12.11 -16.84
C HIS A 59 2.86 11.54 -15.66
N GLU A 60 3.54 11.03 -14.67
CA GLU A 60 2.82 10.46 -13.50
C GLU A 60 3.28 11.15 -12.21
N TYR A 61 2.76 10.74 -11.08
CA TYR A 61 3.17 11.37 -9.80
C TYR A 61 3.32 10.30 -8.73
N VAL A 62 3.36 10.71 -7.49
CA VAL A 62 3.49 9.72 -6.38
C VAL A 62 2.20 9.65 -5.57
N ASP A 63 1.29 8.80 -5.96
CA ASP A 63 0.00 8.67 -5.20
C ASP A 63 0.27 8.74 -3.70
N THR A 64 0.20 9.93 -3.14
CA THR A 64 0.46 10.07 -1.68
C THR A 64 -0.50 9.19 -0.87
N TYR A 65 -1.68 8.98 -1.38
CA TYR A 65 -2.67 8.14 -0.64
C TYR A 65 -2.20 6.68 -0.57
N TYR A 66 -1.81 6.12 -1.68
CA TYR A 66 -1.36 4.69 -1.69
C TYR A 66 0.10 4.58 -1.27
N SER A 67 0.80 5.67 -1.16
CA SER A 67 2.22 5.60 -0.74
C SER A 67 2.36 4.67 0.47
N ALA A 68 1.29 4.51 1.21
CA ALA A 68 1.35 3.62 2.41
C ALA A 68 1.52 2.16 1.99
N VAL A 69 0.51 1.56 1.42
CA VAL A 69 0.64 0.13 1.00
C VAL A 69 1.99 -0.08 0.31
N CYS A 70 2.51 0.92 -0.33
CA CYS A 70 3.81 0.78 -1.02
C CYS A 70 4.91 0.44 -0.01
N GLY A 71 5.20 1.34 0.90
CA GLY A 71 6.25 1.07 1.92
C GLY A 71 7.54 1.79 1.52
N ARG A 72 8.58 1.05 1.24
CA ARG A 72 9.87 1.69 0.85
C ARG A 72 9.67 2.51 -0.43
N TYR A 73 9.10 1.91 -1.44
CA TYR A 73 8.88 2.66 -2.71
C TYR A 73 7.64 3.54 -2.58
N PHE A 74 7.24 4.19 -3.65
CA PHE A 74 6.04 5.05 -3.60
C PHE A 74 5.03 4.59 -4.64
N CYS A 75 3.76 4.68 -4.34
CA CYS A 75 2.73 4.24 -5.33
C CYS A 75 2.51 5.35 -6.34
N CYS A 76 3.14 5.28 -7.48
CA CYS A 76 2.95 6.35 -8.49
C CYS A 76 1.64 6.12 -9.25
N ARG A 77 1.16 7.11 -9.93
CA ARG A 77 -0.13 6.96 -10.67
C ARG A 77 -0.16 7.86 -11.91
N SER A 78 -1.23 7.84 -12.64
CA SER A 78 -1.33 8.70 -13.86
C SER A 78 -2.46 9.71 -13.68
N ARG A 79 -2.18 10.84 -13.09
CA ARG A 79 -3.24 11.87 -12.90
C ARG A 79 -3.92 12.19 -14.23
N ASN A 1 -5.01 6.49 20.22
CA ASN A 1 -5.75 7.56 19.49
C ASN A 1 -5.70 7.30 17.98
N PRO A 2 -4.51 7.17 17.47
CA PRO A 2 -4.31 6.92 16.02
C PRO A 2 -4.67 5.47 15.68
N LEU A 3 -5.29 5.25 14.55
CA LEU A 3 -5.66 3.85 14.17
C LEU A 3 -5.19 3.56 12.73
N ILE A 4 -5.62 2.47 12.17
CA ILE A 4 -5.20 2.14 10.78
C ILE A 4 -5.70 3.20 9.81
N PRO A 5 -4.89 3.47 8.82
CA PRO A 5 -5.26 4.47 7.79
C PRO A 5 -6.36 3.90 6.88
N ALA A 6 -6.50 4.43 5.70
CA ALA A 6 -7.54 3.92 4.78
C ALA A 6 -6.89 3.26 3.56
N ILE A 7 -5.73 3.71 3.18
CA ILE A 7 -5.03 3.11 2.01
C ILE A 7 -4.95 1.59 2.14
N TYR A 8 -4.39 1.11 3.22
CA TYR A 8 -4.28 -0.37 3.39
C TYR A 8 -5.62 -1.05 3.10
N ILE A 9 -6.70 -0.36 3.33
CA ILE A 9 -8.03 -0.97 3.03
C ILE A 9 -8.20 -1.14 1.53
N GLY A 10 -8.56 -2.31 1.08
CA GLY A 10 -8.71 -2.54 -0.39
C GLY A 10 -7.37 -2.26 -1.05
N ALA A 11 -6.30 -2.52 -0.35
CA ALA A 11 -4.95 -2.26 -0.95
C ALA A 11 -4.11 -3.54 -0.97
N THR A 12 -2.82 -3.42 -1.13
CA THR A 12 -1.96 -4.64 -1.16
C THR A 12 -0.55 -4.30 -0.70
N VAL A 13 -0.21 -4.58 0.52
CA VAL A 13 1.17 -4.25 1.01
C VAL A 13 2.08 -5.47 0.83
N GLY A 14 3.35 -5.31 1.10
CA GLY A 14 4.29 -6.45 0.96
C GLY A 14 4.30 -7.27 2.24
N PRO A 15 5.33 -8.06 2.41
CA PRO A 15 5.46 -8.91 3.61
C PRO A 15 5.85 -8.05 4.82
N SER A 16 6.86 -7.23 4.68
CA SER A 16 7.29 -6.37 5.83
C SER A 16 6.14 -5.46 6.25
N VAL A 17 5.55 -4.76 5.32
CA VAL A 17 4.42 -3.85 5.68
C VAL A 17 3.27 -4.66 6.28
N TRP A 18 2.85 -5.70 5.62
CA TRP A 18 1.74 -6.52 6.17
C TRP A 18 1.96 -6.78 7.66
N ALA A 19 2.99 -7.50 7.99
CA ALA A 19 3.28 -7.78 9.43
C ALA A 19 3.11 -6.51 10.26
N TYR A 20 3.60 -5.41 9.78
CA TYR A 20 3.45 -4.14 10.56
C TYR A 20 1.97 -3.86 10.84
N LEU A 21 1.20 -3.62 9.82
CA LEU A 21 -0.25 -3.35 10.04
C LEU A 21 -0.82 -4.34 11.07
N VAL A 22 -0.40 -5.57 11.01
CA VAL A 22 -0.93 -6.56 11.99
C VAL A 22 -0.71 -6.08 13.42
N ALA A 23 0.51 -5.77 13.77
CA ALA A 23 0.80 -5.28 15.14
C ALA A 23 -0.12 -4.10 15.48
N LEU A 24 -0.31 -3.20 14.56
CA LEU A 24 -1.19 -2.03 14.83
C LEU A 24 -2.58 -2.51 15.26
N VAL A 25 -3.11 -3.50 14.59
CA VAL A 25 -4.46 -4.01 14.96
C VAL A 25 -4.40 -5.52 15.20
N GLY A 26 -4.59 -6.32 14.18
CA GLY A 26 -4.54 -7.81 14.37
C GLY A 26 -4.86 -8.49 13.04
N ALA A 27 -4.60 -9.77 12.95
CA ALA A 27 -4.88 -10.50 11.68
C ALA A 27 -6.37 -10.43 11.34
N ALA A 28 -7.22 -10.17 12.31
CA ALA A 28 -8.67 -10.10 12.02
C ALA A 28 -8.97 -8.82 11.24
N ALA A 29 -8.75 -7.68 11.83
CA ALA A 29 -9.02 -6.42 11.10
C ALA A 29 -8.11 -6.33 9.88
N VAL A 30 -7.04 -7.09 9.87
CA VAL A 30 -6.11 -7.07 8.72
C VAL A 30 -6.72 -7.82 7.54
N THR A 31 -7.50 -8.83 7.82
CA THR A 31 -8.13 -9.62 6.72
C THR A 31 -9.53 -9.06 6.41
N ALA A 32 -10.07 -8.29 7.31
CA ALA A 32 -11.43 -7.71 7.08
C ALA A 32 -11.31 -6.37 6.33
N ALA A 33 -10.18 -5.72 6.45
CA ALA A 33 -10.00 -4.42 5.75
C ALA A 33 -9.58 -4.65 4.31
N ASN A 34 -9.65 -5.86 3.84
CA ASN A 34 -9.26 -6.15 2.43
C ASN A 34 -7.80 -5.75 2.17
N ILE A 35 -6.88 -6.52 2.69
CA ILE A 35 -5.44 -6.19 2.48
C ILE A 35 -4.72 -7.40 1.87
N ARG A 36 -4.06 -7.22 0.76
CA ARG A 36 -3.36 -8.36 0.11
C ARG A 36 -1.84 -8.21 0.30
N ARG A 37 -1.14 -9.31 0.43
CA ARG A 37 0.33 -9.25 0.61
C ARG A 37 1.01 -9.28 -0.76
N ALA A 38 2.19 -8.74 -0.87
CA ALA A 38 2.89 -8.75 -2.18
C ALA A 38 4.30 -9.34 -2.03
N SER A 39 4.91 -9.75 -3.11
CA SER A 39 6.27 -10.34 -3.03
C SER A 39 7.21 -9.41 -2.26
N SER A 40 6.94 -8.13 -2.27
CA SER A 40 7.82 -7.18 -1.53
C SER A 40 7.11 -5.83 -1.38
N ASP A 41 7.78 -4.86 -0.81
CA ASP A 41 7.15 -3.52 -0.63
C ASP A 41 6.68 -2.97 -1.98
N ASN A 42 7.28 -3.42 -3.05
CA ASN A 42 6.88 -2.92 -4.39
C ASN A 42 5.71 -3.76 -4.94
N HIS A 43 4.54 -3.19 -5.04
CA HIS A 43 3.38 -3.96 -5.56
C HIS A 43 2.43 -3.04 -6.31
N SER A 44 1.42 -3.59 -6.92
CA SER A 44 0.45 -2.74 -7.66
C SER A 44 -0.50 -2.06 -6.67
N CYS A 45 -0.80 -0.81 -6.90
CA CYS A 45 -1.71 -0.10 -5.96
C CYS A 45 -2.81 0.63 -6.74
N ALA A 46 -3.69 1.27 -6.04
CA ALA A 46 -4.80 1.99 -6.73
C ALA A 46 -5.44 1.08 -7.76
N GLY A 47 -5.55 -0.18 -7.46
CA GLY A 47 -6.16 -1.14 -8.43
C GLY A 47 -5.22 -1.30 -9.62
N ASN A 48 -5.75 -1.52 -10.79
CA ASN A 48 -4.88 -1.68 -11.98
C ASN A 48 -4.58 -0.31 -12.59
N ARG A 49 -4.51 0.71 -11.79
CA ARG A 49 -4.24 2.07 -12.33
C ARG A 49 -2.90 2.60 -11.83
N GLY A 50 -2.50 2.24 -10.63
CA GLY A 50 -1.20 2.74 -10.11
C GLY A 50 -0.29 1.58 -9.75
N TRP A 51 0.97 1.84 -9.54
CA TRP A 51 1.93 0.76 -9.17
C TRP A 51 2.98 1.32 -8.20
N CYS A 52 3.79 0.47 -7.62
CA CYS A 52 4.80 0.98 -6.66
C CYS A 52 6.21 0.86 -7.23
N ARG A 53 6.85 1.96 -7.50
CA ARG A 53 8.24 1.92 -8.04
C ARG A 53 9.12 2.89 -7.25
N SER A 54 10.41 2.75 -7.31
CA SER A 54 11.28 3.69 -6.57
C SER A 54 10.86 5.12 -6.93
N LYS A 55 10.76 5.37 -8.20
CA LYS A 55 10.34 6.71 -8.67
C LYS A 55 9.14 6.60 -9.59
N CYS A 56 8.68 7.71 -10.10
CA CYS A 56 7.51 7.68 -11.01
C CYS A 56 7.86 8.38 -12.34
N PHE A 57 7.05 8.20 -13.35
CA PHE A 57 7.35 8.86 -14.65
C PHE A 57 6.93 10.33 -14.62
N ARG A 58 7.28 11.08 -15.62
CA ARG A 58 6.91 12.52 -15.65
C ARG A 58 5.41 12.67 -15.90
N HIS A 59 4.85 11.85 -16.74
CA HIS A 59 3.39 11.94 -17.01
C HIS A 59 2.61 11.44 -15.81
N GLU A 60 3.29 10.96 -14.79
CA GLU A 60 2.58 10.45 -13.59
C GLU A 60 3.11 11.15 -12.33
N TYR A 61 2.70 10.70 -11.18
CA TYR A 61 3.18 11.32 -9.92
C TYR A 61 3.34 10.25 -8.84
N VAL A 62 3.45 10.65 -7.61
CA VAL A 62 3.61 9.67 -6.51
C VAL A 62 2.34 9.64 -5.65
N ASP A 63 1.40 8.80 -6.00
CA ASP A 63 0.14 8.72 -5.21
C ASP A 63 0.45 8.78 -3.71
N THR A 64 0.43 9.96 -3.15
CA THR A 64 0.74 10.08 -1.69
C THR A 64 -0.24 9.24 -0.87
N TYR A 65 -1.42 9.04 -1.36
CA TYR A 65 -2.43 8.23 -0.60
C TYR A 65 -2.00 6.76 -0.55
N TYR A 66 -1.66 6.20 -1.68
CA TYR A 66 -1.25 4.76 -1.69
C TYR A 66 0.22 4.62 -1.31
N SER A 67 0.94 5.70 -1.20
CA SER A 67 2.37 5.60 -0.79
C SER A 67 2.48 4.74 0.46
N ALA A 68 1.40 4.63 1.21
CA ALA A 68 1.42 3.80 2.45
C ALA A 68 1.60 2.32 2.10
N VAL A 69 0.60 1.71 1.51
CA VAL A 69 0.74 0.27 1.16
C VAL A 69 2.09 0.03 0.51
N CYS A 70 2.60 1.01 -0.18
CA CYS A 70 3.93 0.85 -0.84
C CYS A 70 5.01 0.55 0.20
N GLY A 71 5.36 1.53 0.99
CA GLY A 71 6.42 1.29 2.02
C GLY A 71 7.72 1.95 1.57
N ARG A 72 8.74 1.16 1.33
CA ARG A 72 10.04 1.73 0.88
C ARG A 72 9.86 2.47 -0.45
N TYR A 73 9.07 1.92 -1.34
CA TYR A 73 8.84 2.59 -2.65
C TYR A 73 7.60 3.50 -2.57
N PHE A 74 7.23 4.12 -3.65
CA PHE A 74 6.03 4.99 -3.63
C PHE A 74 5.03 4.51 -4.68
N CYS A 75 3.77 4.65 -4.41
CA CYS A 75 2.75 4.20 -5.40
C CYS A 75 2.50 5.31 -6.42
N CYS A 76 3.10 5.24 -7.56
CA CYS A 76 2.89 6.29 -8.58
C CYS A 76 1.54 6.09 -9.28
N ARG A 77 1.05 7.09 -9.95
CA ARG A 77 -0.27 6.93 -10.63
C ARG A 77 -0.37 7.88 -11.83
N SER A 78 -1.51 7.91 -12.47
CA SER A 78 -1.68 8.82 -13.64
C SER A 78 -2.66 9.94 -13.30
N ARG A 79 -2.17 11.11 -13.01
CA ARG A 79 -3.08 12.24 -12.68
C ARG A 79 -3.92 12.64 -13.90
N ASN A 1 -2.90 6.85 19.67
CA ASN A 1 -2.62 5.70 18.74
C ASN A 1 -2.85 6.14 17.29
N PRO A 2 -1.90 5.81 16.45
CA PRO A 2 -2.00 6.17 15.02
C PRO A 2 -3.04 5.29 14.32
N LEU A 3 -4.25 5.75 14.22
CA LEU A 3 -5.31 4.94 13.54
C LEU A 3 -4.83 4.50 12.16
N ILE A 4 -5.12 3.29 11.77
CA ILE A 4 -4.70 2.80 10.43
C ILE A 4 -5.26 3.71 9.34
N PRO A 5 -4.50 3.85 8.29
CA PRO A 5 -4.94 4.68 7.15
C PRO A 5 -5.98 3.92 6.32
N ALA A 6 -6.69 4.61 5.49
CA ALA A 6 -7.73 3.95 4.65
C ALA A 6 -7.09 3.26 3.44
N ILE A 7 -5.91 3.68 3.08
CA ILE A 7 -5.24 3.06 1.90
C ILE A 7 -5.17 1.53 2.06
N TYR A 8 -4.58 1.05 3.12
CA TYR A 8 -4.48 -0.42 3.31
C TYR A 8 -5.84 -1.08 3.05
N ILE A 9 -6.90 -0.35 3.23
CA ILE A 9 -8.24 -0.93 2.98
C ILE A 9 -8.42 -1.18 1.48
N GLY A 10 -8.75 -2.38 1.10
CA GLY A 10 -8.91 -2.68 -0.34
C GLY A 10 -7.58 -2.41 -1.04
N ALA A 11 -6.49 -2.60 -0.35
CA ALA A 11 -5.16 -2.32 -0.96
C ALA A 11 -4.31 -3.60 -1.00
N THR A 12 -3.03 -3.47 -1.15
CA THR A 12 -2.15 -4.67 -1.20
C THR A 12 -0.73 -4.32 -0.79
N VAL A 13 -0.32 -4.66 0.41
CA VAL A 13 1.06 -4.33 0.84
C VAL A 13 1.98 -5.55 0.67
N GLY A 14 3.26 -5.36 0.81
CA GLY A 14 4.20 -6.51 0.65
C GLY A 14 4.18 -7.35 1.93
N PRO A 15 5.18 -8.18 2.06
CA PRO A 15 5.28 -9.06 3.25
C PRO A 15 5.70 -8.25 4.48
N SER A 16 6.69 -7.41 4.33
CA SER A 16 7.14 -6.59 5.49
C SER A 16 6.04 -5.61 5.93
N VAL A 17 5.51 -4.85 5.01
CA VAL A 17 4.43 -3.90 5.37
C VAL A 17 3.25 -4.64 6.01
N TRP A 18 2.90 -5.78 5.48
CA TRP A 18 1.76 -6.55 6.05
C TRP A 18 2.02 -6.79 7.54
N ALA A 19 3.02 -7.56 7.87
CA ALA A 19 3.33 -7.83 9.29
C ALA A 19 3.26 -6.54 10.11
N TYR A 20 3.64 -5.44 9.52
CA TYR A 20 3.60 -4.15 10.27
C TYR A 20 2.16 -3.78 10.61
N LEU A 21 1.36 -3.51 9.62
CA LEU A 21 -0.07 -3.15 9.89
C LEU A 21 -0.65 -4.12 10.93
N VAL A 22 -0.25 -5.35 10.89
CA VAL A 22 -0.78 -6.33 11.89
C VAL A 22 -0.41 -5.89 13.30
N ALA A 23 0.84 -5.55 13.51
CA ALA A 23 1.28 -5.11 14.86
C ALA A 23 0.42 -3.94 15.33
N LEU A 24 0.13 -3.02 14.46
CA LEU A 24 -0.70 -1.85 14.86
C LEU A 24 -2.09 -2.33 15.32
N VAL A 25 -2.67 -3.26 14.61
CA VAL A 25 -4.01 -3.77 15.01
C VAL A 25 -3.95 -5.28 15.25
N GLY A 26 -4.15 -6.08 14.23
CA GLY A 26 -4.10 -7.55 14.42
C GLY A 26 -4.48 -8.24 13.10
N ALA A 27 -4.22 -9.51 12.99
CA ALA A 27 -4.55 -10.24 11.73
C ALA A 27 -6.07 -10.19 11.48
N ALA A 28 -6.84 -9.92 12.49
CA ALA A 28 -8.32 -9.85 12.28
C ALA A 28 -8.69 -8.59 11.51
N ALA A 29 -8.42 -7.44 12.07
CA ALA A 29 -8.75 -6.18 11.34
C ALA A 29 -7.93 -6.10 10.06
N VAL A 30 -6.85 -6.84 10.00
CA VAL A 30 -6.01 -6.83 8.78
C VAL A 30 -6.67 -7.63 7.66
N THR A 31 -7.41 -8.65 8.01
CA THR A 31 -8.10 -9.45 6.96
C THR A 31 -9.48 -8.88 6.67
N ALA A 32 -10.04 -8.15 7.60
CA ALA A 32 -11.39 -7.56 7.39
C ALA A 32 -11.27 -6.25 6.60
N ALA A 33 -10.13 -5.61 6.68
CA ALA A 33 -9.95 -4.33 5.94
C ALA A 33 -9.60 -4.61 4.47
N ASN A 34 -9.69 -5.84 4.06
CA ASN A 34 -9.37 -6.18 2.64
C ASN A 34 -7.92 -5.78 2.30
N ILE A 35 -6.97 -6.53 2.78
CA ILE A 35 -5.54 -6.23 2.49
C ILE A 35 -4.87 -7.46 1.87
N ARG A 36 -4.21 -7.29 0.75
CA ARG A 36 -3.55 -8.45 0.10
C ARG A 36 -2.03 -8.33 0.21
N ARG A 37 -1.34 -9.42 0.34
CA ARG A 37 0.14 -9.37 0.43
C ARG A 37 0.76 -9.53 -0.95
N ALA A 38 1.90 -8.93 -1.18
CA ALA A 38 2.55 -9.04 -2.51
C ALA A 38 3.97 -9.59 -2.37
N SER A 39 4.63 -9.86 -3.46
CA SER A 39 6.02 -10.40 -3.39
C SER A 39 6.88 -9.52 -2.48
N SER A 40 6.67 -8.23 -2.53
CA SER A 40 7.48 -7.31 -1.67
C SER A 40 6.78 -5.96 -1.54
N ASP A 41 7.51 -4.95 -1.12
CA ASP A 41 6.88 -3.60 -0.96
C ASP A 41 6.50 -3.02 -2.33
N ASN A 42 7.06 -3.56 -3.38
CA ASN A 42 6.74 -3.04 -4.74
C ASN A 42 5.57 -3.83 -5.34
N HIS A 43 4.36 -3.37 -5.15
CA HIS A 43 3.19 -4.12 -5.72
C HIS A 43 2.31 -3.16 -6.53
N SER A 44 1.23 -3.65 -7.07
CA SER A 44 0.34 -2.77 -7.88
C SER A 44 -0.69 -2.10 -6.98
N CYS A 45 -0.67 -0.80 -6.89
CA CYS A 45 -1.66 -0.10 -6.02
C CYS A 45 -2.75 0.54 -6.87
N ALA A 46 -3.63 1.28 -6.24
CA ALA A 46 -4.73 1.92 -7.01
C ALA A 46 -5.31 0.92 -8.01
N GLY A 47 -5.45 -0.32 -7.63
CA GLY A 47 -5.99 -1.34 -8.56
C GLY A 47 -4.97 -1.58 -9.67
N ASN A 48 -5.43 -1.94 -10.84
CA ASN A 48 -4.49 -2.18 -11.97
C ASN A 48 -4.18 -0.86 -12.69
N ARG A 49 -4.12 0.22 -11.96
CA ARG A 49 -3.85 1.54 -12.60
C ARG A 49 -2.55 2.15 -12.06
N GLY A 50 -2.19 1.84 -10.84
CA GLY A 50 -0.95 2.43 -10.28
C GLY A 50 -0.03 1.32 -9.76
N TRP A 51 1.21 1.63 -9.50
CA TRP A 51 2.16 0.61 -8.99
C TRP A 51 3.06 1.21 -7.90
N CYS A 52 3.90 0.43 -7.28
CA CYS A 52 4.77 0.98 -6.22
C CYS A 52 6.21 1.11 -6.74
N ARG A 53 6.62 2.30 -7.09
CA ARG A 53 8.01 2.50 -7.59
C ARG A 53 8.75 3.51 -6.71
N SER A 54 9.99 3.25 -6.40
CA SER A 54 10.76 4.22 -5.56
C SER A 54 10.59 5.62 -6.14
N LYS A 55 10.64 5.72 -7.44
CA LYS A 55 10.48 7.04 -8.10
C LYS A 55 9.43 6.90 -9.22
N CYS A 56 8.64 7.91 -9.43
CA CYS A 56 7.60 7.82 -10.51
C CYS A 56 8.05 8.63 -11.73
N PHE A 57 7.40 8.45 -12.85
CA PHE A 57 7.78 9.19 -14.07
C PHE A 57 7.22 10.61 -14.03
N ARG A 58 7.66 11.46 -14.91
CA ARG A 58 7.15 12.86 -14.93
C ARG A 58 5.67 12.88 -15.32
N HIS A 59 5.30 12.08 -16.28
CA HIS A 59 3.87 12.05 -16.70
C HIS A 59 3.01 11.47 -15.59
N GLU A 60 3.62 10.99 -14.54
CA GLU A 60 2.83 10.41 -13.41
C GLU A 60 3.23 11.09 -12.10
N TYR A 61 2.60 10.73 -11.01
CA TYR A 61 2.96 11.34 -9.71
C TYR A 61 3.12 10.28 -8.63
N VAL A 62 3.24 10.69 -7.41
CA VAL A 62 3.40 9.71 -6.30
C VAL A 62 2.11 9.64 -5.47
N ASP A 63 1.19 8.80 -5.86
CA ASP A 63 -0.09 8.69 -5.10
C ASP A 63 0.18 8.74 -3.60
N THR A 64 0.14 9.92 -3.03
CA THR A 64 0.40 10.05 -1.57
C THR A 64 -0.55 9.16 -0.77
N TYR A 65 -1.71 8.89 -1.29
CA TYR A 65 -2.69 8.03 -0.56
C TYR A 65 -2.21 6.58 -0.51
N TYR A 66 -1.86 6.04 -1.65
CA TYR A 66 -1.40 4.61 -1.67
C TYR A 66 0.07 4.50 -1.28
N SER A 67 0.76 5.60 -1.15
CA SER A 67 2.20 5.53 -0.76
C SER A 67 2.33 4.66 0.50
N ALA A 68 1.27 4.52 1.23
CA ALA A 68 1.31 3.70 2.48
C ALA A 68 1.46 2.22 2.14
N VAL A 69 0.63 1.69 1.27
CA VAL A 69 0.74 0.24 0.94
C VAL A 69 2.08 -0.05 0.25
N CYS A 70 2.60 0.89 -0.49
CA CYS A 70 3.92 0.64 -1.15
C CYS A 70 4.99 0.41 -0.09
N GLY A 71 5.11 1.30 0.85
CA GLY A 71 6.14 1.14 1.91
C GLY A 71 7.47 1.70 1.42
N ARG A 72 8.49 0.88 1.36
CA ARG A 72 9.82 1.36 0.89
C ARG A 72 9.67 2.15 -0.41
N TYR A 73 8.61 1.91 -1.14
CA TYR A 73 8.40 2.64 -2.42
C TYR A 73 7.14 3.51 -2.34
N PHE A 74 6.84 4.23 -3.38
CA PHE A 74 5.63 5.09 -3.38
C PHE A 74 4.66 4.59 -4.45
N CYS A 75 3.38 4.71 -4.22
CA CYS A 75 2.41 4.24 -5.26
C CYS A 75 2.29 5.28 -6.35
N CYS A 76 3.01 5.14 -7.44
CA CYS A 76 2.90 6.15 -8.52
C CYS A 76 1.63 5.88 -9.34
N ARG A 77 1.18 6.84 -10.06
CA ARG A 77 -0.06 6.65 -10.87
C ARG A 77 -0.11 7.65 -12.02
N SER A 78 -1.22 7.69 -12.72
CA SER A 78 -1.34 8.64 -13.86
C SER A 78 -2.42 9.68 -13.55
N ARG A 79 -2.04 10.83 -13.08
CA ARG A 79 -3.05 11.88 -12.76
C ARG A 79 -3.64 12.46 -14.05
N ASN A 1 -5.61 6.57 19.29
CA ASN A 1 -5.66 7.75 18.37
C ASN A 1 -5.18 7.37 16.98
N PRO A 2 -3.96 6.89 16.92
CA PRO A 2 -3.36 6.47 15.63
C PRO A 2 -3.98 5.16 15.14
N LEU A 3 -5.11 5.25 14.47
CA LEU A 3 -5.76 4.01 13.97
C LEU A 3 -5.39 3.76 12.50
N ILE A 4 -5.36 2.53 12.08
CA ILE A 4 -5.01 2.23 10.66
C ILE A 4 -5.65 3.25 9.71
N PRO A 5 -4.94 3.56 8.67
CA PRO A 5 -5.46 4.51 7.67
C PRO A 5 -6.60 3.87 6.87
N ALA A 6 -6.87 4.37 5.70
CA ALA A 6 -7.94 3.80 4.87
C ALA A 6 -7.36 3.22 3.58
N ILE A 7 -6.20 3.68 3.21
CA ILE A 7 -5.56 3.17 1.95
C ILE A 7 -5.41 1.65 2.00
N TYR A 8 -4.96 1.11 3.09
CA TYR A 8 -4.79 -0.37 3.19
C TYR A 8 -6.10 -1.09 2.87
N ILE A 9 -7.20 -0.44 3.05
CA ILE A 9 -8.50 -1.10 2.74
C ILE A 9 -8.55 -1.49 1.26
N GLY A 10 -8.85 -2.73 0.97
CA GLY A 10 -8.90 -3.15 -0.45
C GLY A 10 -7.57 -2.81 -1.11
N ALA A 11 -6.50 -2.86 -0.35
CA ALA A 11 -5.16 -2.52 -0.92
C ALA A 11 -4.27 -3.75 -0.98
N THR A 12 -3.01 -3.57 -1.28
CA THR A 12 -2.09 -4.74 -1.35
C THR A 12 -0.69 -4.34 -0.88
N VAL A 13 -0.42 -4.47 0.38
CA VAL A 13 0.95 -4.09 0.88
C VAL A 13 1.92 -5.26 0.65
N GLY A 14 3.17 -5.05 0.97
CA GLY A 14 4.16 -6.15 0.77
C GLY A 14 4.22 -7.01 2.03
N PRO A 15 5.23 -7.83 2.11
CA PRO A 15 5.41 -8.71 3.29
C PRO A 15 5.84 -7.89 4.50
N SER A 16 6.81 -7.02 4.33
CA SER A 16 7.27 -6.19 5.47
C SER A 16 6.14 -5.29 5.96
N VAL A 17 5.47 -4.62 5.07
CA VAL A 17 4.35 -3.73 5.49
C VAL A 17 3.29 -4.54 6.23
N TRP A 18 2.84 -5.62 5.63
CA TRP A 18 1.81 -6.46 6.31
C TRP A 18 2.17 -6.65 7.77
N ALA A 19 3.25 -7.36 8.03
CA ALA A 19 3.66 -7.59 9.44
C ALA A 19 3.52 -6.30 10.26
N TYR A 20 3.86 -5.18 9.68
CA TYR A 20 3.74 -3.90 10.43
C TYR A 20 2.27 -3.63 10.79
N LEU A 21 1.43 -3.44 9.81
CA LEU A 21 -0.01 -3.17 10.10
C LEU A 21 -0.51 -4.10 11.20
N VAL A 22 -0.29 -5.38 11.06
CA VAL A 22 -0.77 -6.33 12.11
C VAL A 22 -0.35 -5.83 13.49
N ALA A 23 0.90 -5.51 13.66
CA ALA A 23 1.37 -5.01 14.99
C ALA A 23 0.46 -3.88 15.47
N LEU A 24 0.16 -2.95 14.61
CA LEU A 24 -0.72 -1.81 15.03
C LEU A 24 -2.10 -2.35 15.45
N VAL A 25 -2.59 -3.34 14.76
CA VAL A 25 -3.92 -3.90 15.14
C VAL A 25 -3.81 -5.43 15.32
N GLY A 26 -4.00 -6.20 14.28
CA GLY A 26 -3.91 -7.67 14.40
C GLY A 26 -4.32 -8.33 13.09
N ALA A 27 -4.13 -9.62 12.97
CA ALA A 27 -4.50 -10.32 11.71
C ALA A 27 -6.01 -10.27 11.50
N ALA A 28 -6.76 -10.02 12.54
CA ALA A 28 -8.25 -9.96 12.37
C ALA A 28 -8.64 -8.70 11.62
N ALA A 29 -8.37 -7.55 12.19
CA ALA A 29 -8.73 -6.29 11.48
C ALA A 29 -7.95 -6.20 10.17
N VAL A 30 -6.85 -6.90 10.09
CA VAL A 30 -6.04 -6.87 8.83
C VAL A 30 -6.75 -7.66 7.73
N THR A 31 -7.45 -8.71 8.09
CA THR A 31 -8.15 -9.51 7.06
C THR A 31 -9.53 -8.91 6.77
N ALA A 32 -10.09 -8.23 7.72
CA ALA A 32 -11.43 -7.60 7.50
C ALA A 32 -11.28 -6.32 6.68
N ALA A 33 -10.13 -5.70 6.73
CA ALA A 33 -9.91 -4.44 5.95
C ALA A 33 -9.57 -4.79 4.50
N ASN A 34 -9.57 -6.05 4.16
CA ASN A 34 -9.24 -6.46 2.77
C ASN A 34 -7.82 -5.97 2.38
N ILE A 35 -6.82 -6.67 2.84
CA ILE A 35 -5.42 -6.27 2.51
C ILE A 35 -4.72 -7.43 1.80
N ARG A 36 -3.92 -7.16 0.82
CA ARG A 36 -3.23 -8.26 0.09
C ARG A 36 -1.71 -8.13 0.24
N ARG A 37 -1.00 -9.23 0.15
CA ARG A 37 0.48 -9.18 0.28
C ARG A 37 1.13 -9.43 -1.08
N ALA A 38 2.11 -8.64 -1.43
CA ALA A 38 2.79 -8.84 -2.75
C ALA A 38 4.21 -9.38 -2.54
N SER A 39 4.88 -9.72 -3.61
CA SER A 39 6.26 -10.25 -3.48
C SER A 39 7.10 -9.34 -2.58
N SER A 40 6.77 -8.08 -2.53
CA SER A 40 7.55 -7.14 -1.67
C SER A 40 6.82 -5.80 -1.53
N ASP A 41 7.49 -4.80 -1.04
CA ASP A 41 6.83 -3.47 -0.88
C ASP A 41 6.46 -2.89 -2.25
N ASN A 42 6.94 -3.49 -3.31
CA ASN A 42 6.62 -2.97 -4.67
C ASN A 42 5.43 -3.74 -5.26
N HIS A 43 4.28 -3.13 -5.31
CA HIS A 43 3.08 -3.82 -5.88
C HIS A 43 2.18 -2.84 -6.60
N SER A 44 1.10 -3.30 -7.15
CA SER A 44 0.16 -2.40 -7.87
C SER A 44 -0.91 -1.90 -6.89
N CYS A 45 -1.39 -0.71 -7.09
CA CYS A 45 -2.43 -0.18 -6.15
C CYS A 45 -3.48 0.62 -6.93
N ALA A 46 -4.42 1.18 -6.23
CA ALA A 46 -5.49 1.96 -6.91
C ALA A 46 -6.00 1.18 -8.12
N GLY A 47 -6.20 -0.10 -7.96
CA GLY A 47 -6.68 -0.92 -9.11
C GLY A 47 -5.52 -1.13 -10.08
N ASN A 48 -5.82 -1.49 -11.30
CA ASN A 48 -4.72 -1.69 -12.29
C ASN A 48 -4.32 -0.36 -12.92
N ARG A 49 -4.24 0.68 -12.12
CA ARG A 49 -3.87 2.02 -12.68
C ARG A 49 -2.59 2.53 -12.04
N GLY A 50 -2.34 2.20 -10.80
CA GLY A 50 -1.10 2.70 -10.15
C GLY A 50 -0.15 1.55 -9.86
N TRP A 51 1.12 1.85 -9.69
CA TRP A 51 2.11 0.77 -9.40
C TRP A 51 3.11 1.28 -8.35
N CYS A 52 3.93 0.43 -7.80
CA CYS A 52 4.91 0.91 -6.77
C CYS A 52 6.34 0.81 -7.30
N ARG A 53 7.00 1.93 -7.44
CA ARG A 53 8.41 1.92 -7.94
C ARG A 53 9.26 2.81 -7.03
N SER A 54 10.56 2.66 -7.07
CA SER A 54 11.42 3.52 -6.22
C SER A 54 11.06 4.98 -6.48
N LYS A 55 10.95 5.33 -7.73
CA LYS A 55 10.59 6.72 -8.10
C LYS A 55 9.53 6.69 -9.21
N CYS A 56 8.84 7.77 -9.44
CA CYS A 56 7.80 7.78 -10.51
C CYS A 56 8.32 8.50 -11.75
N PHE A 57 7.60 8.42 -12.85
CA PHE A 57 8.05 9.11 -14.09
C PHE A 57 7.53 10.55 -14.11
N ARG A 58 7.82 11.28 -15.15
CA ARG A 58 7.35 12.68 -15.24
C ARG A 58 5.86 12.72 -15.57
N HIS A 59 5.42 11.83 -16.41
CA HIS A 59 3.97 11.81 -16.77
C HIS A 59 3.17 11.21 -15.61
N GLU A 60 3.82 10.85 -14.54
CA GLU A 60 3.09 10.27 -13.38
C GLU A 60 3.54 10.93 -12.08
N TYR A 61 2.96 10.56 -10.97
CA TYR A 61 3.37 11.18 -9.68
C TYR A 61 3.44 10.12 -8.59
N VAL A 62 3.57 10.54 -7.36
CA VAL A 62 3.65 9.57 -6.24
C VAL A 62 2.31 9.53 -5.49
N ASP A 63 1.42 8.68 -5.90
CA ASP A 63 0.09 8.59 -5.21
C ASP A 63 0.29 8.65 -3.70
N THR A 64 0.20 9.82 -3.13
CA THR A 64 0.41 9.96 -1.66
C THR A 64 -0.59 9.10 -0.89
N TYR A 65 -1.77 8.92 -1.43
CA TYR A 65 -2.79 8.10 -0.71
C TYR A 65 -2.36 6.63 -0.67
N TYR A 66 -1.88 6.10 -1.77
CA TYR A 66 -1.46 4.67 -1.77
C TYR A 66 0.01 4.54 -1.36
N SER A 67 0.70 5.63 -1.19
CA SER A 67 2.13 5.54 -0.76
C SER A 67 2.21 4.62 0.46
N ALA A 68 1.12 4.47 1.17
CA ALA A 68 1.12 3.60 2.37
C ALA A 68 1.22 2.12 1.97
N VAL A 69 0.21 1.57 1.33
CA VAL A 69 0.28 0.13 0.94
C VAL A 69 1.66 -0.17 0.33
N CYS A 70 2.28 0.82 -0.25
CA CYS A 70 3.63 0.59 -0.85
C CYS A 70 4.65 0.31 0.24
N GLY A 71 4.90 1.26 1.11
CA GLY A 71 5.88 1.05 2.20
C GLY A 71 7.16 1.82 1.87
N ARG A 72 8.25 1.12 1.65
CA ARG A 72 9.52 1.83 1.33
C ARG A 72 9.43 2.48 -0.06
N TYR A 73 8.72 1.85 -0.96
CA TYR A 73 8.57 2.43 -2.33
C TYR A 73 7.39 3.39 -2.37
N PHE A 74 7.14 3.99 -3.51
CA PHE A 74 5.98 4.91 -3.62
C PHE A 74 5.04 4.42 -4.71
N CYS A 75 3.77 4.32 -4.42
CA CYS A 75 2.84 3.86 -5.47
C CYS A 75 2.51 5.03 -6.39
N CYS A 76 3.16 5.09 -7.52
CA CYS A 76 2.90 6.22 -8.46
C CYS A 76 1.59 5.99 -9.21
N ARG A 77 1.07 7.02 -9.81
CA ARG A 77 -0.21 6.86 -10.56
C ARG A 77 -0.24 7.82 -11.75
N SER A 78 -1.27 7.74 -12.54
CA SER A 78 -1.37 8.65 -13.73
C SER A 78 -2.37 9.78 -13.44
N ARG A 79 -1.91 10.86 -12.87
CA ARG A 79 -2.83 12.00 -12.58
C ARG A 79 -3.24 12.71 -13.87
N ASN A 1 -2.82 9.49 18.54
CA ASN A 1 -3.70 8.34 18.18
C ASN A 1 -3.57 8.01 16.70
N PRO A 2 -2.43 7.49 16.34
CA PRO A 2 -2.17 7.11 14.94
C PRO A 2 -2.95 5.85 14.56
N LEU A 3 -4.06 6.01 13.88
CA LEU A 3 -4.87 4.83 13.48
C LEU A 3 -4.48 4.37 12.08
N ILE A 4 -4.69 3.13 11.76
CA ILE A 4 -4.34 2.61 10.41
C ILE A 4 -5.00 3.47 9.33
N PRO A 5 -4.30 3.64 8.25
CA PRO A 5 -4.83 4.41 7.11
C PRO A 5 -5.86 3.57 6.34
N ALA A 6 -6.64 4.20 5.53
CA ALA A 6 -7.67 3.45 4.75
C ALA A 6 -7.02 2.80 3.52
N ILE A 7 -5.90 3.32 3.09
CA ILE A 7 -5.23 2.74 1.89
C ILE A 7 -5.05 1.21 2.04
N TYR A 8 -4.43 0.78 3.10
CA TYR A 8 -4.23 -0.69 3.29
C TYR A 8 -5.55 -1.43 3.04
N ILE A 9 -6.65 -0.80 3.33
CA ILE A 9 -7.96 -1.47 3.10
C ILE A 9 -8.19 -1.65 1.60
N GLY A 10 -8.63 -2.79 1.18
CA GLY A 10 -8.85 -3.01 -0.28
C GLY A 10 -7.56 -2.69 -1.01
N ALA A 11 -6.43 -2.95 -0.39
CA ALA A 11 -5.12 -2.64 -1.05
C ALA A 11 -4.25 -3.89 -1.09
N THR A 12 -2.96 -3.71 -1.27
CA THR A 12 -2.06 -4.91 -1.32
C THR A 12 -0.64 -4.53 -0.91
N VAL A 13 -0.31 -4.65 0.35
CA VAL A 13 1.08 -4.29 0.78
C VAL A 13 2.04 -5.46 0.55
N GLY A 14 3.02 -5.60 1.39
CA GLY A 14 3.99 -6.72 1.21
C GLY A 14 4.07 -7.53 2.52
N PRO A 15 5.13 -8.28 2.63
CA PRO A 15 5.33 -9.12 3.84
C PRO A 15 5.72 -8.25 5.04
N SER A 16 6.64 -7.36 4.87
CA SER A 16 7.06 -6.48 6.00
C SER A 16 5.92 -5.52 6.37
N VAL A 17 5.45 -4.75 5.43
CA VAL A 17 4.35 -3.80 5.73
C VAL A 17 3.18 -4.54 6.39
N TRP A 18 2.88 -5.72 5.92
CA TRP A 18 1.75 -6.49 6.53
C TRP A 18 1.99 -6.65 8.03
N ALA A 19 3.06 -7.30 8.39
CA ALA A 19 3.36 -7.50 9.83
C ALA A 19 3.13 -6.19 10.61
N TYR A 20 3.47 -5.08 10.02
CA TYR A 20 3.27 -3.78 10.72
C TYR A 20 1.77 -3.50 10.89
N LEU A 21 1.00 -3.73 9.88
CA LEU A 21 -0.47 -3.48 9.98
C LEU A 21 -1.10 -4.43 11.00
N VAL A 22 -0.51 -5.59 11.18
CA VAL A 22 -1.09 -6.55 12.16
C VAL A 22 -0.86 -6.06 13.58
N ALA A 23 0.31 -5.56 13.86
CA ALA A 23 0.60 -5.05 15.23
C ALA A 23 -0.25 -3.82 15.54
N LEU A 24 -0.56 -3.04 14.54
CA LEU A 24 -1.37 -1.81 14.77
C LEU A 24 -2.84 -2.18 15.04
N VAL A 25 -3.53 -2.66 14.05
CA VAL A 25 -4.97 -3.02 14.24
C VAL A 25 -5.09 -4.48 14.71
N GLY A 26 -4.14 -5.31 14.39
CA GLY A 26 -4.21 -6.73 14.81
C GLY A 26 -4.23 -7.64 13.59
N ALA A 27 -3.92 -8.90 13.76
CA ALA A 27 -3.91 -9.83 12.60
C ALA A 27 -5.32 -9.95 12.01
N ALA A 28 -6.24 -10.46 12.77
CA ALA A 28 -7.63 -10.61 12.26
C ALA A 28 -8.12 -9.29 11.68
N ALA A 29 -7.70 -8.19 12.25
CA ALA A 29 -8.14 -6.87 11.72
C ALA A 29 -7.63 -6.68 10.29
N VAL A 30 -6.39 -7.01 10.05
CA VAL A 30 -5.82 -6.85 8.70
C VAL A 30 -6.61 -7.69 7.67
N THR A 31 -6.99 -8.88 8.05
CA THR A 31 -7.76 -9.75 7.11
C THR A 31 -9.17 -9.21 6.91
N ALA A 32 -9.66 -8.45 7.87
CA ALA A 32 -11.04 -7.89 7.74
C ALA A 32 -11.02 -6.59 6.91
N ALA A 33 -9.89 -5.96 6.82
CA ALA A 33 -9.82 -4.69 6.02
C ALA A 33 -9.46 -5.00 4.56
N ASN A 34 -9.47 -6.24 4.18
CA ASN A 34 -9.15 -6.59 2.76
C ASN A 34 -7.74 -6.10 2.41
N ILE A 35 -6.74 -6.70 2.98
CA ILE A 35 -5.34 -6.29 2.68
C ILE A 35 -4.57 -7.47 2.10
N ARG A 36 -4.23 -7.41 0.84
CA ARG A 36 -3.49 -8.53 0.21
C ARG A 36 -1.98 -8.30 0.31
N ARG A 37 -1.20 -9.34 0.17
CA ARG A 37 0.29 -9.19 0.26
C ARG A 37 0.91 -9.43 -1.12
N ALA A 38 2.03 -8.81 -1.39
CA ALA A 38 2.67 -9.00 -2.72
C ALA A 38 4.08 -9.60 -2.53
N SER A 39 4.84 -9.69 -3.58
CA SER A 39 6.21 -10.26 -3.47
C SER A 39 7.13 -9.28 -2.74
N SER A 40 6.64 -8.12 -2.39
CA SER A 40 7.48 -7.13 -1.67
C SER A 40 6.75 -5.78 -1.58
N ASP A 41 7.45 -4.73 -1.25
CA ASP A 41 6.80 -3.41 -1.15
C ASP A 41 6.43 -2.88 -2.55
N ASN A 42 6.90 -3.54 -3.57
CA ASN A 42 6.58 -3.09 -4.96
C ASN A 42 5.40 -3.89 -5.51
N HIS A 43 4.21 -3.34 -5.50
CA HIS A 43 3.03 -4.08 -6.03
C HIS A 43 2.09 -3.12 -6.77
N SER A 44 1.05 -3.65 -7.34
CA SER A 44 0.08 -2.78 -8.07
C SER A 44 -0.83 -2.06 -7.07
N CYS A 45 -0.96 -0.77 -7.19
CA CYS A 45 -1.85 -0.04 -6.24
C CYS A 45 -2.93 0.74 -7.00
N ALA A 46 -3.82 1.35 -6.29
CA ALA A 46 -4.91 2.12 -6.95
C ALA A 46 -5.54 1.25 -8.04
N GLY A 47 -5.78 0.00 -7.74
CA GLY A 47 -6.38 -0.91 -8.77
C GLY A 47 -5.42 -1.04 -9.95
N ASN A 48 -5.92 -1.26 -11.12
CA ASN A 48 -5.03 -1.40 -12.30
C ASN A 48 -4.73 -0.01 -12.88
N ARG A 49 -4.55 0.98 -12.04
CA ARG A 49 -4.28 2.34 -12.55
C ARG A 49 -2.90 2.83 -12.10
N GLY A 50 -2.47 2.46 -10.92
CA GLY A 50 -1.13 2.92 -10.45
C GLY A 50 -0.29 1.72 -10.04
N TRP A 51 0.99 1.91 -9.88
CA TRP A 51 1.88 0.79 -9.48
C TRP A 51 2.87 1.26 -8.40
N CYS A 52 3.66 0.38 -7.86
CA CYS A 52 4.62 0.81 -6.82
C CYS A 52 6.05 0.79 -7.37
N ARG A 53 6.70 1.91 -7.37
CA ARG A 53 8.10 1.98 -7.88
C ARG A 53 8.93 2.88 -6.97
N SER A 54 10.19 2.57 -6.76
CA SER A 54 11.02 3.44 -5.89
C SER A 54 10.77 4.90 -6.27
N LYS A 55 10.63 5.14 -7.55
CA LYS A 55 10.35 6.52 -8.03
C LYS A 55 9.20 6.46 -9.04
N CYS A 56 9.02 7.47 -9.84
CA CYS A 56 7.92 7.44 -10.85
C CYS A 56 8.37 8.13 -12.14
N PHE A 57 7.50 8.16 -13.13
CA PHE A 57 7.87 8.82 -14.42
C PHE A 57 7.72 10.34 -14.28
N ARG A 58 7.93 11.05 -15.35
CA ARG A 58 7.80 12.53 -15.29
C ARG A 58 6.34 12.95 -15.48
N HIS A 59 5.63 12.28 -16.34
CA HIS A 59 4.20 12.64 -16.56
C HIS A 59 3.33 12.01 -15.47
N GLU A 60 3.94 11.45 -14.45
CA GLU A 60 3.13 10.83 -13.36
C GLU A 60 3.50 11.45 -12.01
N TYR A 61 3.06 10.84 -10.95
CA TYR A 61 3.39 11.39 -9.59
C TYR A 61 3.34 10.26 -8.56
N VAL A 62 3.21 10.61 -7.32
CA VAL A 62 3.15 9.57 -6.25
C VAL A 62 1.84 9.73 -5.47
N ASP A 63 0.83 8.97 -5.81
CA ASP A 63 -0.46 9.10 -5.07
C ASP A 63 -0.21 8.96 -3.57
N THR A 64 0.05 10.05 -2.92
CA THR A 64 0.31 10.00 -1.45
C THR A 64 -0.69 9.08 -0.75
N TYR A 65 -1.84 8.89 -1.33
CA TYR A 65 -2.86 7.99 -0.68
C TYR A 65 -2.37 6.54 -0.68
N TYR A 66 -2.04 6.01 -1.82
CA TYR A 66 -1.58 4.59 -1.87
C TYR A 66 -0.10 4.48 -1.51
N SER A 67 0.58 5.59 -1.40
CA SER A 67 2.02 5.52 -1.01
C SER A 67 2.18 4.60 0.20
N ALA A 68 1.14 4.45 0.97
CA ALA A 68 1.21 3.59 2.18
C ALA A 68 1.39 2.11 1.77
N VAL A 69 0.37 1.49 1.23
CA VAL A 69 0.50 0.06 0.83
C VAL A 69 1.84 -0.16 0.14
N CYS A 70 2.35 0.85 -0.51
CA CYS A 70 3.65 0.71 -1.20
C CYS A 70 4.76 0.42 -0.18
N GLY A 71 4.96 1.28 0.77
CA GLY A 71 6.01 1.05 1.80
C GLY A 71 7.27 1.83 1.41
N ARG A 72 8.42 1.22 1.54
CA ARG A 72 9.68 1.94 1.18
C ARG A 72 9.54 2.58 -0.21
N TYR A 73 8.72 2.01 -1.05
CA TYR A 73 8.54 2.58 -2.41
C TYR A 73 7.35 3.53 -2.43
N PHE A 74 7.07 4.11 -3.56
CA PHE A 74 5.90 5.04 -3.66
C PHE A 74 4.96 4.56 -4.76
N CYS A 75 3.68 4.57 -4.51
CA CYS A 75 2.75 4.12 -5.56
C CYS A 75 2.58 5.23 -6.60
N CYS A 76 3.21 5.10 -7.73
CA CYS A 76 3.09 6.18 -8.75
C CYS A 76 1.77 6.04 -9.51
N ARG A 77 1.36 7.08 -10.18
CA ARG A 77 0.08 7.03 -10.93
C ARG A 77 0.05 8.11 -12.01
N SER A 78 -1.08 8.32 -12.62
CA SER A 78 -1.19 9.36 -13.67
C SER A 78 -2.25 10.39 -13.29
N ARG A 79 -1.87 11.61 -13.06
CA ARG A 79 -2.85 12.65 -12.68
C ARG A 79 -3.62 13.12 -13.92
N ASN A 1 -4.58 10.98 15.29
CA ASN A 1 -5.50 9.81 15.15
C ASN A 1 -4.70 8.53 14.86
N PRO A 2 -4.22 7.94 15.92
CA PRO A 2 -3.41 6.70 15.78
C PRO A 2 -4.32 5.52 15.44
N LEU A 3 -4.58 5.30 14.18
CA LEU A 3 -5.45 4.16 13.77
C LEU A 3 -5.10 3.70 12.36
N ILE A 4 -5.60 2.57 11.95
CA ILE A 4 -5.29 2.08 10.58
C ILE A 4 -5.75 3.09 9.53
N PRO A 5 -4.99 3.18 8.47
CA PRO A 5 -5.33 4.09 7.37
C PRO A 5 -6.45 3.51 6.52
N ALA A 6 -7.07 4.31 5.71
CA ALA A 6 -8.17 3.80 4.85
C ALA A 6 -7.62 3.18 3.57
N ILE A 7 -6.48 3.61 3.12
CA ILE A 7 -5.89 3.02 1.88
C ILE A 7 -5.77 1.51 2.01
N TYR A 8 -5.19 1.05 3.09
CA TYR A 8 -5.02 -0.42 3.28
C TYR A 8 -6.32 -1.15 2.99
N ILE A 9 -7.43 -0.49 3.15
CA ILE A 9 -8.73 -1.17 2.86
C ILE A 9 -8.81 -1.50 1.37
N GLY A 10 -8.91 -2.76 1.06
CA GLY A 10 -8.97 -3.16 -0.38
C GLY A 10 -7.63 -2.80 -1.02
N ALA A 11 -6.57 -2.84 -0.26
CA ALA A 11 -5.23 -2.49 -0.82
C ALA A 11 -4.37 -3.74 -1.00
N THR A 12 -3.08 -3.57 -1.12
CA THR A 12 -2.18 -4.75 -1.31
C THR A 12 -0.77 -4.41 -0.85
N VAL A 13 -0.45 -4.66 0.39
CA VAL A 13 0.93 -4.34 0.88
C VAL A 13 1.84 -5.55 0.75
N GLY A 14 3.12 -5.37 0.94
CA GLY A 14 4.06 -6.52 0.83
C GLY A 14 4.15 -7.24 2.17
N PRO A 15 5.19 -8.00 2.33
CA PRO A 15 5.41 -8.75 3.59
C PRO A 15 5.86 -7.81 4.71
N SER A 16 6.70 -6.85 4.39
CA SER A 16 7.17 -5.90 5.44
C SER A 16 6.01 -5.01 5.90
N VAL A 17 5.34 -4.36 5.00
CA VAL A 17 4.21 -3.48 5.40
C VAL A 17 3.15 -4.30 6.14
N TRP A 18 2.80 -5.44 5.62
CA TRP A 18 1.78 -6.29 6.30
C TRP A 18 2.15 -6.45 7.77
N ALA A 19 3.25 -7.09 8.05
CA ALA A 19 3.68 -7.27 9.46
C ALA A 19 3.47 -5.98 10.26
N TYR A 20 3.77 -4.86 9.66
CA TYR A 20 3.59 -3.57 10.39
C TYR A 20 2.13 -3.39 10.78
N LEU A 21 1.24 -3.41 9.82
CA LEU A 21 -0.21 -3.25 10.13
C LEU A 21 -0.63 -4.23 11.22
N VAL A 22 -0.08 -5.42 11.22
CA VAL A 22 -0.45 -6.41 12.26
C VAL A 22 -0.16 -5.85 13.66
N ALA A 23 1.02 -5.33 13.85
CA ALA A 23 1.37 -4.76 15.18
C ALA A 23 0.37 -3.67 15.57
N LEU A 24 0.06 -2.78 14.66
CA LEU A 24 -0.91 -1.69 14.98
C LEU A 24 -2.23 -2.28 15.45
N VAL A 25 -2.72 -3.28 14.76
CA VAL A 25 -4.02 -3.90 15.17
C VAL A 25 -3.85 -5.42 15.37
N GLY A 26 -4.01 -6.19 14.34
CA GLY A 26 -3.86 -7.67 14.48
C GLY A 26 -4.19 -8.35 13.15
N ALA A 27 -3.87 -9.60 13.01
CA ALA A 27 -4.16 -10.31 11.74
C ALA A 27 -5.67 -10.36 11.48
N ALA A 28 -6.47 -10.18 12.49
CA ALA A 28 -7.94 -10.20 12.29
C ALA A 28 -8.38 -8.94 11.54
N ALA A 29 -8.22 -7.80 12.14
CA ALA A 29 -8.61 -6.55 11.45
C ALA A 29 -7.80 -6.41 10.16
N VAL A 30 -6.67 -7.05 10.11
CA VAL A 30 -5.83 -6.98 8.89
C VAL A 30 -6.54 -7.69 7.73
N THR A 31 -7.20 -8.78 8.03
CA THR A 31 -7.92 -9.53 6.96
C THR A 31 -9.31 -8.92 6.74
N ALA A 32 -9.84 -8.26 7.72
CA ALA A 32 -11.19 -7.64 7.57
C ALA A 32 -11.10 -6.38 6.73
N ALA A 33 -9.93 -5.78 6.67
CA ALA A 33 -9.76 -4.54 5.86
C ALA A 33 -9.36 -4.90 4.44
N ASN A 34 -9.69 -6.08 3.99
CA ASN A 34 -9.33 -6.51 2.61
C ASN A 34 -7.91 -6.06 2.26
N ILE A 35 -6.93 -6.73 2.79
CA ILE A 35 -5.52 -6.36 2.49
C ILE A 35 -4.82 -7.52 1.76
N ARG A 36 -4.24 -7.25 0.62
CA ARG A 36 -3.57 -8.34 -0.13
C ARG A 36 -2.05 -8.29 0.08
N ARG A 37 -1.41 -9.43 0.10
CA ARG A 37 0.06 -9.45 0.30
C ARG A 37 0.77 -9.42 -1.06
N ALA A 38 1.91 -8.79 -1.13
CA ALA A 38 2.64 -8.72 -2.44
C ALA A 38 4.05 -9.28 -2.29
N SER A 39 4.61 -9.79 -3.35
CA SER A 39 5.99 -10.35 -3.27
C SER A 39 6.89 -9.43 -2.43
N SER A 40 6.58 -8.17 -2.39
CA SER A 40 7.42 -7.23 -1.59
C SER A 40 6.74 -5.85 -1.53
N ASP A 41 7.48 -4.84 -1.13
CA ASP A 41 6.88 -3.48 -1.05
C ASP A 41 6.50 -2.99 -2.44
N ASN A 42 6.96 -3.65 -3.47
CA ASN A 42 6.63 -3.22 -4.85
C ASN A 42 5.42 -4.00 -5.40
N HIS A 43 4.27 -3.39 -5.42
CA HIS A 43 3.06 -4.09 -5.94
C HIS A 43 2.14 -3.11 -6.65
N SER A 44 1.04 -3.58 -7.16
CA SER A 44 0.09 -2.67 -7.86
C SER A 44 -0.84 -2.00 -6.85
N CYS A 45 -1.02 -0.72 -6.95
CA CYS A 45 -1.91 -0.02 -5.98
C CYS A 45 -3.03 0.69 -6.71
N ALA A 46 -3.95 1.26 -5.98
CA ALA A 46 -5.09 1.96 -6.63
C ALA A 46 -5.71 1.04 -7.69
N GLY A 47 -5.70 -0.24 -7.45
CA GLY A 47 -6.27 -1.19 -8.44
C GLY A 47 -5.40 -1.20 -9.68
N ASN A 48 -5.97 -1.35 -10.84
CA ASN A 48 -5.15 -1.35 -12.08
C ASN A 48 -4.91 0.08 -12.55
N ARG A 49 -4.65 0.99 -11.64
CA ARG A 49 -4.42 2.40 -12.04
C ARG A 49 -2.97 2.82 -11.78
N GLY A 50 -2.41 2.41 -10.68
CA GLY A 50 -1.01 2.80 -10.37
C GLY A 50 -0.18 1.60 -9.96
N TRP A 51 1.11 1.78 -9.82
CA TRP A 51 2.00 0.66 -9.41
C TRP A 51 2.98 1.16 -8.35
N CYS A 52 3.81 0.30 -7.84
CA CYS A 52 4.79 0.75 -6.79
C CYS A 52 6.21 0.80 -7.36
N ARG A 53 6.78 1.97 -7.43
CA ARG A 53 8.16 2.10 -7.97
C ARG A 53 9.00 2.97 -7.03
N SER A 54 10.25 2.66 -6.85
CA SER A 54 11.09 3.51 -5.96
C SER A 54 10.88 4.97 -6.33
N LYS A 55 10.87 5.26 -7.60
CA LYS A 55 10.66 6.64 -8.07
C LYS A 55 9.64 6.63 -9.22
N CYS A 56 8.86 7.67 -9.36
CA CYS A 56 7.86 7.68 -10.46
C CYS A 56 8.35 8.56 -11.62
N PHE A 57 7.77 8.40 -12.78
CA PHE A 57 8.20 9.21 -13.95
C PHE A 57 7.59 10.61 -13.89
N ARG A 58 8.07 11.52 -14.69
CA ARG A 58 7.51 12.90 -14.68
C ARG A 58 6.06 12.88 -15.19
N HIS A 59 5.79 12.10 -16.20
CA HIS A 59 4.39 12.04 -16.73
C HIS A 59 3.45 11.49 -15.66
N GLU A 60 3.99 10.98 -14.59
CA GLU A 60 3.13 10.43 -13.50
C GLU A 60 3.49 11.08 -12.16
N TYR A 61 2.81 10.71 -11.11
CA TYR A 61 3.14 11.32 -9.79
C TYR A 61 3.30 10.22 -8.74
N VAL A 62 3.37 10.60 -7.50
CA VAL A 62 3.52 9.59 -6.41
C VAL A 62 2.25 9.53 -5.58
N ASP A 63 1.30 8.73 -5.98
CA ASP A 63 0.02 8.62 -5.22
C ASP A 63 0.28 8.69 -3.72
N THR A 64 0.24 9.87 -3.16
CA THR A 64 0.49 10.01 -1.70
C THR A 64 -0.49 9.15 -0.91
N TYR A 65 -1.66 8.93 -1.45
CA TYR A 65 -2.67 8.09 -0.74
C TYR A 65 -2.21 6.64 -0.69
N TYR A 66 -1.90 6.08 -1.82
CA TYR A 66 -1.46 4.65 -1.84
C TYR A 66 0.01 4.49 -1.42
N SER A 67 0.69 5.59 -1.20
CA SER A 67 2.12 5.48 -0.79
C SER A 67 2.22 4.65 0.50
N ALA A 68 1.12 4.47 1.19
CA ALA A 68 1.14 3.68 2.44
C ALA A 68 1.30 2.17 2.16
N VAL A 69 0.56 1.65 1.22
CA VAL A 69 0.69 0.20 0.90
C VAL A 69 2.01 -0.05 0.19
N CYS A 70 2.54 0.94 -0.47
CA CYS A 70 3.84 0.77 -1.17
C CYS A 70 4.95 0.54 -0.15
N GLY A 71 5.04 1.39 0.84
CA GLY A 71 6.11 1.21 1.88
C GLY A 71 7.40 1.87 1.40
N ARG A 72 8.49 1.15 1.49
CA ARG A 72 9.79 1.74 1.04
C ARG A 72 9.62 2.38 -0.34
N TYR A 73 8.79 1.81 -1.16
CA TYR A 73 8.58 2.38 -2.52
C TYR A 73 7.40 3.35 -2.49
N PHE A 74 7.04 3.90 -3.62
CA PHE A 74 5.89 4.85 -3.66
C PHE A 74 4.89 4.41 -4.72
N CYS A 75 3.62 4.53 -4.45
CA CYS A 75 2.61 4.11 -5.46
C CYS A 75 2.46 5.20 -6.52
N CYS A 76 3.12 5.07 -7.63
CA CYS A 76 3.01 6.11 -8.69
C CYS A 76 1.72 5.93 -9.47
N ARG A 77 1.32 6.94 -10.19
CA ARG A 77 0.05 6.85 -10.97
C ARG A 77 0.11 7.78 -12.17
N SER A 78 -0.99 7.93 -12.87
CA SER A 78 -1.01 8.83 -14.06
C SER A 78 -2.05 9.94 -13.86
N ARG A 79 -1.71 10.96 -13.14
CA ARG A 79 -2.68 12.07 -12.90
C ARG A 79 -3.13 12.66 -14.24
N ASN A 1 1.78 7.33 17.18
CA ASN A 1 1.18 6.09 16.58
C ASN A 1 -0.27 6.36 16.18
N PRO A 2 -0.44 6.80 14.96
CA PRO A 2 -1.80 7.09 14.45
C PRO A 2 -2.56 5.79 14.16
N LEU A 3 -3.86 5.83 14.21
CA LEU A 3 -4.65 4.60 13.94
C LEU A 3 -4.29 4.02 12.56
N ILE A 4 -5.11 3.17 12.03
CA ILE A 4 -4.81 2.60 10.68
C ILE A 4 -5.36 3.52 9.58
N PRO A 5 -4.62 3.61 8.52
CA PRO A 5 -5.04 4.43 7.37
C PRO A 5 -6.08 3.68 6.53
N ALA A 6 -6.80 4.40 5.73
CA ALA A 6 -7.84 3.75 4.88
C ALA A 6 -7.20 3.15 3.62
N ILE A 7 -6.03 3.62 3.26
CA ILE A 7 -5.36 3.08 2.05
C ILE A 7 -5.16 1.57 2.16
N TYR A 8 -4.83 1.09 3.32
CA TYR A 8 -4.62 -0.38 3.49
C TYR A 8 -5.92 -1.14 3.23
N ILE A 9 -7.04 -0.49 3.36
CA ILE A 9 -8.33 -1.19 3.10
C ILE A 9 -8.49 -1.40 1.60
N GLY A 10 -8.73 -2.60 1.17
CA GLY A 10 -8.87 -2.87 -0.28
C GLY A 10 -7.53 -2.56 -0.94
N ALA A 11 -6.45 -2.75 -0.23
CA ALA A 11 -5.11 -2.45 -0.81
C ALA A 11 -4.25 -3.73 -0.87
N THR A 12 -2.97 -3.57 -1.03
CA THR A 12 -2.08 -4.77 -1.10
C THR A 12 -0.65 -4.39 -0.67
N VAL A 13 -0.29 -4.68 0.55
CA VAL A 13 1.08 -4.32 1.01
C VAL A 13 2.03 -5.51 0.84
N GLY A 14 3.27 -5.34 1.19
CA GLY A 14 4.25 -6.45 1.05
C GLY A 14 4.26 -7.29 2.32
N PRO A 15 5.31 -8.06 2.48
CA PRO A 15 5.45 -8.92 3.68
C PRO A 15 5.79 -8.08 4.92
N SER A 16 6.73 -7.17 4.79
CA SER A 16 7.09 -6.32 5.96
C SER A 16 5.93 -5.42 6.36
N VAL A 17 5.32 -4.76 5.40
CA VAL A 17 4.18 -3.86 5.72
C VAL A 17 3.06 -4.66 6.40
N TRP A 18 2.72 -5.80 5.86
CA TRP A 18 1.63 -6.62 6.48
C TRP A 18 1.92 -6.84 7.96
N ALA A 19 3.06 -7.38 8.29
CA ALA A 19 3.38 -7.62 9.73
C ALA A 19 3.23 -6.34 10.54
N TYR A 20 3.53 -5.21 9.96
CA TYR A 20 3.39 -3.93 10.71
C TYR A 20 1.92 -3.64 11.02
N LEU A 21 1.10 -3.55 10.01
CA LEU A 21 -0.34 -3.28 10.23
C LEU A 21 -0.92 -4.27 11.24
N VAL A 22 -0.48 -5.49 11.21
CA VAL A 22 -1.01 -6.50 12.18
C VAL A 22 -0.67 -6.08 13.61
N ALA A 23 0.56 -5.73 13.85
CA ALA A 23 0.95 -5.31 15.22
C ALA A 23 0.09 -4.14 15.68
N LEU A 24 -0.28 -3.28 14.77
CA LEU A 24 -1.12 -2.11 15.15
C LEU A 24 -2.53 -2.57 15.52
N VAL A 25 -3.07 -3.53 14.81
CA VAL A 25 -4.44 -4.01 15.13
C VAL A 25 -4.45 -5.54 15.28
N GLY A 26 -3.92 -6.25 14.31
CA GLY A 26 -3.92 -7.74 14.39
C GLY A 26 -4.36 -8.33 13.05
N ALA A 27 -4.11 -9.59 12.85
CA ALA A 27 -4.51 -10.22 11.57
C ALA A 27 -6.03 -10.25 11.41
N ALA A 28 -6.75 -9.89 12.44
CA ALA A 28 -8.23 -9.90 12.34
C ALA A 28 -8.71 -8.69 11.53
N ALA A 29 -8.53 -7.51 12.05
CA ALA A 29 -8.95 -6.31 11.27
C ALA A 29 -8.10 -6.20 10.01
N VAL A 30 -6.98 -6.86 10.00
CA VAL A 30 -6.10 -6.82 8.80
C VAL A 30 -6.71 -7.69 7.68
N THR A 31 -7.36 -8.76 8.05
CA THR A 31 -7.97 -9.65 7.01
C THR A 31 -9.36 -9.15 6.65
N ALA A 32 -10.02 -8.49 7.57
CA ALA A 32 -11.39 -7.98 7.27
C ALA A 32 -11.30 -6.64 6.53
N ALA A 33 -10.18 -5.99 6.60
CA ALA A 33 -10.02 -4.68 5.90
C ALA A 33 -9.61 -4.92 4.44
N ASN A 34 -9.64 -6.15 4.00
CA ASN A 34 -9.26 -6.45 2.59
C ASN A 34 -7.82 -5.99 2.31
N ILE A 35 -6.85 -6.70 2.85
CA ILE A 35 -5.43 -6.33 2.62
C ILE A 35 -4.67 -7.53 2.05
N ARG A 36 -4.20 -7.43 0.83
CA ARG A 36 -3.46 -8.57 0.23
C ARG A 36 -1.95 -8.34 0.33
N ARG A 37 -1.19 -9.41 0.38
CA ARG A 37 0.29 -9.27 0.49
C ARG A 37 0.92 -9.30 -0.91
N ALA A 38 2.11 -8.79 -1.04
CA ALA A 38 2.78 -8.81 -2.38
C ALA A 38 4.24 -9.27 -2.24
N SER A 39 4.86 -9.64 -3.32
CA SER A 39 6.27 -10.10 -3.25
C SER A 39 7.10 -9.16 -2.38
N SER A 40 6.68 -7.94 -2.25
CA SER A 40 7.44 -6.97 -1.41
C SER A 40 6.76 -5.60 -1.40
N ASP A 41 7.47 -4.58 -1.03
CA ASP A 41 6.86 -3.21 -1.01
C ASP A 41 6.52 -2.76 -2.43
N ASN A 42 6.96 -3.48 -3.42
CA ASN A 42 6.65 -3.09 -4.83
C ASN A 42 5.46 -3.91 -5.36
N HIS A 43 4.29 -3.33 -5.36
CA HIS A 43 3.10 -4.08 -5.87
C HIS A 43 2.17 -3.13 -6.63
N SER A 44 1.12 -3.67 -7.21
CA SER A 44 0.17 -2.81 -7.95
C SER A 44 -0.79 -2.15 -6.97
N CYS A 45 -0.90 -0.85 -7.00
CA CYS A 45 -1.81 -0.17 -6.04
C CYS A 45 -2.90 0.59 -6.79
N ALA A 46 -3.80 1.20 -6.07
CA ALA A 46 -4.90 1.96 -6.74
C ALA A 46 -5.52 1.09 -7.84
N GLY A 47 -5.75 -0.15 -7.56
CA GLY A 47 -6.34 -1.05 -8.59
C GLY A 47 -5.35 -1.21 -9.74
N ASN A 48 -5.82 -1.46 -10.93
CA ASN A 48 -4.89 -1.61 -12.08
C ASN A 48 -4.58 -0.25 -12.69
N ARG A 49 -4.49 0.77 -11.88
CA ARG A 49 -4.20 2.13 -12.42
C ARG A 49 -2.88 2.66 -11.87
N GLY A 50 -2.50 2.29 -10.68
CA GLY A 50 -1.24 2.80 -10.10
C GLY A 50 -0.28 1.64 -9.82
N TRP A 51 0.99 1.93 -9.64
CA TRP A 51 1.96 0.84 -9.36
C TRP A 51 2.98 1.32 -8.31
N CYS A 52 3.73 0.42 -7.73
CA CYS A 52 4.73 0.85 -6.70
C CYS A 52 6.14 0.84 -7.28
N ARG A 53 6.71 2.00 -7.50
CA ARG A 53 8.10 2.06 -8.04
C ARG A 53 8.96 2.97 -7.17
N SER A 54 10.23 2.72 -7.08
CA SER A 54 11.10 3.59 -6.25
C SER A 54 10.96 5.04 -6.74
N LYS A 55 11.08 5.24 -8.01
CA LYS A 55 10.94 6.60 -8.59
C LYS A 55 9.97 6.53 -9.78
N CYS A 56 9.61 7.65 -10.34
CA CYS A 56 8.66 7.62 -11.50
C CYS A 56 8.94 8.77 -12.46
N PHE A 57 8.29 8.78 -13.60
CA PHE A 57 8.53 9.87 -14.59
C PHE A 57 7.75 11.12 -14.20
N ARG A 58 7.70 12.09 -15.07
CA ARG A 58 6.97 13.34 -14.75
C ARG A 58 5.50 13.21 -15.14
N HIS A 59 5.22 12.68 -16.30
CA HIS A 59 3.79 12.51 -16.71
C HIS A 59 3.02 11.80 -15.61
N GLU A 60 3.72 11.11 -14.73
CA GLU A 60 3.05 10.39 -13.62
C GLU A 60 3.43 11.03 -12.29
N TYR A 61 2.78 10.64 -11.22
CA TYR A 61 3.12 11.23 -9.89
C TYR A 61 3.24 10.12 -8.86
N VAL A 62 3.31 10.49 -7.61
CA VAL A 62 3.43 9.47 -6.53
C VAL A 62 2.16 9.44 -5.70
N ASP A 63 1.20 8.62 -6.08
CA ASP A 63 -0.07 8.55 -5.31
C ASP A 63 0.21 8.60 -3.80
N THR A 64 0.20 9.77 -3.24
CA THR A 64 0.48 9.91 -1.77
C THR A 64 -0.46 9.03 -0.97
N TYR A 65 -1.67 8.87 -1.43
CA TYR A 65 -2.65 8.02 -0.68
C TYR A 65 -2.18 6.57 -0.63
N TYR A 66 -1.77 6.02 -1.74
CA TYR A 66 -1.32 4.60 -1.75
C TYR A 66 0.17 4.49 -1.40
N SER A 67 0.85 5.60 -1.27
CA SER A 67 2.30 5.53 -0.89
C SER A 67 2.43 4.65 0.35
N ALA A 68 1.37 4.49 1.10
CA ALA A 68 1.42 3.65 2.32
C ALA A 68 1.56 2.17 1.96
N VAL A 69 0.56 1.59 1.34
CA VAL A 69 0.67 0.14 0.98
C VAL A 69 2.00 -0.11 0.28
N CYS A 70 2.56 0.90 -0.35
CA CYS A 70 3.86 0.72 -1.04
C CYS A 70 4.97 0.43 -0.02
N GLY A 71 5.23 1.35 0.86
CA GLY A 71 6.30 1.12 1.88
C GLY A 71 7.59 1.81 1.43
N ARG A 72 8.62 1.05 1.15
CA ARG A 72 9.90 1.67 0.70
C ARG A 72 9.68 2.46 -0.59
N TYR A 73 9.04 1.85 -1.55
CA TYR A 73 8.78 2.55 -2.84
C TYR A 73 7.55 3.46 -2.73
N PHE A 74 7.19 4.12 -3.78
CA PHE A 74 5.99 5.00 -3.74
C PHE A 74 4.97 4.54 -4.78
N CYS A 75 3.72 4.55 -4.44
CA CYS A 75 2.69 4.11 -5.43
C CYS A 75 2.39 5.25 -6.40
N CYS A 76 2.99 5.23 -7.56
CA CYS A 76 2.73 6.32 -8.53
C CYS A 76 1.39 6.08 -9.23
N ARG A 77 0.95 7.02 -10.02
CA ARG A 77 -0.35 6.85 -10.73
C ARG A 77 -0.43 7.80 -11.91
N SER A 78 -1.51 7.77 -12.64
CA SER A 78 -1.66 8.68 -13.81
C SER A 78 -2.54 9.87 -13.45
N ARG A 79 -2.01 11.05 -13.50
CA ARG A 79 -2.83 12.26 -13.17
C ARG A 79 -3.53 12.79 -14.42
#